data_5TI9
#
_entry.id   5TI9
#
_cell.length_a   143.601
_cell.length_b   154.009
_cell.length_c   87.801
_cell.angle_alpha   90.00
_cell.angle_beta   90.00
_cell.angle_gamma   90.00
#
_symmetry.space_group_name_H-M   'P 21 21 2'
#
loop_
_entity.id
_entity.type
_entity.pdbx_description
1 polymer 'Tryptophan 2,3-dioxygenase'
2 non-polymer 'OXYGEN MOLECULE'
3 non-polymer 'PROTOPORPHYRIN IX CONTAINING FE'
4 non-polymer TRYPTOPHAN
5 non-polymer 'PHOSPHATE ION'
6 non-polymer "N'-Formylkynurenine"
7 water water
#
_entity_poly.entity_id   1
_entity_poly.type   'polypeptide(L)'
_entity_poly.pdbx_seq_one_letter_code
;MLPVEGSEEDKSQTGVNRASKGGLIYGNYLHLEKVLNAQELQSETKGNKIHDEHLFIITHQAYELWFKQILWELDSVREI
FQNGHVRDERNMLKVVSRMHRVSVILKLLVQQFSILETMTALDFNDFREYLSPASGFQSLQFRLLENKIGVLQNMRVPYN
RRHYRDNFKGEENELLLKSEQEKTLLELVEAWLERTPGLEPHGFNFWGKLEKNITRGLEEEFIRIQAKEESEEKEEQVAE
FQKQKEVLLSLFDEKRHEHLLSKGERRLSYRALQGALMIYFYREEPRFQVPFQLLTSLMDIDSLMTKWRYNHVCMVHRML
GSKAGTGGSSGYHYLRSTVSDRYKVFVDLFNLSTYLIPRHWIPKMNPTIHKFLEHHHHHH
;
_entity_poly.pdbx_strand_id   A,B,C,D
#
loop_
_chem_comp.id
_chem_comp.type
_chem_comp.name
_chem_comp.formula
HEM non-polymer 'PROTOPORPHYRIN IX CONTAINING FE' 'C34 H32 Fe N4 O4'
NFK non-polymer N'-Formylkynurenine 'C11 H12 N2 O4'
OXY non-polymer 'OXYGEN MOLECULE' O2
PO4 non-polymer 'PHOSPHATE ION' 'O4 P -3'
#
# COMPACT_ATOMS: atom_id res chain seq x y z
N GLY A 23 10.18 37.75 0.72
CA GLY A 23 8.83 37.23 0.85
C GLY A 23 8.67 36.15 1.91
N LEU A 24 7.77 35.20 1.67
CA LEU A 24 7.51 34.19 2.69
C LEU A 24 8.35 32.94 2.48
N ILE A 25 8.54 32.23 3.59
CA ILE A 25 9.53 31.17 3.70
C ILE A 25 8.88 29.90 4.20
N TYR A 26 9.22 28.81 3.53
CA TYR A 26 8.76 27.46 3.84
C TYR A 26 8.44 27.20 5.30
N GLY A 27 9.47 27.18 6.14
CA GLY A 27 9.28 26.97 7.56
C GLY A 27 8.22 27.86 8.22
N ASN A 28 8.15 29.13 7.81
CA ASN A 28 7.18 30.06 8.42
C ASN A 28 5.81 29.74 7.89
N TYR A 29 5.77 29.48 6.58
CA TYR A 29 4.53 29.17 5.89
C TYR A 29 3.83 28.01 6.60
N LEU A 30 4.61 26.97 6.89
CA LEU A 30 4.12 25.76 7.55
C LEU A 30 4.12 25.82 9.08
N HIS A 31 4.46 26.97 9.66
CA HIS A 31 4.61 27.13 11.11
C HIS A 31 5.38 26.00 11.79
N LEU A 32 6.49 25.58 11.18
CA LEU A 32 7.33 24.56 11.77
C LEU A 32 7.96 24.96 13.11
N GLU A 33 7.94 26.25 13.46
CA GLU A 33 8.38 26.70 14.78
C GLU A 33 7.50 26.10 15.83
N LYS A 34 6.26 25.84 15.43
CA LYS A 34 5.33 25.10 16.28
C LYS A 34 5.45 23.58 16.11
N VAL A 35 5.41 23.11 14.85
CA VAL A 35 5.29 21.67 14.57
C VAL A 35 6.53 20.88 14.95
N LEU A 36 7.71 21.49 14.78
CA LEU A 36 8.94 20.76 15.09
C LEU A 36 9.56 21.16 16.43
N ASN A 37 8.79 21.86 17.26
CA ASN A 37 9.19 22.19 18.62
C ASN A 37 8.13 21.70 19.59
N ALA A 38 7.60 20.49 19.34
CA ALA A 38 6.40 19.98 20.02
C ALA A 38 6.64 18.58 20.52
N GLN A 39 7.92 18.21 20.56
CA GLN A 39 8.31 16.84 20.87
C GLN A 39 9.02 16.80 22.20
N GLU A 40 8.35 16.32 23.23
CA GLU A 40 8.91 16.26 24.56
C GLU A 40 8.78 14.81 25.04
N LEU A 41 9.91 14.14 25.25
CA LEU A 41 9.86 12.77 25.75
C LEU A 41 9.70 12.82 27.27
N GLN A 42 8.59 12.29 27.78
CA GLN A 42 8.39 12.29 29.21
C GLN A 42 9.52 11.53 29.88
N SER A 43 9.95 10.43 29.27
CA SER A 43 11.01 9.61 29.83
C SER A 43 12.28 10.43 30.05
N GLU A 44 12.56 11.28 29.08
CA GLU A 44 13.60 12.25 29.19
C GLU A 44 13.31 13.25 30.29
N THR A 45 12.11 13.82 30.22
CA THR A 45 11.68 14.78 31.23
C THR A 45 11.89 14.28 32.65
N LYS A 46 11.68 12.99 32.87
CA LYS A 46 11.80 12.40 34.20
C LYS A 46 13.08 11.57 34.39
N GLY A 47 14.17 11.96 33.73
CA GLY A 47 15.41 11.25 33.93
C GLY A 47 15.88 10.44 32.74
N ASN A 48 15.41 9.19 32.59
CA ASN A 48 16.00 8.33 31.55
C ASN A 48 15.23 8.37 30.24
N LYS A 49 15.78 9.15 29.33
CA LYS A 49 15.34 9.18 27.96
C LYS A 49 15.31 7.76 27.40
N ILE A 50 14.13 7.33 26.93
CA ILE A 50 14.00 6.14 26.11
C ILE A 50 13.84 6.52 24.61
N HIS A 51 14.76 6.04 23.77
CA HIS A 51 14.79 6.35 22.33
C HIS A 51 13.43 6.24 21.59
N ASP A 52 12.76 5.09 21.70
CA ASP A 52 11.56 4.88 20.88
C ASP A 52 10.38 5.74 21.28
N GLU A 53 10.47 6.47 22.40
CA GLU A 53 9.33 7.28 22.81
C GLU A 53 9.15 8.37 21.75
N HIS A 54 10.26 8.82 21.17
CA HIS A 54 10.19 9.81 20.10
C HIS A 54 9.30 9.33 18.92
N LEU A 55 9.45 8.06 18.54
CA LEU A 55 8.61 7.48 17.50
C LEU A 55 7.13 7.47 17.92
N PHE A 56 6.92 7.14 19.18
CA PHE A 56 5.57 7.06 19.73
C PHE A 56 4.89 8.44 19.64
N ILE A 57 5.64 9.47 19.99
CA ILE A 57 5.10 10.80 19.95
C ILE A 57 4.84 11.27 18.50
N ILE A 58 5.82 11.11 17.60
CA ILE A 58 5.66 11.58 16.21
C ILE A 58 4.46 10.88 15.52
N THR A 59 4.33 9.56 15.71
CA THR A 59 3.23 8.83 15.13
C THR A 59 1.87 9.38 15.53
N HIS A 60 1.67 9.64 16.81
CA HIS A 60 0.37 10.18 17.30
C HIS A 60 0.13 11.58 16.73
N GLN A 61 1.21 12.33 16.59
CA GLN A 61 1.09 13.67 16.08
C GLN A 61 0.68 13.68 14.62
N ALA A 62 1.28 12.78 13.85
CA ALA A 62 0.95 12.67 12.45
C ALA A 62 -0.49 12.19 12.34
N TYR A 63 -0.86 11.18 13.12
CA TYR A 63 -2.27 10.77 13.16
C TYR A 63 -3.15 11.99 13.40
N GLU A 64 -2.79 12.81 14.38
CA GLU A 64 -3.65 13.95 14.73
C GLU A 64 -3.67 15.06 13.66
N LEU A 65 -2.56 15.27 12.94
CA LEU A 65 -2.59 16.23 11.84
C LEU A 65 -3.63 15.77 10.79
N TRP A 66 -3.66 14.47 10.50
CA TRP A 66 -4.55 13.94 9.49
C TRP A 66 -6.00 13.94 9.97
N PHE A 67 -6.24 13.69 11.27
CA PHE A 67 -7.60 13.83 11.84
C PHE A 67 -8.11 15.23 11.55
N LYS A 68 -7.25 16.21 11.83
CA LYS A 68 -7.62 17.60 11.60
C LYS A 68 -8.03 17.79 10.16
N GLN A 69 -7.24 17.24 9.23
CA GLN A 69 -7.54 17.37 7.81
C GLN A 69 -8.89 16.73 7.44
N ILE A 70 -9.10 15.49 7.88
CA ILE A 70 -10.39 14.82 7.72
C ILE A 70 -11.54 15.67 8.27
N LEU A 71 -11.32 16.27 9.43
CA LEU A 71 -12.34 17.11 10.03
C LEU A 71 -12.63 18.29 9.11
N TRP A 72 -11.56 18.80 8.50
CA TRP A 72 -11.66 19.95 7.61
C TRP A 72 -12.50 19.61 6.37
N GLU A 73 -12.28 18.43 5.84
CA GLU A 73 -13.04 17.99 4.68
C GLU A 73 -14.49 17.72 5.06
N LEU A 74 -14.65 16.95 6.13
CA LEU A 74 -15.95 16.55 6.66
C LEU A 74 -16.87 17.73 7.01
N ASP A 75 -16.33 18.70 7.76
CA ASP A 75 -17.13 19.86 8.11
C ASP A 75 -17.54 20.64 6.83
N SER A 76 -16.65 20.71 5.83
CA SER A 76 -16.95 21.44 4.59
C SER A 76 -18.10 20.79 3.82
N VAL A 77 -18.09 19.46 3.75
CA VAL A 77 -19.14 18.70 3.11
C VAL A 77 -20.46 18.84 3.89
N ARG A 78 -20.42 18.61 5.21
CA ARG A 78 -21.58 18.85 6.09
C ARG A 78 -22.21 20.22 5.80
N GLU A 79 -21.36 21.24 5.66
CA GLU A 79 -21.80 22.60 5.39
C GLU A 79 -22.50 22.76 4.05
N ILE A 80 -21.95 22.15 3.02
CA ILE A 80 -22.59 22.10 1.72
C ILE A 80 -24.03 21.51 1.78
N PHE A 81 -24.25 20.50 2.60
CA PHE A 81 -25.61 20.02 2.87
C PHE A 81 -26.45 21.03 3.70
N GLN A 82 -25.86 21.48 4.80
CA GLN A 82 -26.55 22.31 5.77
C GLN A 82 -27.02 23.66 5.23
N ASN A 83 -26.28 24.25 4.31
CA ASN A 83 -26.67 25.54 3.76
C ASN A 83 -27.43 25.43 2.43
N GLY A 84 -27.71 24.21 1.97
CA GLY A 84 -28.48 24.02 0.76
C GLY A 84 -27.74 23.93 -0.57
N HIS A 85 -26.43 24.20 -0.56
CA HIS A 85 -25.64 24.18 -1.78
C HIS A 85 -25.71 22.82 -2.48
N VAL A 86 -25.79 21.76 -1.68
CA VAL A 86 -25.93 20.43 -2.24
C VAL A 86 -27.16 20.34 -3.17
N ARG A 87 -28.15 21.22 -3.01
CA ARG A 87 -29.34 21.13 -3.87
C ARG A 87 -28.94 21.39 -5.30
N ASP A 88 -27.84 22.12 -5.49
CA ASP A 88 -27.37 22.43 -6.81
C ASP A 88 -26.31 21.40 -7.23
N GLU A 89 -26.62 20.66 -8.29
CA GLU A 89 -25.91 19.40 -8.49
C GLU A 89 -24.52 19.61 -9.07
N ARG A 90 -24.19 20.85 -9.40
CA ARG A 90 -22.84 21.15 -9.82
C ARG A 90 -21.89 20.99 -8.65
N ASN A 91 -22.43 20.87 -7.45
CA ASN A 91 -21.57 20.78 -6.28
C ASN A 91 -21.25 19.34 -5.92
N MET A 92 -21.78 18.40 -6.68
CA MET A 92 -21.62 16.97 -6.33
C MET A 92 -20.20 16.46 -6.58
N LEU A 93 -19.56 16.98 -7.62
CA LEU A 93 -18.19 16.60 -7.92
C LEU A 93 -17.30 16.91 -6.71
N LYS A 94 -17.36 18.15 -6.24
CA LYS A 94 -16.74 18.55 -4.97
C LYS A 94 -17.09 17.66 -3.75
N VAL A 95 -18.38 17.39 -3.54
CA VAL A 95 -18.80 16.56 -2.42
C VAL A 95 -18.09 15.20 -2.48
N VAL A 96 -18.27 14.49 -3.59
CA VAL A 96 -17.66 13.16 -3.75
C VAL A 96 -16.12 13.20 -3.73
N SER A 97 -15.51 14.16 -4.41
CA SER A 97 -14.05 14.32 -4.32
C SER A 97 -13.57 14.42 -2.90
N ARG A 98 -14.24 15.24 -2.09
CA ARG A 98 -13.77 15.43 -0.71
C ARG A 98 -14.06 14.22 0.19
N MET A 99 -15.16 13.51 -0.04
CA MET A 99 -15.46 12.31 0.76
C MET A 99 -14.47 11.21 0.40
N HIS A 100 -14.17 11.12 -0.89
CA HIS A 100 -13.17 10.19 -1.39
C HIS A 100 -11.76 10.50 -0.88
N ARG A 101 -11.48 11.80 -0.69
CA ARG A 101 -10.22 12.25 -0.12
C ARG A 101 -10.15 11.77 1.33
N VAL A 102 -11.26 11.90 2.05
CA VAL A 102 -11.28 11.37 3.40
C VAL A 102 -10.92 9.88 3.38
N SER A 103 -11.42 9.11 2.42
CA SER A 103 -11.11 7.68 2.46
C SER A 103 -9.66 7.42 2.04
N VAL A 104 -9.12 8.23 1.13
CA VAL A 104 -7.71 8.07 0.79
C VAL A 104 -6.82 8.35 2.02
N ILE A 105 -7.17 9.37 2.79
CA ILE A 105 -6.43 9.66 4.01
C ILE A 105 -6.52 8.51 5.02
N LEU A 106 -7.71 7.97 5.23
CA LEU A 106 -7.85 6.86 6.17
C LEU A 106 -7.01 5.69 5.72
N LYS A 107 -6.92 5.46 4.40
CA LYS A 107 -6.10 4.33 3.95
C LYS A 107 -4.69 4.52 4.44
N LEU A 108 -4.15 5.72 4.26
CA LEU A 108 -2.84 6.04 4.76
C LEU A 108 -2.80 5.81 6.27
N LEU A 109 -3.84 6.25 6.97
CA LEU A 109 -3.83 6.09 8.42
C LEU A 109 -3.83 4.63 8.84
N VAL A 110 -4.46 3.77 8.05
CA VAL A 110 -4.47 2.35 8.39
C VAL A 110 -3.06 1.77 8.15
N GLN A 111 -2.39 2.20 7.11
CA GLN A 111 -1.02 1.74 6.85
C GLN A 111 -0.03 2.25 7.92
N GLN A 112 -0.25 3.48 8.39
CA GLN A 112 0.69 4.13 9.30
C GLN A 112 0.98 3.29 10.56
N PHE A 113 0.08 2.38 10.93
CA PHE A 113 0.35 1.52 12.09
C PHE A 113 1.64 0.71 11.91
N SER A 114 1.98 0.37 10.67
CA SER A 114 3.18 -0.41 10.42
C SER A 114 4.46 0.28 10.88
N ILE A 115 4.40 1.61 10.99
CA ILE A 115 5.55 2.31 11.50
C ILE A 115 5.74 2.05 12.99
N LEU A 116 4.65 2.14 13.75
CA LEU A 116 4.72 1.92 15.20
C LEU A 116 5.03 0.47 15.53
N GLU A 117 4.63 -0.42 14.64
CA GLU A 117 4.94 -1.84 14.81
C GLU A 117 6.45 -2.17 14.72
N THR A 118 7.28 -1.21 14.26
CA THR A 118 8.71 -1.41 14.30
C THR A 118 9.21 -1.15 15.71
N MET A 119 8.29 -0.86 16.61
CA MET A 119 8.62 -0.78 18.04
C MET A 119 8.19 -2.06 18.71
N THR A 120 9.14 -2.73 19.36
CA THR A 120 8.86 -3.95 20.12
C THR A 120 8.09 -3.60 21.39
N ALA A 121 7.29 -4.53 21.88
CA ALA A 121 6.63 -4.36 23.17
C ALA A 121 7.66 -4.13 24.30
N LEU A 122 8.81 -4.79 24.20
CA LEU A 122 9.88 -4.64 25.16
C LEU A 122 10.35 -3.22 25.28
N ASP A 123 10.52 -2.53 24.16
CA ASP A 123 11.01 -1.16 24.20
C ASP A 123 9.93 -0.19 24.66
N PHE A 124 8.70 -0.42 24.20
CA PHE A 124 7.54 0.35 24.64
C PHE A 124 7.48 0.35 26.16
N ASN A 125 7.63 -0.85 26.70
CA ASN A 125 7.56 -1.09 28.12
C ASN A 125 8.62 -0.28 28.89
N ASP A 126 9.71 0.13 28.26
CA ASP A 126 10.68 0.96 28.98
C ASP A 126 10.22 2.41 29.19
N PHE A 127 9.20 2.87 28.49
CA PHE A 127 8.76 4.23 28.77
C PHE A 127 7.26 4.36 29.03
N ARG A 128 6.54 3.26 28.93
CA ARG A 128 5.10 3.33 29.09
C ARG A 128 4.67 3.93 30.44
N GLU A 129 5.44 3.62 31.50
CA GLU A 129 5.09 4.09 32.84
C GLU A 129 5.08 5.60 32.93
N TYR A 130 5.72 6.29 32.01
CA TYR A 130 5.71 7.76 32.09
C TYR A 130 4.51 8.38 31.37
N LEU A 131 3.66 7.55 30.78
CA LEU A 131 2.47 8.01 30.04
C LEU A 131 1.21 8.08 30.91
N SER A 132 1.12 7.18 31.88
CA SER A 132 -0.07 7.07 32.72
C SER A 132 -0.38 8.40 33.40
N PRO A 133 -1.65 8.79 33.45
CA PRO A 133 -2.85 8.10 32.99
C PRO A 133 -3.31 8.51 31.59
N ALA A 134 -2.49 9.24 30.83
CA ALA A 134 -2.89 9.69 29.50
C ALA A 134 -3.11 8.52 28.57
N SER A 135 -4.00 8.70 27.60
CA SER A 135 -4.10 7.77 26.46
C SER A 135 -4.99 8.33 25.35
N GLY A 136 -5.00 7.60 24.24
CA GLY A 136 -5.69 8.00 23.02
C GLY A 136 -7.17 8.18 23.18
N PHE A 137 -7.72 7.52 24.17
CA PHE A 137 -9.06 7.81 24.68
C PHE A 137 -9.31 9.33 24.91
N GLN A 138 -8.25 10.07 25.22
CA GLN A 138 -8.36 11.49 25.50
C GLN A 138 -8.23 12.34 24.20
N SER A 139 -8.16 11.68 23.05
CA SER A 139 -8.08 12.40 21.78
C SER A 139 -9.40 13.09 21.39
N LEU A 140 -9.41 14.41 21.54
CA LEU A 140 -10.58 15.24 21.23
C LEU A 140 -11.02 15.10 19.77
N GLN A 141 -10.04 15.03 18.88
CA GLN A 141 -10.30 15.00 17.44
C GLN A 141 -10.93 13.72 16.97
N PHE A 142 -10.50 12.59 17.53
CA PHE A 142 -11.11 11.31 17.20
C PHE A 142 -12.59 11.33 17.53
N ARG A 143 -12.93 11.82 18.72
CA ARG A 143 -14.31 11.90 19.14
C ARG A 143 -15.11 12.86 18.23
N LEU A 144 -14.57 14.05 17.96
CA LEU A 144 -15.24 14.97 17.01
C LEU A 144 -15.53 14.27 15.69
N LEU A 145 -14.60 13.39 15.28
CA LEU A 145 -14.72 12.74 14.01
C LEU A 145 -15.82 11.66 14.08
N GLU A 146 -15.73 10.81 15.10
CA GLU A 146 -16.84 9.90 15.42
C GLU A 146 -18.18 10.63 15.42
N ASN A 147 -18.28 11.72 16.18
CA ASN A 147 -19.59 12.40 16.25
C ASN A 147 -20.04 13.04 14.95
N LYS A 148 -19.13 13.66 14.21
CA LYS A 148 -19.54 14.40 13.02
C LYS A 148 -20.01 13.44 11.94
N ILE A 149 -19.43 12.24 11.91
CA ILE A 149 -19.86 11.22 10.96
C ILE A 149 -21.26 10.81 11.34
N GLY A 150 -21.44 10.47 12.61
CA GLY A 150 -22.75 10.37 13.23
C GLY A 150 -22.90 9.24 14.24
N VAL A 151 -21.84 8.91 14.95
CA VAL A 151 -21.94 7.90 15.98
C VAL A 151 -22.83 8.46 17.09
N LEU A 152 -23.88 7.71 17.45
CA LEU A 152 -24.77 8.10 18.56
C LEU A 152 -24.35 7.46 19.88
N GLN A 153 -24.68 8.11 20.99
CA GLN A 153 -24.23 7.65 22.30
C GLN A 153 -24.71 6.22 22.56
N ASN A 154 -25.98 5.96 22.22
CA ASN A 154 -26.54 4.62 22.30
C ASN A 154 -26.03 3.67 21.19
N MET A 155 -24.87 3.97 20.63
CA MET A 155 -24.18 3.06 19.70
C MET A 155 -22.89 2.64 20.39
N ARG A 156 -22.45 3.48 21.33
CA ARG A 156 -21.15 3.33 21.97
C ARG A 156 -21.15 2.21 23.02
N VAL A 157 -20.06 1.43 23.05
CA VAL A 157 -19.83 0.39 24.03
C VAL A 157 -20.07 0.92 25.43
N PRO A 158 -20.80 0.16 26.28
CA PRO A 158 -20.99 0.46 27.70
C PRO A 158 -19.84 1.25 28.35
N TYR A 159 -18.62 0.73 28.28
CA TYR A 159 -17.50 1.42 28.88
C TYR A 159 -17.27 2.77 28.22
N ASN A 160 -17.49 2.81 26.92
CA ASN A 160 -17.18 3.96 26.08
C ASN A 160 -18.21 5.09 26.18
N ARG A 161 -19.49 4.76 26.36
CA ARG A 161 -20.53 5.79 26.37
C ARG A 161 -20.76 6.40 27.75
N ARG A 162 -19.82 6.19 28.67
CA ARG A 162 -19.91 6.85 29.97
C ARG A 162 -18.56 7.42 30.40
N HIS A 163 -17.62 7.46 29.45
CA HIS A 163 -16.26 7.88 29.76
C HIS A 163 -15.63 8.71 28.65
N TYR A 164 -16.21 8.68 27.47
CA TYR A 164 -15.60 9.38 26.34
C TYR A 164 -15.63 10.87 26.60
N ARG A 165 -16.78 11.39 26.98
CA ARG A 165 -16.94 12.83 27.12
C ARG A 165 -16.44 13.28 28.49
N ASP A 166 -16.47 12.35 29.45
CA ASP A 166 -16.01 12.61 30.81
C ASP A 166 -14.49 12.59 30.83
N ASN A 167 -13.90 13.66 30.30
CA ASN A 167 -12.47 13.73 30.04
C ASN A 167 -12.05 15.13 29.62
N PHE A 168 -13.04 15.93 29.23
CA PHE A 168 -12.77 17.22 28.61
C PHE A 168 -13.47 18.33 29.37
N LYS A 169 -12.93 19.53 29.27
CA LYS A 169 -13.54 20.69 29.88
C LYS A 169 -13.33 21.97 29.08
N GLY A 170 -14.00 23.02 29.52
CA GLY A 170 -13.89 24.33 28.92
C GLY A 170 -14.17 24.36 27.43
N GLU A 171 -13.20 24.89 26.68
CA GLU A 171 -13.32 24.96 25.25
C GLU A 171 -13.52 23.57 24.63
N GLU A 172 -12.69 22.59 25.03
CA GLU A 172 -12.76 21.24 24.45
C GLU A 172 -14.11 20.58 24.69
N ASN A 173 -14.65 20.74 25.89
CA ASN A 173 -15.98 20.23 26.14
C ASN A 173 -16.99 20.91 25.23
N GLU A 174 -16.83 22.21 25.05
CA GLU A 174 -17.70 22.97 24.16
C GLU A 174 -17.76 22.37 22.75
N LEU A 175 -16.58 22.06 22.20
CA LEU A 175 -16.49 21.49 20.88
C LEU A 175 -17.09 20.10 20.81
N LEU A 176 -16.83 19.27 21.82
CA LEU A 176 -17.39 17.92 21.84
C LEU A 176 -18.92 18.00 21.86
N LEU A 177 -19.41 18.96 22.61
CA LEU A 177 -20.83 19.15 22.72
C LEU A 177 -21.41 19.51 21.37
N LYS A 178 -20.75 20.46 20.70
CA LYS A 178 -21.24 20.95 19.42
C LYS A 178 -21.27 19.82 18.39
N SER A 179 -20.35 18.88 18.50
CA SER A 179 -20.22 17.82 17.52
C SER A 179 -21.32 16.79 17.69
N GLU A 180 -21.93 16.78 18.86
CA GLU A 180 -23.12 15.95 19.07
C GLU A 180 -24.38 16.75 18.84
N GLN A 181 -24.35 18.04 19.15
CA GLN A 181 -25.55 18.86 18.98
C GLN A 181 -25.75 19.31 17.52
N GLU A 182 -24.69 19.63 16.82
CA GLU A 182 -24.91 20.02 15.44
C GLU A 182 -25.25 18.80 14.57
N LYS A 183 -25.76 19.13 13.39
CA LYS A 183 -26.18 18.16 12.38
C LYS A 183 -25.01 17.31 11.89
N THR A 184 -25.20 15.99 11.99
CA THR A 184 -24.16 15.06 11.64
C THR A 184 -24.27 14.74 10.16
N LEU A 185 -23.18 14.24 9.59
CA LEU A 185 -23.17 13.70 8.22
C LEU A 185 -24.36 12.75 7.94
N LEU A 186 -24.53 11.73 8.78
CA LEU A 186 -25.71 10.86 8.73
C LEU A 186 -27.03 11.60 8.58
N GLU A 187 -27.27 12.59 9.44
CA GLU A 187 -28.55 13.32 9.36
C GLU A 187 -28.69 14.08 8.04
N LEU A 188 -27.61 14.74 7.65
CA LEU A 188 -27.59 15.58 6.45
C LEU A 188 -27.78 14.74 5.19
N VAL A 189 -27.09 13.60 5.12
CA VAL A 189 -27.27 12.67 4.02
C VAL A 189 -28.68 12.08 4.04
N GLU A 190 -29.17 11.75 5.24
CA GLU A 190 -30.54 11.26 5.37
C GLU A 190 -31.54 12.24 4.73
N ALA A 191 -31.45 13.51 5.14
CA ALA A 191 -32.34 14.55 4.58
C ALA A 191 -32.29 14.60 3.06
N TRP A 192 -31.08 14.58 2.50
CA TRP A 192 -30.90 14.73 1.06
C TRP A 192 -31.38 13.48 0.34
N LEU A 193 -31.19 12.32 0.98
CA LEU A 193 -31.70 11.05 0.47
C LEU A 193 -33.26 11.00 0.42
N GLU A 194 -33.91 11.64 1.38
CA GLU A 194 -35.36 11.67 1.39
C GLU A 194 -35.88 12.42 0.18
N ARG A 195 -35.11 13.38 -0.33
CA ARG A 195 -35.55 14.14 -1.49
C ARG A 195 -35.16 13.53 -2.81
N THR A 196 -34.62 12.31 -2.79
CA THR A 196 -34.20 11.66 -4.04
C THR A 196 -35.31 11.63 -5.08
N PRO A 197 -35.04 12.15 -6.29
CA PRO A 197 -36.05 12.12 -7.35
C PRO A 197 -36.50 10.70 -7.70
N GLY A 198 -37.80 10.54 -7.98
CA GLY A 198 -38.40 9.25 -8.26
C GLY A 198 -39.22 8.59 -7.15
N LEU A 199 -39.06 9.05 -5.89
CA LEU A 199 -39.81 8.51 -4.75
C LEU A 199 -41.26 9.03 -4.70
N GLU A 200 -41.50 10.15 -5.36
CA GLU A 200 -42.79 10.81 -5.30
C GLU A 200 -43.91 9.91 -5.81
N PRO A 201 -44.87 9.58 -4.93
CA PRO A 201 -46.03 8.79 -5.33
C PRO A 201 -46.70 9.34 -6.59
N HIS A 202 -46.86 10.66 -6.68
CA HIS A 202 -47.47 11.27 -7.87
C HIS A 202 -46.72 10.81 -9.10
N GLY A 203 -45.41 11.01 -9.08
CA GLY A 203 -44.59 10.70 -10.23
C GLY A 203 -44.23 9.24 -10.36
N PHE A 204 -42.94 8.97 -10.41
CA PHE A 204 -42.41 7.67 -10.76
C PHE A 204 -42.80 6.57 -9.76
N ASN A 205 -43.11 6.95 -8.53
CA ASN A 205 -43.70 6.01 -7.57
C ASN A 205 -42.87 4.75 -7.44
N PHE A 206 -41.59 4.94 -7.16
CA PHE A 206 -40.61 3.86 -7.19
C PHE A 206 -41.06 2.71 -6.26
N TRP A 207 -41.37 3.04 -5.01
CA TRP A 207 -41.66 2.05 -3.98
C TRP A 207 -42.85 1.16 -4.37
N GLY A 208 -43.93 1.78 -4.83
CA GLY A 208 -45.08 1.03 -5.34
C GLY A 208 -44.74 0.05 -6.46
N LYS A 209 -44.09 0.55 -7.51
CA LYS A 209 -43.66 -0.30 -8.63
C LYS A 209 -42.82 -1.42 -8.10
N LEU A 210 -41.83 -1.07 -7.28
CA LEU A 210 -40.92 -2.04 -6.73
C LEU A 210 -41.64 -3.14 -5.98
N GLU A 211 -42.57 -2.74 -5.11
CA GLU A 211 -43.32 -3.71 -4.35
C GLU A 211 -44.13 -4.58 -5.28
N LYS A 212 -44.75 -3.94 -6.25
CA LYS A 212 -45.49 -4.67 -7.25
C LYS A 212 -44.60 -5.70 -7.94
N ASN A 213 -43.48 -5.25 -8.50
CA ASN A 213 -42.61 -6.13 -9.29
C ASN A 213 -41.98 -7.25 -8.47
N ILE A 214 -41.65 -6.98 -7.22
CA ILE A 214 -41.05 -8.01 -6.39
C ILE A 214 -42.09 -9.06 -6.11
N THR A 215 -43.32 -8.62 -5.79
CA THR A 215 -44.44 -9.52 -5.56
C THR A 215 -44.75 -10.37 -6.80
N ARG A 216 -44.85 -9.73 -7.96
CA ARG A 216 -45.05 -10.46 -9.19
C ARG A 216 -43.84 -11.40 -9.36
N GLY A 217 -42.64 -10.87 -9.14
CA GLY A 217 -41.42 -11.65 -9.34
C GLY A 217 -41.39 -12.91 -8.49
N LEU A 218 -41.73 -12.78 -7.21
CA LEU A 218 -41.68 -13.90 -6.30
C LEU A 218 -42.71 -14.95 -6.69
N GLU A 219 -43.90 -14.48 -7.09
CA GLU A 219 -44.96 -15.36 -7.61
C GLU A 219 -44.49 -16.26 -8.76
N GLU A 220 -43.89 -15.69 -9.80
CA GLU A 220 -43.33 -16.47 -10.91
C GLU A 220 -42.33 -17.48 -10.40
N GLU A 221 -41.44 -17.03 -9.51
CA GLU A 221 -40.42 -17.88 -8.93
C GLU A 221 -41.06 -19.09 -8.25
N PHE A 222 -41.98 -18.83 -7.33
CA PHE A 222 -42.72 -19.92 -6.70
C PHE A 222 -43.32 -20.91 -7.71
N ILE A 223 -43.84 -20.40 -8.82
CA ILE A 223 -44.47 -21.27 -9.80
C ILE A 223 -43.42 -22.12 -10.49
N ARG A 224 -42.26 -21.54 -10.77
CA ARG A 224 -41.15 -22.25 -11.39
C ARG A 224 -40.72 -23.42 -10.52
N ILE A 225 -40.52 -23.14 -9.23
CA ILE A 225 -40.18 -24.16 -8.24
C ILE A 225 -41.23 -25.26 -8.11
N GLN A 226 -42.51 -24.90 -8.05
CA GLN A 226 -43.55 -25.91 -7.90
C GLN A 226 -43.58 -26.84 -9.11
N ALA A 227 -43.20 -26.30 -10.27
CA ALA A 227 -43.18 -27.07 -11.51
C ALA A 227 -42.12 -28.18 -11.44
N LYS A 228 -41.13 -28.02 -10.57
CA LYS A 228 -40.01 -28.95 -10.50
C LYS A 228 -40.44 -30.36 -10.09
N GLU A 229 -39.76 -31.35 -10.65
CA GLU A 229 -40.01 -32.75 -10.31
C GLU A 229 -39.74 -32.98 -8.83
N GLU A 230 -40.79 -33.35 -8.09
CA GLU A 230 -40.72 -33.54 -6.64
C GLU A 230 -39.49 -34.32 -6.21
N SER A 231 -38.60 -33.67 -5.46
CA SER A 231 -37.30 -34.27 -5.16
C SER A 231 -36.69 -33.73 -3.88
N GLU A 232 -35.46 -34.16 -3.58
CA GLU A 232 -34.74 -33.72 -2.40
C GLU A 232 -34.31 -32.26 -2.57
N GLU A 233 -33.82 -31.97 -3.76
CA GLU A 233 -33.39 -30.62 -4.10
C GLU A 233 -34.55 -29.60 -4.10
N LYS A 234 -35.75 -30.08 -4.38
CA LYS A 234 -36.94 -29.22 -4.48
C LYS A 234 -37.38 -28.66 -3.14
N GLU A 235 -37.59 -29.54 -2.16
CA GLU A 235 -37.95 -29.11 -0.81
C GLU A 235 -36.90 -28.17 -0.24
N GLU A 236 -35.68 -28.30 -0.74
CA GLU A 236 -34.64 -27.35 -0.37
C GLU A 236 -34.98 -25.99 -0.96
N GLN A 237 -35.24 -25.95 -2.26
CA GLN A 237 -35.50 -24.69 -2.94
C GLN A 237 -36.72 -23.97 -2.35
N VAL A 238 -37.70 -24.74 -1.89
CA VAL A 238 -38.94 -24.17 -1.39
C VAL A 238 -38.75 -23.39 -0.09
N ALA A 239 -38.18 -24.03 0.92
CA ALA A 239 -38.01 -23.37 2.21
C ALA A 239 -36.96 -22.25 2.08
N GLU A 240 -36.01 -22.42 1.16
CA GLU A 240 -35.06 -21.37 0.77
C GLU A 240 -35.77 -20.20 0.07
N PHE A 241 -36.67 -20.51 -0.86
CA PHE A 241 -37.51 -19.49 -1.49
C PHE A 241 -38.33 -18.77 -0.41
N GLN A 242 -38.85 -19.52 0.54
CA GLN A 242 -39.76 -18.97 1.54
C GLN A 242 -39.01 -17.93 2.38
N LYS A 243 -37.74 -18.22 2.63
CA LYS A 243 -36.84 -17.29 3.28
C LYS A 243 -36.66 -16.01 2.47
N GLN A 244 -36.31 -16.15 1.19
CA GLN A 244 -36.11 -14.97 0.36
C GLN A 244 -37.39 -14.14 0.25
N LYS A 245 -38.53 -14.81 0.19
CA LYS A 245 -39.80 -14.10 0.12
C LYS A 245 -40.02 -13.36 1.45
N GLU A 246 -39.83 -14.05 2.57
CA GLU A 246 -39.97 -13.43 3.88
C GLU A 246 -39.13 -12.14 4.00
N VAL A 247 -37.85 -12.26 3.62
CA VAL A 247 -36.92 -11.14 3.73
C VAL A 247 -37.27 -9.99 2.77
N LEU A 248 -37.43 -10.28 1.48
CA LEU A 248 -37.75 -9.26 0.49
C LEU A 248 -39.03 -8.50 0.81
N LEU A 249 -40.08 -9.24 1.09
CA LEU A 249 -41.35 -8.61 1.35
C LEU A 249 -41.27 -7.74 2.60
N SER A 250 -40.44 -8.14 3.56
CA SER A 250 -40.28 -7.36 4.80
C SER A 250 -39.67 -5.98 4.54
N LEU A 251 -38.99 -5.80 3.41
CA LEU A 251 -38.65 -4.45 2.96
C LEU A 251 -39.83 -3.46 3.08
N PHE A 252 -41.03 -3.94 2.78
CA PHE A 252 -42.14 -3.04 2.60
C PHE A 252 -42.93 -2.89 3.91
N ASP A 253 -42.34 -3.38 5.00
CA ASP A 253 -42.97 -3.34 6.30
C ASP A 253 -42.44 -2.17 7.12
N GLU A 254 -42.98 -0.99 6.88
CA GLU A 254 -42.50 0.23 7.50
C GLU A 254 -42.51 0.13 9.02
N LYS A 255 -43.44 -0.67 9.53
CA LYS A 255 -43.55 -0.93 10.94
C LYS A 255 -42.33 -1.69 11.46
N ARG A 256 -41.89 -2.70 10.69
CA ARG A 256 -40.70 -3.45 11.06
C ARG A 256 -39.48 -2.52 11.12
N HIS A 257 -39.48 -1.54 10.24
CA HIS A 257 -38.41 -0.55 10.16
C HIS A 257 -38.33 0.33 11.42
N GLU A 258 -39.46 0.89 11.84
CA GLU A 258 -39.51 1.73 13.05
C GLU A 258 -38.98 0.94 14.23
N HIS A 259 -39.39 -0.32 14.27
CA HIS A 259 -38.97 -1.22 15.33
C HIS A 259 -37.47 -1.46 15.25
N LEU A 260 -36.96 -1.69 14.04
CA LEU A 260 -35.55 -1.94 13.87
C LEU A 260 -34.75 -0.67 14.15
N LEU A 261 -35.34 0.45 13.77
CA LEU A 261 -34.82 1.76 14.10
C LEU A 261 -34.65 1.94 15.61
N SER A 262 -35.69 1.58 16.35
CA SER A 262 -35.70 1.76 17.80
C SER A 262 -34.66 0.92 18.48
N LYS A 263 -34.44 -0.29 17.97
CA LYS A 263 -33.39 -1.19 18.49
C LYS A 263 -32.03 -0.77 17.98
N GLY A 264 -32.03 0.25 17.11
CA GLY A 264 -30.80 0.75 16.53
C GLY A 264 -30.09 -0.20 15.59
N GLU A 265 -30.80 -1.22 15.08
CA GLU A 265 -30.25 -2.07 14.03
C GLU A 265 -30.24 -1.34 12.69
N ARG A 266 -31.04 -0.28 12.65
CA ARG A 266 -31.17 0.55 11.47
C ARG A 266 -30.98 2.01 11.91
N ARG A 267 -30.54 2.88 11.01
CA ARG A 267 -30.35 4.28 11.40
C ARG A 267 -31.05 5.27 10.47
N LEU A 268 -31.14 4.93 9.19
CA LEU A 268 -31.74 5.83 8.21
C LEU A 268 -33.25 5.76 8.28
N SER A 269 -33.90 6.90 8.04
CA SER A 269 -35.34 6.93 7.88
C SER A 269 -35.77 5.98 6.75
N TYR A 270 -37.01 5.53 6.82
CA TYR A 270 -37.58 4.64 5.81
C TYR A 270 -37.50 5.28 4.43
N ARG A 271 -37.73 6.59 4.39
CA ARG A 271 -37.83 7.27 3.11
C ARG A 271 -36.44 7.48 2.51
N ALA A 272 -35.49 7.81 3.39
CA ALA A 272 -34.10 7.93 2.99
C ALA A 272 -33.60 6.60 2.43
N LEU A 273 -34.05 5.51 3.04
CA LEU A 273 -33.63 4.17 2.62
C LEU A 273 -34.17 3.89 1.22
N GLN A 274 -35.35 4.41 0.92
CA GLN A 274 -35.91 4.27 -0.41
C GLN A 274 -35.11 5.04 -1.45
N GLY A 275 -34.69 6.25 -1.10
CA GLY A 275 -33.83 7.04 -1.97
C GLY A 275 -32.48 6.37 -2.26
N ALA A 276 -31.88 5.78 -1.23
CA ALA A 276 -30.61 5.07 -1.38
C ALA A 276 -30.76 3.93 -2.38
N LEU A 277 -31.79 3.12 -2.17
CA LEU A 277 -32.07 1.99 -3.05
C LEU A 277 -32.47 2.48 -4.46
N MET A 278 -33.13 3.62 -4.52
CA MET A 278 -33.43 4.23 -5.81
C MET A 278 -32.09 4.49 -6.53
N ILE A 279 -31.15 5.09 -5.79
CA ILE A 279 -29.86 5.44 -6.37
C ILE A 279 -29.11 4.16 -6.79
N TYR A 280 -29.14 3.08 -5.97
CA TYR A 280 -28.52 1.79 -6.34
C TYR A 280 -29.03 1.22 -7.64
N PHE A 281 -30.34 1.07 -7.74
CA PHE A 281 -30.89 0.38 -8.89
C PHE A 281 -30.68 1.17 -10.16
N TYR A 282 -30.77 2.50 -10.07
CA TYR A 282 -30.74 3.33 -11.26
C TYR A 282 -29.46 4.15 -11.40
N ARG A 283 -28.41 3.73 -10.68
CA ARG A 283 -27.11 4.44 -10.65
C ARG A 283 -26.52 4.92 -11.97
N GLU A 284 -26.83 4.25 -13.08
CA GLU A 284 -26.27 4.62 -14.39
C GLU A 284 -27.00 5.79 -15.07
N GLU A 285 -28.24 6.05 -14.65
CA GLU A 285 -28.91 7.29 -15.04
C GLU A 285 -28.00 8.45 -14.69
N PRO A 286 -27.84 9.40 -15.61
CA PRO A 286 -26.85 10.48 -15.42
C PRO A 286 -26.95 11.24 -14.07
N ARG A 287 -28.14 11.57 -13.60
CA ARG A 287 -28.27 12.30 -12.34
C ARG A 287 -27.92 11.48 -11.12
N PHE A 288 -27.82 10.17 -11.29
CA PHE A 288 -27.55 9.29 -10.18
C PHE A 288 -26.09 8.78 -10.11
N GLN A 289 -25.29 9.05 -11.15
CA GLN A 289 -23.94 8.50 -11.24
C GLN A 289 -23.04 8.93 -10.08
N VAL A 290 -22.93 10.23 -9.90
CA VAL A 290 -22.13 10.76 -8.82
C VAL A 290 -22.80 10.56 -7.47
N PRO A 291 -24.15 10.69 -7.39
CA PRO A 291 -24.77 10.30 -6.11
C PRO A 291 -24.45 8.86 -5.69
N PHE A 292 -24.28 7.98 -6.65
CA PHE A 292 -23.98 6.59 -6.33
C PHE A 292 -22.55 6.46 -5.79
N GLN A 293 -21.62 7.18 -6.44
CA GLN A 293 -20.26 7.29 -5.94
C GLN A 293 -20.21 7.84 -4.52
N LEU A 294 -21.02 8.84 -4.23
CA LEU A 294 -21.10 9.35 -2.88
C LEU A 294 -21.50 8.24 -1.92
N LEU A 295 -22.51 7.44 -2.26
CA LEU A 295 -22.95 6.39 -1.34
C LEU A 295 -21.86 5.35 -1.15
N THR A 296 -21.12 5.08 -2.21
CA THR A 296 -20.04 4.12 -2.12
C THR A 296 -18.96 4.69 -1.17
N SER A 297 -18.64 5.97 -1.30
CA SER A 297 -17.63 6.59 -0.42
C SER A 297 -18.00 6.54 1.07
N LEU A 298 -19.25 6.87 1.40
CA LEU A 298 -19.76 6.76 2.75
C LEU A 298 -19.52 5.35 3.32
N MET A 299 -19.90 4.34 2.55
CA MET A 299 -19.59 2.96 2.96
C MET A 299 -18.07 2.74 3.16
N ASP A 300 -17.24 3.31 2.26
CA ASP A 300 -15.79 3.10 2.29
C ASP A 300 -15.24 3.69 3.56
N ILE A 301 -15.76 4.86 3.92
CA ILE A 301 -15.32 5.55 5.11
C ILE A 301 -15.63 4.72 6.37
N ASP A 302 -16.79 4.10 6.39
CA ASP A 302 -17.16 3.19 7.48
C ASP A 302 -16.21 1.98 7.55
N SER A 303 -15.89 1.37 6.40
CA SER A 303 -15.00 0.23 6.42
C SER A 303 -13.61 0.61 6.91
N LEU A 304 -13.08 1.71 6.37
CA LEU A 304 -11.77 2.18 6.75
C LEU A 304 -11.74 2.57 8.25
N MET A 305 -12.75 3.32 8.72
CA MET A 305 -12.86 3.61 10.16
C MET A 305 -12.74 2.33 10.98
N THR A 306 -13.40 1.27 10.52
CA THR A 306 -13.39 0.03 11.30
C THR A 306 -12.06 -0.72 11.17
N LYS A 307 -11.44 -0.59 10.00
CA LYS A 307 -10.16 -1.20 9.77
C LYS A 307 -9.11 -0.48 10.61
N TRP A 308 -9.30 0.83 10.77
CA TRP A 308 -8.44 1.57 11.69
C TRP A 308 -8.55 0.97 13.08
N ARG A 309 -9.78 0.81 13.54
CA ARG A 309 -10.02 0.26 14.86
C ARG A 309 -9.39 -1.13 14.92
N TYR A 310 -9.58 -1.91 13.88
CA TYR A 310 -9.10 -3.26 13.91
C TYR A 310 -7.55 -3.32 13.93
N ASN A 311 -6.90 -2.54 13.06
CA ASN A 311 -5.44 -2.48 13.06
C ASN A 311 -4.91 -1.95 14.40
N HIS A 312 -5.66 -1.03 14.99
CA HIS A 312 -5.34 -0.52 16.32
C HIS A 312 -5.29 -1.68 17.33
N VAL A 313 -6.34 -2.49 17.35
CA VAL A 313 -6.46 -3.66 18.22
C VAL A 313 -5.30 -4.64 18.08
N CYS A 314 -4.99 -5.07 16.86
CA CYS A 314 -3.90 -6.01 16.65
C CYS A 314 -2.61 -5.52 17.30
N MET A 315 -2.29 -4.25 17.08
CA MET A 315 -1.08 -3.69 17.63
C MET A 315 -1.10 -3.61 19.16
N VAL A 316 -2.19 -3.08 19.75
CA VAL A 316 -2.29 -2.99 21.21
C VAL A 316 -2.12 -4.37 21.85
N HIS A 317 -2.57 -5.42 21.15
CA HIS A 317 -2.43 -6.77 21.68
C HIS A 317 -0.97 -7.14 21.88
N ARG A 318 -0.19 -6.97 20.82
CA ARG A 318 1.24 -7.19 20.86
C ARG A 318 1.91 -6.26 21.88
N MET A 319 1.37 -5.07 22.13
CA MET A 319 2.06 -4.19 23.06
C MET A 319 1.72 -4.47 24.51
N LEU A 320 0.47 -4.81 24.80
CA LEU A 320 0.00 -4.91 26.17
C LEU A 320 -0.37 -6.33 26.57
N GLY A 321 -0.69 -7.18 25.61
CA GLY A 321 -1.18 -8.51 25.94
C GLY A 321 -2.55 -8.42 26.61
N SER A 322 -2.64 -8.85 27.87
CA SER A 322 -3.90 -8.78 28.60
C SER A 322 -3.95 -7.59 29.56
N LYS A 323 -2.79 -6.93 29.75
CA LYS A 323 -2.67 -5.78 30.64
C LYS A 323 -3.73 -4.69 30.40
N ALA A 324 -4.17 -4.05 31.48
CA ALA A 324 -5.17 -2.99 31.37
C ALA A 324 -4.54 -1.74 30.76
N GLY A 325 -5.36 -0.90 30.14
CA GLY A 325 -4.85 0.32 29.56
C GLY A 325 -4.43 1.39 30.57
N THR A 326 -3.42 2.17 30.22
CA THR A 326 -3.11 3.42 30.93
C THR A 326 -4.36 4.28 31.21
N GLY A 327 -5.38 4.16 30.37
CA GLY A 327 -6.57 4.98 30.51
C GLY A 327 -7.62 4.37 31.41
N GLY A 328 -7.37 3.14 31.84
CA GLY A 328 -8.25 2.46 32.79
C GLY A 328 -9.31 1.56 32.19
N SER A 329 -9.24 1.31 30.88
CA SER A 329 -10.09 0.31 30.23
C SER A 329 -9.34 -1.02 30.29
N SER A 330 -10.01 -2.11 29.91
CA SER A 330 -9.40 -3.44 29.97
C SER A 330 -8.26 -3.61 28.97
N GLY A 331 -8.17 -2.71 27.99
CA GLY A 331 -7.08 -2.71 27.05
C GLY A 331 -7.47 -3.41 25.78
N TYR A 332 -6.71 -4.45 25.43
CA TYR A 332 -6.99 -5.28 24.26
C TYR A 332 -8.43 -5.77 24.17
N HIS A 333 -9.07 -6.04 25.30
CA HIS A 333 -10.40 -6.61 25.25
C HIS A 333 -11.46 -5.53 24.98
N TYR A 334 -11.32 -4.35 25.58
CA TYR A 334 -12.26 -3.26 25.31
C TYR A 334 -12.22 -2.82 23.85
N LEU A 335 -11.02 -2.67 23.32
CA LEU A 335 -10.87 -2.14 21.98
C LEU A 335 -11.48 -3.11 20.99
N ARG A 336 -11.32 -4.40 21.26
CA ARG A 336 -11.85 -5.43 20.38
C ARG A 336 -13.36 -5.34 20.25
N SER A 337 -14.04 -4.77 21.26
CA SER A 337 -15.49 -4.62 21.16
C SER A 337 -15.91 -3.37 20.35
N THR A 338 -14.96 -2.53 19.96
CA THR A 338 -15.35 -1.37 19.14
C THR A 338 -15.35 -1.74 17.68
N VAL A 339 -14.84 -2.93 17.40
CA VAL A 339 -14.82 -3.45 16.04
C VAL A 339 -16.09 -4.25 15.82
N SER A 340 -17.11 -3.54 15.36
CA SER A 340 -18.46 -4.04 15.43
C SER A 340 -19.35 -3.10 14.66
N ASP A 341 -20.39 -3.62 14.04
CA ASP A 341 -21.28 -2.78 13.25
C ASP A 341 -22.05 -1.76 14.07
N ARG A 342 -22.11 -1.93 15.39
CA ARG A 342 -22.73 -0.88 16.19
C ARG A 342 -22.04 0.47 15.98
N TYR A 343 -20.81 0.44 15.51
CA TYR A 343 -20.07 1.66 15.17
C TYR A 343 -20.16 2.08 13.70
N LYS A 344 -20.76 1.23 12.85
CA LYS A 344 -20.97 1.59 11.46
C LYS A 344 -22.14 2.55 11.31
N VAL A 345 -21.82 3.80 11.02
CA VAL A 345 -22.82 4.84 10.88
C VAL A 345 -23.75 4.58 9.69
N PHE A 346 -23.19 4.08 8.59
CA PHE A 346 -23.99 3.89 7.39
C PHE A 346 -24.24 2.41 7.14
N VAL A 347 -24.38 1.67 8.23
CA VAL A 347 -24.60 0.24 8.20
C VAL A 347 -25.79 -0.13 7.28
N ASP A 348 -26.80 0.74 7.20
CA ASP A 348 -27.91 0.52 6.27
C ASP A 348 -27.44 0.39 4.81
N LEU A 349 -26.50 1.24 4.42
CA LEU A 349 -26.05 1.26 3.05
C LEU A 349 -25.44 -0.10 2.68
N PHE A 350 -24.76 -0.73 3.63
CA PHE A 350 -24.30 -2.09 3.45
C PHE A 350 -25.47 -3.08 3.38
N ASN A 351 -26.44 -2.89 4.25
CA ASN A 351 -27.47 -3.91 4.39
C ASN A 351 -28.52 -3.84 3.28
N LEU A 352 -28.49 -2.79 2.47
CA LEU A 352 -29.26 -2.83 1.26
C LEU A 352 -28.87 -4.01 0.34
N SER A 353 -27.72 -4.64 0.55
CA SER A 353 -27.36 -5.73 -0.36
C SER A 353 -28.18 -6.96 -0.09
N THR A 354 -28.77 -7.04 1.10
CA THR A 354 -29.74 -8.06 1.44
C THR A 354 -30.94 -8.06 0.45
N TYR A 355 -31.37 -6.88 -0.01
CA TYR A 355 -32.59 -6.72 -0.83
C TYR A 355 -32.29 -6.57 -2.32
N LEU A 356 -31.10 -6.99 -2.74
CA LEU A 356 -30.82 -7.05 -4.18
C LEU A 356 -31.69 -8.09 -4.90
N ILE A 357 -32.32 -7.67 -5.99
CA ILE A 357 -33.17 -8.54 -6.78
C ILE A 357 -32.62 -8.72 -8.20
N PRO A 358 -33.12 -9.72 -8.95
CA PRO A 358 -32.72 -9.85 -10.36
C PRO A 358 -33.09 -8.61 -11.18
N ARG A 359 -32.21 -8.23 -12.11
CA ARG A 359 -32.34 -7.01 -12.90
C ARG A 359 -33.73 -6.83 -13.45
N HIS A 360 -34.29 -7.91 -13.99
CA HIS A 360 -35.59 -7.86 -14.65
C HIS A 360 -36.72 -7.29 -13.74
N TRP A 361 -36.65 -7.55 -12.45
CA TRP A 361 -37.67 -7.08 -11.53
C TRP A 361 -37.59 -5.56 -11.29
N ILE A 362 -36.48 -4.93 -11.66
CA ILE A 362 -36.36 -3.52 -11.34
C ILE A 362 -37.34 -2.74 -12.22
N PRO A 363 -38.15 -1.86 -11.61
CA PRO A 363 -39.16 -1.16 -12.42
C PRO A 363 -38.54 -0.50 -13.64
N LYS A 364 -39.03 -0.87 -14.82
CA LYS A 364 -38.56 -0.31 -16.08
C LYS A 364 -38.63 1.21 -16.09
N MET A 365 -37.89 1.86 -16.98
CA MET A 365 -37.92 3.30 -17.01
C MET A 365 -38.34 3.88 -18.36
N ASN A 366 -39.38 4.72 -18.33
CA ASN A 366 -39.97 5.30 -19.54
C ASN A 366 -39.29 6.60 -19.94
N PRO A 367 -39.34 6.94 -21.24
CA PRO A 367 -38.75 8.14 -21.84
C PRO A 367 -38.77 9.42 -20.98
N THR A 368 -39.87 9.70 -20.28
CA THR A 368 -40.03 11.00 -19.62
C THR A 368 -39.32 11.10 -18.26
N ILE A 369 -39.20 10.00 -17.52
CA ILE A 369 -38.41 10.00 -16.29
C ILE A 369 -36.93 9.74 -16.59
N HIS A 370 -36.65 9.22 -17.77
CA HIS A 370 -35.29 9.12 -18.31
C HIS A 370 -34.73 10.50 -18.66
N LYS A 371 -35.57 11.31 -19.33
CA LYS A 371 -35.21 12.68 -19.68
C LYS A 371 -35.25 13.58 -18.44
N PHE A 372 -35.37 12.95 -17.28
CA PHE A 372 -35.48 13.65 -16.00
C PHE A 372 -34.38 13.16 -15.05
N GLY B 22 -0.62 17.90 37.29
CA GLY B 22 -1.54 17.20 38.17
C GLY B 22 -2.31 16.12 37.44
N GLY B 23 -1.61 15.43 36.52
CA GLY B 23 -2.24 14.43 35.67
C GLY B 23 -1.87 14.64 34.20
N LEU B 24 -1.03 13.76 33.67
CA LEU B 24 -0.63 13.86 32.27
C LEU B 24 -1.80 13.58 31.33
N ILE B 25 -2.05 14.52 30.42
CA ILE B 25 -3.14 14.44 29.45
C ILE B 25 -2.62 14.36 28.02
N TYR B 26 -3.23 13.48 27.23
CA TYR B 26 -2.94 13.23 25.83
C TYR B 26 -2.48 14.48 25.05
N GLY B 27 -3.32 15.51 25.00
CA GLY B 27 -3.01 16.73 24.27
C GLY B 27 -1.79 17.48 24.79
N ASN B 28 -1.62 17.55 26.11
CA ASN B 28 -0.42 18.14 26.67
C ASN B 28 0.82 17.35 26.29
N TYR B 29 0.73 16.03 26.53
CA TYR B 29 1.83 15.10 26.29
C TYR B 29 2.37 15.28 24.87
N LEU B 30 1.46 15.38 23.89
CA LEU B 30 1.84 15.51 22.47
C LEU B 30 1.92 16.97 22.00
N HIS B 31 1.68 17.89 22.94
CA HIS B 31 1.69 19.31 22.63
C HIS B 31 0.90 19.69 21.42
N LEU B 32 -0.33 19.21 21.36
CA LEU B 32 -1.22 19.58 20.28
C LEU B 32 -1.63 21.06 20.29
N GLU B 33 -1.45 21.73 21.42
CA GLU B 33 -1.58 23.20 21.44
C GLU B 33 -0.67 23.82 20.39
N LYS B 34 0.49 23.22 20.19
CA LYS B 34 1.35 23.60 19.07
C LYS B 34 0.98 22.94 17.75
N VAL B 35 0.89 21.62 17.74
CA VAL B 35 0.74 20.88 16.49
C VAL B 35 -0.56 21.23 15.78
N LEU B 36 -1.65 21.39 16.52
CA LEU B 36 -2.90 21.69 15.86
C LEU B 36 -3.26 23.20 15.85
N ASN B 37 -2.32 24.06 16.23
CA ASN B 37 -2.46 25.48 15.91
C ASN B 37 -1.42 26.00 14.95
N ALA B 38 -1.12 25.23 13.90
CA ALA B 38 -0.01 25.57 13.02
C ALA B 38 -0.44 25.67 11.57
N GLN B 39 -1.71 25.95 11.38
CA GLN B 39 -2.36 25.89 10.08
C GLN B 39 -2.96 27.24 9.75
N GLU B 40 -2.24 27.97 8.92
CA GLU B 40 -2.61 29.31 8.54
C GLU B 40 -2.59 29.35 7.03
N LEU B 41 -3.78 29.45 6.44
CA LEU B 41 -3.91 29.46 5.00
C LEU B 41 -3.58 30.85 4.49
N GLN B 42 -2.55 30.97 3.67
CA GLN B 42 -2.14 32.28 3.16
C GLN B 42 -3.28 32.88 2.34
N SER B 43 -3.92 32.05 1.50
CA SER B 43 -5.09 32.50 0.76
C SER B 43 -6.13 33.18 1.70
N GLU B 44 -6.36 32.59 2.87
CA GLU B 44 -7.25 33.17 3.86
C GLU B 44 -6.68 34.47 4.43
N THR B 45 -5.40 34.45 4.77
CA THR B 45 -4.72 35.62 5.28
C THR B 45 -4.81 36.79 4.29
N LYS B 46 -4.80 36.46 2.99
CA LYS B 46 -4.79 37.49 1.95
C LYS B 46 -6.16 37.68 1.28
N GLY B 47 -7.23 37.35 1.98
CA GLY B 47 -8.54 37.74 1.50
C GLY B 47 -9.44 36.76 0.80
N ASN B 48 -8.92 35.68 0.19
CA ASN B 48 -9.86 34.60 -0.17
C ASN B 48 -9.34 33.17 0.02
N LYS B 49 -9.80 32.64 1.15
CA LYS B 49 -9.65 31.27 1.56
C LYS B 49 -9.93 30.31 0.40
N ILE B 50 -8.99 29.41 0.13
CA ILE B 50 -9.18 28.33 -0.84
C ILE B 50 -9.13 27.01 -0.06
N HIS B 51 -10.21 26.25 -0.10
CA HIS B 51 -10.33 25.05 0.72
C HIS B 51 -9.10 24.12 0.69
N ASP B 52 -8.58 23.83 -0.50
CA ASP B 52 -7.53 22.81 -0.65
C ASP B 52 -6.15 23.22 -0.11
N GLU B 53 -5.92 24.50 0.14
CA GLU B 53 -4.67 24.89 0.76
C GLU B 53 -4.43 24.19 2.10
N HIS B 54 -5.49 23.94 2.85
CA HIS B 54 -5.37 23.24 4.13
C HIS B 54 -4.70 21.90 3.95
N LEU B 55 -5.11 21.17 2.91
CA LEU B 55 -4.53 19.88 2.59
C LEU B 55 -3.02 19.96 2.26
N PHE B 56 -2.67 20.97 1.47
CA PHE B 56 -1.32 21.23 1.03
C PHE B 56 -0.43 21.41 2.26
N ILE B 57 -0.92 22.22 3.21
CA ILE B 57 -0.23 22.50 4.46
C ILE B 57 -0.08 21.26 5.35
N ILE B 58 -1.18 20.55 5.61
CA ILE B 58 -1.12 19.36 6.45
C ILE B 58 -0.18 18.31 5.84
N THR B 59 -0.35 18.10 4.54
CA THR B 59 0.50 17.13 3.86
C THR B 59 1.96 17.43 4.17
N HIS B 60 2.36 18.69 3.99
CA HIS B 60 3.78 19.11 4.22
C HIS B 60 4.23 18.98 5.66
N GLN B 61 3.33 19.30 6.60
CA GLN B 61 3.68 19.20 8.03
C GLN B 61 3.89 17.74 8.40
N ALA B 62 3.06 16.87 7.87
CA ALA B 62 3.19 15.44 8.13
C ALA B 62 4.53 14.88 7.61
N TYR B 63 4.92 15.28 6.40
CA TYR B 63 6.24 14.92 5.85
C TYR B 63 7.34 15.39 6.81
N GLU B 64 7.27 16.64 7.26
CA GLU B 64 8.29 17.14 8.18
C GLU B 64 8.32 16.43 9.55
N LEU B 65 7.18 16.05 10.10
CA LEU B 65 7.25 15.28 11.34
C LEU B 65 8.03 13.97 11.06
N TRP B 66 7.77 13.34 9.92
CA TRP B 66 8.44 12.08 9.60
C TRP B 66 9.93 12.28 9.27
N PHE B 67 10.28 13.40 8.62
CA PHE B 67 11.70 13.75 8.38
C PHE B 67 12.41 13.84 9.72
N LYS B 68 11.78 14.55 10.67
CA LYS B 68 12.35 14.68 12.01
C LYS B 68 12.56 13.32 12.65
N GLN B 69 11.60 12.41 12.48
CA GLN B 69 11.75 11.09 13.03
C GLN B 69 12.87 10.32 12.36
N ILE B 70 13.03 10.49 11.06
CA ILE B 70 14.12 9.85 10.36
C ILE B 70 15.49 10.39 10.84
N LEU B 71 15.60 11.72 10.93
CA LEU B 71 16.77 12.39 11.50
C LEU B 71 17.13 11.80 12.84
N TRP B 72 16.11 11.61 13.67
CA TRP B 72 16.27 11.06 15.01
C TRP B 72 16.90 9.65 15.02
N GLU B 73 16.36 8.77 14.17
CA GLU B 73 16.86 7.39 14.02
C GLU B 73 18.28 7.35 13.45
N LEU B 74 18.45 8.08 12.36
CA LEU B 74 19.68 8.16 11.63
C LEU B 74 20.84 8.72 12.49
N ASP B 75 20.57 9.74 13.31
CA ASP B 75 21.63 10.33 14.13
C ASP B 75 22.03 9.34 15.23
N SER B 76 21.04 8.70 15.85
CA SER B 76 21.33 7.70 16.87
C SER B 76 22.18 6.56 16.30
N VAL B 77 21.94 6.18 15.04
CA VAL B 77 22.71 5.13 14.39
C VAL B 77 24.11 5.62 14.05
N ARG B 78 24.24 6.84 13.51
CA ARG B 78 25.57 7.45 13.35
C ARG B 78 26.36 7.44 14.65
N GLU B 79 25.69 7.69 15.76
CA GLU B 79 26.37 7.75 17.05
C GLU B 79 26.86 6.36 17.53
N ILE B 80 26.06 5.33 17.31
CA ILE B 80 26.53 3.97 17.62
C ILE B 80 27.79 3.58 16.81
N PHE B 81 28.03 4.25 15.69
CA PHE B 81 29.22 4.00 14.88
C PHE B 81 30.35 4.93 15.35
N GLN B 82 30.05 6.23 15.45
CA GLN B 82 31.01 7.22 15.91
C GLN B 82 31.59 6.91 17.29
N ASN B 83 30.78 6.52 18.27
CA ASN B 83 31.32 6.20 19.60
C ASN B 83 31.84 4.76 19.77
N GLY B 84 31.92 4.01 18.68
CA GLY B 84 32.45 2.65 18.76
C GLY B 84 31.53 1.56 19.26
N HIS B 85 30.29 1.86 19.63
CA HIS B 85 29.44 0.82 20.20
C HIS B 85 29.15 -0.24 19.15
N VAL B 86 29.22 0.16 17.89
CA VAL B 86 29.03 -0.79 16.79
C VAL B 86 30.04 -1.95 16.87
N ARG B 87 31.19 -1.72 17.49
CA ARG B 87 32.21 -2.76 17.64
C ARG B 87 31.69 -3.93 18.48
N ASP B 88 30.76 -3.63 19.37
CA ASP B 88 30.16 -4.66 20.19
C ASP B 88 28.89 -5.12 19.48
N GLU B 89 28.95 -6.35 18.99
CA GLU B 89 27.93 -6.83 18.09
C GLU B 89 26.59 -7.09 18.76
N ARG B 90 26.50 -6.86 20.06
CA ARG B 90 25.18 -7.00 20.68
C ARG B 90 24.29 -5.85 20.19
N ASN B 91 24.89 -4.82 19.61
CA ASN B 91 24.14 -3.63 19.22
C ASN B 91 23.67 -3.68 17.75
N MET B 92 24.00 -4.75 17.04
CA MET B 92 23.65 -4.78 15.61
C MET B 92 22.14 -4.90 15.40
N LEU B 93 21.44 -5.55 16.33
CA LEU B 93 20.01 -5.69 16.22
C LEU B 93 19.35 -4.32 16.31
N LYS B 94 19.85 -3.48 17.21
CA LYS B 94 19.37 -2.10 17.35
C LYS B 94 19.65 -1.30 16.09
N VAL B 95 20.81 -1.55 15.48
CA VAL B 95 21.21 -0.80 14.30
C VAL B 95 20.31 -1.14 13.11
N VAL B 96 20.12 -2.44 12.90
CA VAL B 96 19.37 -2.86 11.75
C VAL B 96 17.89 -2.48 11.94
N SER B 97 17.37 -2.65 13.16
CA SER B 97 15.97 -2.31 13.46
C SER B 97 15.67 -0.88 13.18
N ARG B 98 16.61 0.00 13.52
CA ARG B 98 16.41 1.40 13.31
C ARG B 98 16.55 1.78 11.85
N MET B 99 17.53 1.21 11.16
CA MET B 99 17.71 1.53 9.76
C MET B 99 16.49 1.00 9.01
N HIS B 100 16.03 -0.17 9.39
CA HIS B 100 14.84 -0.74 8.78
C HIS B 100 13.61 0.10 9.05
N ARG B 101 13.51 0.60 10.29
CA ARG B 101 12.44 1.49 10.65
C ARG B 101 12.44 2.70 9.71
N VAL B 102 13.63 3.20 9.40
CA VAL B 102 13.73 4.34 8.50
C VAL B 102 13.12 4.01 7.13
N SER B 103 13.32 2.81 6.63
CA SER B 103 12.82 2.55 5.29
C SER B 103 11.30 2.31 5.36
N VAL B 104 10.82 1.82 6.51
CA VAL B 104 9.39 1.66 6.71
C VAL B 104 8.69 3.04 6.69
N ILE B 105 9.30 4.03 7.34
CA ILE B 105 8.82 5.39 7.31
C ILE B 105 8.84 5.94 5.87
N LEU B 106 9.93 5.70 5.14
CA LEU B 106 10.03 6.21 3.77
C LEU B 106 8.99 5.54 2.88
N LYS B 107 8.70 4.25 3.10
CA LYS B 107 7.66 3.58 2.32
C LYS B 107 6.37 4.35 2.51
N LEU B 108 6.05 4.71 3.76
CA LEU B 108 4.86 5.51 4.03
C LEU B 108 4.93 6.90 3.38
N LEU B 109 6.11 7.52 3.42
CA LEU B 109 6.24 8.84 2.82
C LEU B 109 6.05 8.77 1.28
N VAL B 110 6.52 7.69 0.65
CA VAL B 110 6.30 7.50 -0.79
C VAL B 110 4.79 7.33 -1.07
N GLN B 111 4.10 6.57 -0.21
CA GLN B 111 2.65 6.36 -0.31
C GLN B 111 1.87 7.64 -0.05
N GLN B 112 2.39 8.53 0.77
CA GLN B 112 1.67 9.71 1.20
C GLN B 112 1.35 10.67 0.06
N PHE B 113 2.07 10.60 -1.05
CA PHE B 113 1.77 11.44 -2.22
C PHE B 113 0.38 11.19 -2.73
N SER B 114 -0.08 9.96 -2.57
CA SER B 114 -1.43 9.64 -3.03
C SER B 114 -2.48 10.57 -2.40
N ILE B 115 -2.21 11.04 -1.17
CA ILE B 115 -3.11 12.00 -0.55
C ILE B 115 -3.10 13.35 -1.26
N LEU B 116 -1.92 13.93 -1.49
CA LEU B 116 -1.87 15.23 -2.20
C LEU B 116 -2.38 15.08 -3.62
N GLU B 117 -2.26 13.89 -4.18
CA GLU B 117 -2.75 13.72 -5.53
C GLU B 117 -4.26 13.85 -5.68
N THR B 118 -5.03 13.82 -4.58
CA THR B 118 -6.45 14.10 -4.67
C THR B 118 -6.71 15.62 -4.79
N MET B 119 -5.66 16.41 -4.96
CA MET B 119 -5.87 17.82 -5.23
C MET B 119 -5.73 18.00 -6.71
N THR B 120 -6.76 18.49 -7.40
CA THR B 120 -6.55 18.73 -8.83
C THR B 120 -5.60 19.93 -9.01
N ALA B 121 -4.93 19.96 -10.16
CA ALA B 121 -4.10 21.08 -10.54
C ALA B 121 -4.89 22.39 -10.63
N LEU B 122 -6.17 22.29 -10.98
CA LEU B 122 -7.02 23.47 -11.09
C LEU B 122 -7.25 24.14 -9.76
N ASP B 123 -7.49 23.33 -8.73
CA ASP B 123 -7.70 23.88 -7.41
C ASP B 123 -6.38 24.36 -6.80
N PHE B 124 -5.30 23.71 -7.21
CA PHE B 124 -3.99 24.08 -6.71
C PHE B 124 -3.66 25.45 -7.23
N ASN B 125 -3.92 25.60 -8.52
CA ASN B 125 -3.82 26.87 -9.19
C ASN B 125 -4.54 28.01 -8.45
N ASP B 126 -5.65 27.74 -7.77
CA ASP B 126 -6.34 28.82 -7.03
C ASP B 126 -5.61 29.41 -5.82
N PHE B 127 -4.58 28.77 -5.30
CA PHE B 127 -3.85 29.40 -4.19
C PHE B 127 -2.35 29.41 -4.42
N ARG B 128 -1.89 28.82 -5.51
CA ARG B 128 -0.45 28.75 -5.76
C ARG B 128 0.22 30.13 -5.64
N GLU B 129 -0.45 31.18 -6.13
CA GLU B 129 0.13 32.52 -6.17
C GLU B 129 0.57 33.02 -4.78
N TYR B 130 -0.07 32.53 -3.73
CA TYR B 130 0.17 33.01 -2.37
C TYR B 130 1.41 32.36 -1.74
N LEU B 131 2.01 31.44 -2.46
CA LEU B 131 3.14 30.68 -1.94
C LEU B 131 4.49 31.27 -2.33
N SER B 132 4.50 32.06 -3.40
CA SER B 132 5.75 32.58 -3.91
C SER B 132 6.36 33.49 -2.86
N PRO B 133 7.69 33.38 -2.64
CA PRO B 133 8.64 32.51 -3.32
C PRO B 133 9.10 31.33 -2.45
N ALA B 134 8.29 30.88 -1.52
CA ALA B 134 8.64 29.68 -0.74
C ALA B 134 8.67 28.44 -1.63
N SER B 135 9.45 27.45 -1.21
CA SER B 135 9.46 26.13 -1.82
C SER B 135 10.19 25.16 -0.92
N GLY B 136 10.05 23.87 -1.23
CA GLY B 136 10.76 22.78 -0.61
C GLY B 136 12.27 22.90 -0.64
N PHE B 137 12.82 23.69 -1.57
CA PHE B 137 14.24 24.03 -1.50
C PHE B 137 14.58 24.56 -0.13
N GLN B 138 13.59 25.07 0.58
CA GLN B 138 13.90 25.67 1.86
C GLN B 138 13.63 24.69 2.99
N SER B 139 13.32 23.44 2.64
CA SER B 139 13.21 22.43 3.68
C SER B 139 14.58 22.12 4.26
N LEU B 140 14.78 22.55 5.50
CA LEU B 140 16.03 22.34 6.20
C LEU B 140 16.23 20.85 6.42
N GLN B 141 15.18 20.22 6.91
CA GLN B 141 15.30 18.84 7.27
C GLN B 141 15.59 17.93 6.07
N PHE B 142 14.98 18.21 4.93
CA PHE B 142 15.25 17.35 3.78
C PHE B 142 16.75 17.38 3.42
N ARG B 143 17.37 18.57 3.47
CA ARG B 143 18.83 18.71 3.26
C ARG B 143 19.70 18.08 4.36
N LEU B 144 19.30 18.21 5.62
CA LEU B 144 20.01 17.55 6.71
C LEU B 144 20.02 16.02 6.48
N LEU B 145 18.88 15.52 6.04
CA LEU B 145 18.71 14.11 5.75
C LEU B 145 19.66 13.65 4.63
N GLU B 146 19.55 14.29 3.47
CA GLU B 146 20.46 14.06 2.36
C GLU B 146 21.91 14.06 2.79
N ASN B 147 22.28 15.06 3.59
CA ASN B 147 23.65 15.17 4.05
C ASN B 147 24.06 14.11 5.06
N LYS B 148 23.25 13.86 6.08
CA LYS B 148 23.72 12.90 7.07
C LYS B 148 23.83 11.49 6.51
N ILE B 149 23.09 11.20 5.43
CA ILE B 149 23.17 9.92 4.76
C ILE B 149 24.49 9.85 4.00
N GLY B 150 24.77 10.91 3.26
CA GLY B 150 26.05 11.06 2.64
C GLY B 150 26.00 11.52 1.21
N VAL B 151 24.97 12.29 0.86
CA VAL B 151 24.92 12.89 -0.48
C VAL B 151 26.06 13.87 -0.60
N LEU B 152 26.91 13.74 -1.61
CA LEU B 152 28.02 14.73 -1.72
C LEU B 152 27.61 16.02 -2.38
N GLN B 153 28.24 17.12 -1.95
CA GLN B 153 27.86 18.43 -2.44
C GLN B 153 28.23 18.62 -3.92
N ASN B 154 29.19 17.83 -4.38
CA ASN B 154 29.52 17.84 -5.79
C ASN B 154 28.49 17.05 -6.59
N MET B 155 28.06 15.93 -6.03
CA MET B 155 27.08 15.01 -6.65
C MET B 155 25.67 15.60 -6.80
N ARG B 156 25.56 16.92 -6.76
CA ARG B 156 24.23 17.55 -6.78
C ARG B 156 23.95 18.26 -8.10
N ARG B 165 22.04 25.84 -0.99
CA ARG B 165 21.75 26.12 0.42
C ARG B 165 21.86 27.62 0.70
N ASP B 166 21.77 28.42 -0.35
CA ASP B 166 21.72 29.86 -0.23
C ASP B 166 20.34 30.24 0.27
N ASN B 167 19.46 29.24 0.23
CA ASN B 167 18.09 29.35 0.71
C ASN B 167 18.00 29.45 2.23
N PHE B 168 19.15 29.41 2.91
CA PHE B 168 19.20 29.33 4.39
C PHE B 168 20.11 30.37 5.02
N LYS B 169 19.92 30.57 6.32
CA LYS B 169 20.58 31.64 7.08
C LYS B 169 20.76 31.23 8.55
N GLY B 170 21.40 32.11 9.33
CA GLY B 170 21.41 32.02 10.77
C GLY B 170 21.76 30.69 11.42
N GLU B 171 21.00 30.29 12.43
CA GLU B 171 21.25 28.99 13.05
C GLU B 171 21.04 27.84 12.05
N GLU B 172 20.09 28.00 11.13
CA GLU B 172 19.78 26.90 10.21
C GLU B 172 20.99 26.60 9.35
N ASN B 173 21.59 27.67 8.82
CA ASN B 173 22.77 27.54 7.97
C ASN B 173 23.92 26.87 8.72
N GLU B 174 23.98 27.10 10.03
CA GLU B 174 24.97 26.47 10.90
C GLU B 174 24.80 24.96 10.95
N LEU B 175 23.58 24.53 11.28
CA LEU B 175 23.21 23.12 11.31
C LEU B 175 23.53 22.45 10.01
N LEU B 176 23.23 23.15 8.92
CA LEU B 176 23.48 22.64 7.60
C LEU B 176 24.96 22.35 7.39
N LEU B 177 25.80 23.30 7.80
CA LEU B 177 27.24 23.14 7.73
C LEU B 177 27.73 21.99 8.62
N LYS B 178 27.26 21.95 9.86
CA LYS B 178 27.58 20.83 10.75
C LYS B 178 27.23 19.49 10.09
N SER B 179 26.08 19.45 9.42
CA SER B 179 25.62 18.23 8.74
C SER B 179 26.49 17.92 7.55
N GLU B 180 27.21 18.93 7.06
CA GLU B 180 28.14 18.70 5.96
C GLU B 180 29.50 18.21 6.46
N GLN B 181 29.95 18.73 7.60
CA GLN B 181 31.29 18.38 8.09
C GLN B 181 31.32 17.13 8.98
N GLU B 182 30.26 16.88 9.75
CA GLU B 182 30.22 15.67 10.61
C GLU B 182 30.21 14.39 9.77
N LYS B 183 30.64 13.28 10.37
CA LYS B 183 30.69 12.01 9.64
C LYS B 183 29.32 11.62 9.18
N THR B 184 29.23 11.34 7.88
CA THR B 184 28.00 10.85 7.29
C THR B 184 27.84 9.35 7.57
N LEU B 185 26.62 8.86 7.40
CA LEU B 185 26.36 7.45 7.57
C LEU B 185 27.22 6.66 6.57
N LEU B 186 27.32 7.15 5.34
CA LEU B 186 28.33 6.64 4.38
C LEU B 186 29.75 6.43 4.96
N GLU B 187 30.35 7.46 5.55
CA GLU B 187 31.73 7.32 6.04
C GLU B 187 31.82 6.37 7.23
N LEU B 188 30.80 6.40 8.09
CA LEU B 188 30.77 5.56 9.25
C LEU B 188 30.62 4.09 8.83
N VAL B 189 29.72 3.82 7.89
CA VAL B 189 29.56 2.49 7.36
C VAL B 189 30.84 2.06 6.64
N GLU B 190 31.48 3.01 5.96
CA GLU B 190 32.72 2.70 5.25
C GLU B 190 33.83 2.22 6.22
N ALA B 191 34.06 2.99 7.28
CA ALA B 191 35.07 2.62 8.27
C ALA B 191 34.79 1.24 8.85
N TRP B 192 33.53 0.98 9.17
CA TRP B 192 33.13 -0.32 9.68
C TRP B 192 33.37 -1.44 8.67
N LEU B 193 33.11 -1.18 7.40
CA LEU B 193 33.37 -2.17 6.34
C LEU B 193 34.85 -2.47 6.24
N GLU B 194 35.66 -1.41 6.27
CA GLU B 194 37.11 -1.57 6.32
C GLU B 194 37.57 -2.48 7.45
N ARG B 195 36.80 -2.60 8.54
CA ARG B 195 37.21 -3.53 9.60
C ARG B 195 36.61 -4.94 9.51
N THR B 196 35.89 -5.25 8.42
CA THR B 196 35.25 -6.56 8.26
C THR B 196 36.25 -7.70 8.42
N PRO B 197 35.92 -8.67 9.27
CA PRO B 197 36.79 -9.83 9.48
C PRO B 197 36.88 -10.74 8.25
N GLY B 198 38.11 -11.15 7.93
CA GLY B 198 38.34 -12.08 6.83
C GLY B 198 39.23 -11.45 5.79
N LEU B 199 39.31 -10.12 5.79
CA LEU B 199 40.11 -9.39 4.82
C LEU B 199 41.63 -9.52 5.05
N GLU B 200 42.06 -9.88 6.25
CA GLU B 200 43.46 -9.80 6.57
C GLU B 200 44.30 -10.86 5.81
N PRO B 201 45.37 -10.41 5.17
CA PRO B 201 46.24 -11.17 4.26
C PRO B 201 46.87 -12.39 4.89
N HIS B 202 47.21 -12.29 6.16
CA HIS B 202 47.80 -13.40 6.88
C HIS B 202 46.75 -14.22 7.59
N GLY B 203 45.51 -13.75 7.54
CA GLY B 203 44.36 -14.50 8.04
C GLY B 203 43.65 -15.22 6.90
N PHE B 204 42.34 -15.06 6.81
CA PHE B 204 41.57 -15.77 5.82
C PHE B 204 41.91 -15.31 4.40
N ASN B 205 42.47 -14.11 4.27
CA ASN B 205 42.99 -13.64 2.98
C ASN B 205 41.93 -13.71 1.84
N PHE B 206 40.74 -13.22 2.15
CA PHE B 206 39.64 -13.16 1.19
C PHE B 206 40.02 -12.63 -0.19
N TRP B 207 40.63 -11.45 -0.25
CA TRP B 207 40.85 -10.81 -1.56
C TRP B 207 41.77 -11.61 -2.47
N GLY B 208 42.92 -12.02 -1.94
CA GLY B 208 43.87 -12.87 -2.66
C GLY B 208 43.28 -14.19 -3.17
N LYS B 209 42.48 -14.84 -2.32
CA LYS B 209 41.81 -16.06 -2.72
C LYS B 209 40.76 -15.81 -3.80
N LEU B 210 40.03 -14.71 -3.66
CA LEU B 210 38.96 -14.41 -4.59
C LEU B 210 39.59 -14.18 -5.97
N GLU B 211 40.69 -13.41 -6.01
CA GLU B 211 41.39 -13.16 -7.27
C GLU B 211 41.95 -14.43 -7.88
N LYS B 212 42.52 -15.30 -7.04
CA LYS B 212 43.09 -16.54 -7.51
C LYS B 212 42.00 -17.43 -8.11
N ASN B 213 40.89 -17.59 -7.38
CA ASN B 213 39.78 -18.43 -7.78
C ASN B 213 39.05 -17.95 -9.02
N ILE B 214 38.93 -16.64 -9.16
CA ILE B 214 38.28 -16.06 -10.31
C ILE B 214 39.16 -16.25 -11.54
N THR B 215 40.45 -16.07 -11.34
CA THR B 215 41.40 -16.30 -12.41
C THR B 215 41.40 -17.77 -12.87
N ARG B 216 41.38 -18.70 -11.92
CA ARG B 216 41.32 -20.10 -12.31
C ARG B 216 40.00 -20.39 -13.02
N GLY B 217 38.89 -20.03 -12.39
CA GLY B 217 37.57 -20.22 -12.97
C GLY B 217 37.45 -19.75 -14.41
N LEU B 218 37.96 -18.55 -14.69
CA LEU B 218 37.95 -18.00 -16.04
C LEU B 218 38.77 -18.86 -16.99
N GLU B 219 40.02 -19.14 -16.60
CA GLU B 219 40.91 -19.98 -17.40
C GLU B 219 40.23 -21.29 -17.82
N GLU B 220 39.57 -21.93 -16.86
CA GLU B 220 38.95 -23.21 -17.11
C GLU B 220 37.77 -23.10 -18.06
N GLU B 221 36.89 -22.15 -17.76
CA GLU B 221 35.71 -21.96 -18.57
C GLU B 221 36.12 -21.60 -20.00
N PHE B 222 37.26 -20.94 -20.15
CA PHE B 222 37.73 -20.59 -21.48
C PHE B 222 38.15 -21.81 -22.26
N ILE B 223 38.90 -22.68 -21.60
CA ILE B 223 39.33 -23.95 -22.14
C ILE B 223 38.12 -24.74 -22.60
N ARG B 224 37.08 -24.71 -21.79
CA ARG B 224 35.83 -25.35 -22.14
C ARG B 224 35.22 -24.75 -23.42
N ILE B 225 35.54 -23.49 -23.70
CA ILE B 225 35.00 -22.82 -24.89
C ILE B 225 35.90 -23.13 -26.09
N GLN B 226 37.20 -23.26 -25.83
CA GLN B 226 38.20 -23.68 -26.82
C GLN B 226 37.95 -25.08 -27.36
N ALA B 227 37.10 -25.82 -26.65
CA ALA B 227 36.76 -27.19 -27.01
C ALA B 227 35.64 -27.19 -28.03
N LYS B 228 34.68 -26.30 -27.83
CA LYS B 228 33.51 -26.24 -28.70
C LYS B 228 33.90 -26.09 -30.17
N GLU B 229 33.06 -26.62 -31.05
CA GLU B 229 33.38 -26.69 -32.47
C GLU B 229 33.04 -25.36 -33.10
N GLU B 230 33.92 -24.90 -33.99
CA GLU B 230 33.82 -23.57 -34.54
C GLU B 230 32.41 -23.28 -35.03
N SER B 231 31.84 -22.17 -34.60
CA SER B 231 30.48 -21.81 -35.01
C SER B 231 30.21 -20.34 -34.77
N GLU B 232 29.00 -19.90 -35.08
CA GLU B 232 28.60 -18.54 -34.73
C GLU B 232 28.26 -18.48 -33.24
N GLU B 233 27.87 -19.64 -32.71
CA GLU B 233 27.52 -19.77 -31.30
C GLU B 233 28.77 -19.68 -30.42
N LYS B 234 29.73 -20.55 -30.68
CA LYS B 234 31.01 -20.54 -29.99
C LYS B 234 31.58 -19.14 -29.99
N GLU B 235 31.47 -18.47 -31.12
CA GLU B 235 31.97 -17.11 -31.23
C GLU B 235 31.24 -16.18 -30.30
N GLU B 236 29.98 -16.47 -30.03
CA GLU B 236 29.20 -15.60 -29.15
C GLU B 236 29.56 -15.85 -27.69
N GLN B 237 29.94 -17.08 -27.38
CA GLN B 237 30.41 -17.38 -26.03
C GLN B 237 31.82 -16.83 -25.75
N VAL B 238 32.72 -16.95 -26.73
CA VAL B 238 34.04 -16.34 -26.70
C VAL B 238 33.95 -14.86 -26.40
N ALA B 239 32.94 -14.24 -27.00
CA ALA B 239 32.83 -12.80 -26.98
C ALA B 239 32.19 -12.40 -25.67
N GLU B 240 31.31 -13.27 -25.19
CA GLU B 240 30.68 -13.15 -23.89
C GLU B 240 31.70 -13.32 -22.77
N PHE B 241 32.42 -14.43 -22.82
CA PHE B 241 33.53 -14.71 -21.93
C PHE B 241 34.46 -13.50 -21.79
N GLN B 242 34.95 -13.01 -22.92
CA GLN B 242 35.88 -11.89 -22.87
C GLN B 242 35.27 -10.69 -22.19
N LYS B 243 33.96 -10.54 -22.35
CA LYS B 243 33.30 -9.43 -21.68
C LYS B 243 33.22 -9.63 -20.15
N GLN B 244 32.90 -10.84 -19.69
CA GLN B 244 32.86 -11.16 -18.26
C GLN B 244 34.23 -11.00 -17.66
N LYS B 245 35.20 -11.60 -18.33
CA LYS B 245 36.56 -11.66 -17.84
C LYS B 245 37.10 -10.28 -17.55
N GLU B 246 36.83 -9.34 -18.45
CA GLU B 246 37.26 -7.97 -18.25
C GLU B 246 36.55 -7.32 -17.05
N VAL B 247 35.25 -7.58 -16.91
CA VAL B 247 34.52 -7.00 -15.78
C VAL B 247 34.99 -7.55 -14.43
N LEU B 248 35.01 -8.88 -14.29
CA LEU B 248 35.50 -9.49 -13.07
C LEU B 248 36.94 -9.12 -12.76
N LEU B 249 37.83 -9.19 -13.73
CA LEU B 249 39.22 -8.94 -13.38
C LEU B 249 39.42 -7.45 -13.07
N SER B 250 38.59 -6.57 -13.62
CA SER B 250 38.68 -5.14 -13.32
C SER B 250 38.45 -4.83 -11.82
N LEU B 251 37.82 -5.77 -11.10
CA LEU B 251 37.60 -5.65 -9.66
C LEU B 251 38.91 -5.62 -8.87
N PHE B 252 39.97 -6.20 -9.40
CA PHE B 252 41.23 -6.30 -8.66
C PHE B 252 42.20 -5.24 -9.10
N ASP B 253 41.66 -4.25 -9.78
CA ASP B 253 42.40 -3.11 -10.24
C ASP B 253 42.14 -1.93 -9.30
N GLU B 254 43.02 -1.73 -8.31
CA GLU B 254 42.80 -0.67 -7.32
C GLU B 254 42.92 0.75 -7.90
N LYS B 255 43.83 0.94 -8.85
CA LYS B 255 44.04 2.26 -9.45
C LYS B 255 42.80 2.72 -10.23
N ARG B 256 42.23 1.82 -11.01
CA ARG B 256 40.92 2.06 -11.60
C ARG B 256 39.85 2.50 -10.54
N HIS B 257 39.76 1.79 -9.42
CA HIS B 257 38.81 2.18 -8.35
C HIS B 257 39.09 3.60 -7.82
N GLU B 258 40.36 3.94 -7.65
CA GLU B 258 40.76 5.27 -7.23
C GLU B 258 40.37 6.33 -8.25
N HIS B 259 40.65 6.08 -9.51
CA HIS B 259 40.21 6.99 -10.55
C HIS B 259 38.70 7.21 -10.50
N LEU B 260 37.92 6.13 -10.48
CA LEU B 260 36.47 6.24 -10.46
C LEU B 260 36.00 6.97 -9.22
N LEU B 261 36.69 6.74 -8.11
CA LEU B 261 36.38 7.40 -6.85
C LEU B 261 36.51 8.92 -6.99
N SER B 262 37.53 9.33 -7.72
CA SER B 262 37.82 10.75 -7.88
C SER B 262 36.79 11.42 -8.78
N LYS B 263 36.22 10.65 -9.69
CA LYS B 263 35.17 11.14 -10.56
C LYS B 263 33.84 11.14 -9.80
N GLY B 264 33.83 10.49 -8.66
CA GLY B 264 32.62 10.37 -7.88
C GLY B 264 31.66 9.34 -8.42
N GLU B 265 32.16 8.39 -9.21
CA GLU B 265 31.33 7.27 -9.66
C GLU B 265 31.35 6.12 -8.68
N ARG B 266 32.29 6.17 -7.76
CA ARG B 266 32.24 5.28 -6.62
C ARG B 266 32.39 6.13 -5.37
N ARG B 267 32.00 5.58 -4.21
CA ARG B 267 31.99 6.36 -2.96
C ARG B 267 32.81 5.69 -1.88
N LEU B 268 32.79 4.36 -1.88
CA LEU B 268 33.49 3.57 -0.88
C LEU B 268 34.94 3.36 -1.25
N SER B 269 35.77 3.41 -0.23
CA SER B 269 37.13 2.98 -0.35
C SER B 269 37.22 1.53 -0.89
N TYR B 270 38.36 1.23 -1.50
CA TYR B 270 38.65 -0.11 -2.01
C TYR B 270 38.47 -1.16 -0.94
N ARG B 271 39.03 -0.92 0.24
CA ARG B 271 38.91 -1.92 1.30
C ARG B 271 37.47 -2.14 1.80
N ALA B 272 36.70 -1.06 1.92
CA ALA B 272 35.29 -1.17 2.33
C ALA B 272 34.52 -2.02 1.31
N LEU B 273 34.90 -1.86 0.06
CA LEU B 273 34.32 -2.62 -1.04
C LEU B 273 34.56 -4.09 -0.81
N GLN B 274 35.79 -4.43 -0.48
CA GLN B 274 36.14 -5.82 -0.16
C GLN B 274 35.32 -6.34 1.00
N GLY B 275 35.14 -5.48 2.00
CA GLY B 275 34.38 -5.86 3.19
C GLY B 275 32.91 -6.11 2.87
N ALA B 276 32.33 -5.27 2.03
CA ALA B 276 30.96 -5.50 1.60
C ALA B 276 30.81 -6.82 0.80
N LEU B 277 31.77 -7.08 -0.10
CA LEU B 277 31.66 -8.30 -0.89
C LEU B 277 31.80 -9.54 0.02
N MET B 278 32.60 -9.39 1.06
CA MET B 278 32.84 -10.46 2.00
C MET B 278 31.53 -10.78 2.70
N ILE B 279 30.84 -9.71 3.11
CA ILE B 279 29.57 -9.88 3.76
C ILE B 279 28.54 -10.46 2.80
N TYR B 280 28.59 -10.09 1.52
CA TYR B 280 27.63 -10.65 0.55
C TYR B 280 27.84 -12.13 0.40
N PHE B 281 29.07 -12.52 0.11
CA PHE B 281 29.35 -13.91 -0.20
C PHE B 281 29.10 -14.80 0.98
N TYR B 282 29.42 -14.29 2.17
CA TYR B 282 29.38 -15.16 3.35
C TYR B 282 28.27 -14.81 4.31
N ARG B 283 27.25 -14.12 3.78
CA ARG B 283 26.13 -13.63 4.57
C ARG B 283 25.49 -14.64 5.52
N GLU B 284 25.54 -15.93 5.21
CA GLU B 284 24.86 -16.89 6.10
C GLU B 284 25.69 -17.23 7.33
N GLU B 285 26.99 -16.95 7.31
CA GLU B 285 27.80 -17.09 8.52
C GLU B 285 27.20 -16.18 9.61
N PRO B 286 26.99 -16.75 10.81
CA PRO B 286 26.24 -16.07 11.87
C PRO B 286 26.68 -14.63 12.11
N ARG B 287 27.99 -14.36 12.10
CA ARG B 287 28.48 -13.01 12.37
C ARG B 287 28.14 -12.05 11.23
N PHE B 288 27.75 -12.60 10.09
CA PHE B 288 27.50 -11.80 8.90
C PHE B 288 26.02 -11.67 8.60
N GLN B 289 25.19 -12.42 9.32
CA GLN B 289 23.76 -12.40 9.02
C GLN B 289 23.15 -11.02 9.20
N VAL B 290 23.25 -10.48 10.41
CA VAL B 290 22.71 -9.15 10.63
C VAL B 290 23.46 -8.06 9.84
N PRO B 291 24.81 -8.14 9.77
CA PRO B 291 25.46 -7.17 8.86
C PRO B 291 24.89 -7.22 7.45
N PHE B 292 24.62 -8.41 6.95
CA PHE B 292 24.03 -8.50 5.63
C PHE B 292 22.68 -7.74 5.56
N GLN B 293 21.84 -7.97 6.57
CA GLN B 293 20.56 -7.26 6.68
C GLN B 293 20.80 -5.77 6.65
N LEU B 294 21.89 -5.34 7.29
CA LEU B 294 22.16 -3.92 7.35
C LEU B 294 22.45 -3.38 5.96
N LEU B 295 23.28 -4.09 5.19
CA LEU B 295 23.66 -3.63 3.84
C LEU B 295 22.43 -3.55 2.95
N THR B 296 21.49 -4.48 3.16
CA THR B 296 20.27 -4.52 2.40
C THR B 296 19.39 -3.29 2.71
N SER B 297 19.18 -3.01 3.99
CA SER B 297 18.52 -1.77 4.41
C SER B 297 19.11 -0.47 3.86
N LEU B 298 20.44 -0.36 3.80
CA LEU B 298 21.06 0.82 3.23
C LEU B 298 20.69 0.95 1.73
N MET B 299 20.71 -0.17 1.02
CA MET B 299 20.26 -0.10 -0.35
C MET B 299 18.79 0.24 -0.42
N ASP B 300 17.97 -0.39 0.44
CA ASP B 300 16.54 -0.03 0.55
C ASP B 300 16.34 1.46 0.65
N ILE B 301 17.10 2.07 1.54
CA ILE B 301 16.90 3.47 1.81
C ILE B 301 17.28 4.36 0.62
N ASP B 302 18.34 4.00 -0.10
CA ASP B 302 18.62 4.64 -1.40
C ASP B 302 17.44 4.47 -2.35
N SER B 303 16.92 3.25 -2.45
CA SER B 303 15.81 2.99 -3.35
C SER B 303 14.62 3.85 -3.00
N LEU B 304 14.29 3.92 -1.70
CA LEU B 304 13.07 4.63 -1.31
C LEU B 304 13.22 6.15 -1.48
N MET B 305 14.42 6.68 -1.22
CA MET B 305 14.68 8.11 -1.44
C MET B 305 14.43 8.50 -2.87
N THR B 306 14.88 7.65 -3.81
CA THR B 306 14.73 7.96 -5.22
C THR B 306 13.28 7.77 -5.60
N LYS B 307 12.58 6.83 -4.97
CA LYS B 307 11.15 6.65 -5.25
C LYS B 307 10.40 7.89 -4.76
N TRP B 308 10.86 8.43 -3.62
CA TRP B 308 10.28 9.65 -3.10
C TRP B 308 10.44 10.76 -4.11
N ARG B 309 11.68 10.91 -4.61
CA ARG B 309 12.04 11.98 -5.53
C ARG B 309 11.21 11.81 -6.79
N TYR B 310 10.99 10.56 -7.15
CA TYR B 310 10.25 10.25 -8.35
C TYR B 310 8.75 10.48 -8.24
N ASN B 311 8.10 9.95 -7.20
CA ASN B 311 6.64 10.19 -7.06
C ASN B 311 6.35 11.68 -6.95
N HIS B 312 7.23 12.40 -6.27
CA HIS B 312 7.21 13.85 -6.25
C HIS B 312 7.23 14.41 -7.70
N VAL B 313 8.18 13.93 -8.52
CA VAL B 313 8.25 14.33 -9.95
C VAL B 313 6.93 14.09 -10.70
N CYS B 314 6.38 12.87 -10.63
CA CYS B 314 5.14 12.54 -11.31
C CYS B 314 4.00 13.48 -10.93
N MET B 315 3.97 13.88 -9.65
CA MET B 315 2.89 14.72 -9.14
C MET B 315 3.10 16.17 -9.62
N VAL B 316 4.32 16.68 -9.44
CA VAL B 316 4.65 18.07 -9.83
C VAL B 316 4.37 18.33 -11.32
N HIS B 317 4.55 17.30 -12.14
CA HIS B 317 4.27 17.38 -13.57
C HIS B 317 2.83 17.76 -13.77
N ARG B 318 1.97 16.99 -13.11
CA ARG B 318 0.53 17.12 -13.24
C ARG B 318 0.04 18.47 -12.69
N MET B 319 0.81 19.11 -11.79
CA MET B 319 0.39 20.37 -11.20
C MET B 319 0.86 21.54 -12.04
N LEU B 320 2.08 21.45 -12.58
CA LEU B 320 2.70 22.61 -13.24
C LEU B 320 2.75 22.48 -14.75
N GLY B 321 2.75 21.26 -15.27
CA GLY B 321 3.12 21.04 -16.65
C GLY B 321 4.58 21.46 -16.78
N SER B 322 4.86 22.43 -17.62
CA SER B 322 6.23 22.86 -17.84
C SER B 322 6.51 24.23 -17.21
N LYS B 323 5.60 24.67 -16.36
CA LYS B 323 5.75 25.93 -15.65
C LYS B 323 6.93 25.84 -14.70
N ALA B 324 7.66 26.94 -14.56
CA ALA B 324 8.80 26.97 -13.66
C ALA B 324 8.31 27.01 -12.20
N GLY B 325 9.05 26.33 -11.33
CA GLY B 325 8.78 26.38 -9.90
C GLY B 325 8.87 27.73 -9.21
N THR B 326 8.12 27.86 -8.11
CA THR B 326 8.13 29.01 -7.22
C THR B 326 9.53 29.23 -6.62
N GLY B 327 10.29 28.15 -6.50
CA GLY B 327 11.65 28.25 -5.99
C GLY B 327 12.60 28.75 -7.04
N GLY B 328 12.16 28.79 -8.29
CA GLY B 328 12.95 29.35 -9.38
C GLY B 328 13.55 28.35 -10.36
N SER B 329 13.48 27.07 -10.02
CA SER B 329 13.92 26.03 -10.95
C SER B 329 12.87 25.88 -12.06
N SER B 330 13.20 25.09 -13.07
CA SER B 330 12.31 24.88 -14.21
C SER B 330 11.14 23.98 -13.82
N GLY B 331 11.24 23.41 -12.62
CA GLY B 331 10.17 22.62 -12.05
C GLY B 331 10.28 21.16 -12.42
N TYR B 332 9.23 20.66 -13.07
CA TYR B 332 9.16 19.29 -13.53
C TYR B 332 10.47 18.83 -14.12
N HIS B 333 11.07 19.65 -14.99
CA HIS B 333 12.29 19.22 -15.68
C HIS B 333 13.53 19.10 -14.75
N TYR B 334 13.68 20.04 -13.82
CA TYR B 334 14.77 20.00 -12.85
C TYR B 334 14.66 18.75 -11.94
N LEU B 335 13.50 18.61 -11.30
CA LEU B 335 13.26 17.52 -10.36
C LEU B 335 13.53 16.16 -11.02
N ARG B 336 13.23 16.04 -12.31
CA ARG B 336 13.47 14.80 -12.99
C ARG B 336 14.96 14.42 -12.92
N SER B 337 15.84 15.43 -12.97
CA SER B 337 17.27 15.13 -13.01
C SER B 337 17.81 14.74 -11.65
N THR B 338 17.04 14.97 -10.59
CA THR B 338 17.43 14.44 -9.29
C THR B 338 17.18 12.92 -9.23
N VAL B 339 16.42 12.38 -10.18
CA VAL B 339 16.13 10.93 -10.18
C VAL B 339 17.20 10.19 -10.99
N SER B 340 18.33 9.93 -10.33
CA SER B 340 19.50 9.35 -10.99
C SER B 340 20.48 8.81 -9.96
N ASP B 341 21.17 7.74 -10.31
CA ASP B 341 22.11 7.10 -9.40
C ASP B 341 23.22 8.03 -8.92
N ARG B 342 23.29 9.24 -9.48
CA ARG B 342 24.08 10.32 -8.89
C ARG B 342 23.78 10.45 -7.39
N TYR B 343 22.50 10.50 -7.02
CA TYR B 343 22.11 10.74 -5.63
C TYR B 343 22.06 9.47 -4.75
N LYS B 344 22.31 8.31 -5.35
CA LYS B 344 22.43 7.05 -4.60
C LYS B 344 23.75 6.98 -3.83
N VAL B 345 23.66 7.32 -2.55
CA VAL B 345 24.78 7.31 -1.63
C VAL B 345 25.48 5.97 -1.60
N PHE B 346 24.73 4.88 -1.64
CA PHE B 346 25.33 3.55 -1.58
C PHE B 346 25.37 2.78 -2.93
N VAL B 347 25.62 3.48 -4.04
CA VAL B 347 25.72 2.84 -5.37
C VAL B 347 26.64 1.62 -5.42
N ASP B 348 27.72 1.68 -4.66
CA ASP B 348 28.66 0.58 -4.67
C ASP B 348 28.01 -0.71 -4.19
N LEU B 349 27.01 -0.57 -3.31
CA LEU B 349 26.37 -1.75 -2.78
C LEU B 349 25.48 -2.38 -3.84
N PHE B 350 24.83 -1.55 -4.64
CA PHE B 350 24.05 -2.03 -5.79
C PHE B 350 24.97 -2.66 -6.81
N ASN B 351 26.10 -2.03 -7.06
CA ASN B 351 26.91 -2.41 -8.21
C ASN B 351 27.77 -3.60 -7.94
N LEU B 352 27.79 -4.05 -6.69
CA LEU B 352 28.55 -5.23 -6.36
C LEU B 352 27.93 -6.45 -7.03
N SER B 353 26.68 -6.34 -7.47
CA SER B 353 26.05 -7.50 -8.07
C SER B 353 26.53 -7.62 -9.53
N THR B 354 27.19 -6.60 -10.05
CA THR B 354 27.98 -6.73 -11.28
C THR B 354 29.04 -7.85 -11.18
N TYR B 355 29.52 -8.13 -9.97
CA TYR B 355 30.65 -9.03 -9.78
C TYR B 355 30.22 -10.35 -9.18
N LEU B 356 28.96 -10.73 -9.35
CA LEU B 356 28.54 -12.05 -8.87
C LEU B 356 29.22 -13.15 -9.66
N ILE B 357 29.60 -14.19 -8.96
CA ILE B 357 30.33 -15.28 -9.57
C ILE B 357 29.69 -16.62 -9.21
N PRO B 358 29.97 -17.63 -10.02
CA PRO B 358 29.32 -18.88 -9.63
C PRO B 358 29.81 -19.36 -8.26
N ARG B 359 28.88 -19.93 -7.49
CA ARG B 359 29.15 -20.35 -6.14
C ARG B 359 30.41 -21.20 -5.93
N HIS B 360 30.71 -22.09 -6.86
CA HIS B 360 31.94 -22.89 -6.84
C HIS B 360 33.17 -22.01 -6.66
N TRP B 361 33.13 -20.79 -7.18
CA TRP B 361 34.35 -19.97 -7.20
C TRP B 361 34.60 -19.28 -5.87
N ILE B 362 33.56 -19.15 -5.06
CA ILE B 362 33.71 -18.42 -3.80
C ILE B 362 34.67 -19.23 -2.93
N PRO B 363 35.71 -18.59 -2.38
CA PRO B 363 36.72 -19.32 -1.59
C PRO B 363 36.05 -19.99 -0.40
N LYS B 364 36.41 -21.22 -0.11
CA LYS B 364 35.71 -21.97 0.92
C LYS B 364 36.16 -21.56 2.32
N MET B 365 35.42 -22.02 3.32
CA MET B 365 35.88 -21.91 4.70
C MET B 365 36.21 -23.26 5.34
N LEU C 24 14.62 -20.99 -25.22
CA LEU C 24 13.64 -20.83 -24.14
C LEU C 24 12.86 -19.50 -24.27
N ILE C 25 11.55 -19.57 -24.12
CA ILE C 25 10.68 -18.43 -24.36
C ILE C 25 9.79 -18.11 -23.16
N TYR C 26 9.71 -16.82 -22.80
CA TYR C 26 8.89 -16.29 -21.71
C TYR C 26 7.61 -17.07 -21.52
N GLY C 27 6.74 -17.02 -22.53
CA GLY C 27 5.47 -17.73 -22.50
C GLY C 27 5.55 -19.19 -22.09
N ASN C 28 6.50 -19.90 -22.67
CA ASN C 28 6.66 -21.32 -22.37
C ASN C 28 7.20 -21.56 -20.99
N TYR C 29 8.24 -20.81 -20.64
CA TYR C 29 8.87 -20.85 -19.33
C TYR C 29 7.86 -20.69 -18.20
N LEU C 30 6.93 -19.78 -18.43
CA LEU C 30 5.92 -19.40 -17.47
C LEU C 30 4.66 -20.25 -17.59
N HIS C 31 4.65 -21.10 -18.61
CA HIS C 31 3.51 -21.95 -18.98
C HIS C 31 2.22 -21.18 -19.10
N LEU C 32 2.29 -20.06 -19.81
CA LEU C 32 1.12 -19.22 -19.95
C LEU C 32 -0.02 -19.91 -20.74
N GLU C 33 0.32 -20.93 -21.54
CA GLU C 33 -0.65 -21.75 -22.28
C GLU C 33 -1.71 -22.32 -21.32
N LYS C 34 -1.30 -22.49 -20.07
CA LYS C 34 -2.20 -22.93 -19.01
C LYS C 34 -2.79 -21.74 -18.24
N VAL C 35 -1.89 -20.89 -17.76
CA VAL C 35 -2.28 -19.80 -16.88
C VAL C 35 -3.32 -18.87 -17.52
N LEU C 36 -3.11 -18.52 -18.78
CA LEU C 36 -3.96 -17.53 -19.42
C LEU C 36 -5.04 -18.18 -20.27
N ASN C 37 -5.22 -19.50 -20.12
CA ASN C 37 -6.37 -20.18 -20.73
C ASN C 37 -7.18 -20.92 -19.65
N ALA C 38 -7.34 -20.26 -18.49
CA ALA C 38 -8.02 -20.87 -17.36
C ALA C 38 -9.18 -20.02 -16.92
N GLN C 39 -9.70 -19.22 -17.83
CA GLN C 39 -10.73 -18.26 -17.46
C GLN C 39 -12.03 -18.58 -18.18
N GLU C 40 -12.90 -19.29 -17.48
CA GLU C 40 -14.22 -19.64 -17.98
C GLU C 40 -15.29 -19.00 -17.14
N LEU C 41 -15.90 -17.94 -17.68
CA LEU C 41 -17.06 -17.31 -17.04
C LEU C 41 -18.28 -18.21 -17.14
N GLN C 42 -18.76 -18.69 -16.00
CA GLN C 42 -19.98 -19.49 -15.96
C GLN C 42 -21.16 -18.74 -16.57
N SER C 43 -21.29 -17.46 -16.21
CA SER C 43 -22.34 -16.62 -16.76
C SER C 43 -22.36 -16.72 -18.29
N GLU C 44 -21.19 -16.76 -18.90
CA GLU C 44 -21.08 -16.96 -20.34
C GLU C 44 -21.43 -18.38 -20.75
N THR C 45 -20.97 -19.36 -19.99
CA THR C 45 -21.24 -20.75 -20.31
C THR C 45 -22.74 -21.04 -20.26
N LYS C 46 -23.46 -20.34 -19.39
CA LYS C 46 -24.91 -20.49 -19.31
C LYS C 46 -25.64 -19.41 -20.11
N GLY C 47 -25.02 -18.91 -21.18
CA GLY C 47 -25.76 -17.97 -22.01
C GLY C 47 -25.37 -16.51 -21.91
N ASN C 48 -25.65 -15.83 -20.79
CA ASN C 48 -25.35 -14.40 -20.77
C ASN C 48 -24.18 -14.00 -19.85
N LYS C 49 -23.05 -13.83 -20.51
CA LYS C 49 -21.84 -13.34 -19.94
C LYS C 49 -22.04 -12.04 -19.19
N ILE C 50 -21.68 -12.03 -17.91
CA ILE C 50 -21.63 -10.78 -17.15
C ILE C 50 -20.18 -10.27 -17.03
N HIS C 51 -19.91 -9.07 -17.54
CA HIS C 51 -18.52 -8.53 -17.56
C HIS C 51 -17.68 -8.77 -16.28
N ASP C 52 -18.24 -8.46 -15.11
CA ASP C 52 -17.43 -8.44 -13.91
C ASP C 52 -17.06 -9.85 -13.43
N GLU C 53 -17.61 -10.89 -14.04
CA GLU C 53 -17.27 -12.23 -13.57
C GLU C 53 -15.78 -12.47 -13.83
N HIS C 54 -15.28 -11.85 -14.88
CA HIS C 54 -13.87 -12.02 -15.23
C HIS C 54 -12.93 -11.56 -14.11
N LEU C 55 -13.14 -10.33 -13.61
CA LEU C 55 -12.46 -9.83 -12.41
C LEU C 55 -12.47 -10.81 -11.23
N PHE C 56 -13.65 -11.32 -10.95
CA PHE C 56 -13.90 -12.25 -9.88
C PHE C 56 -13.06 -13.52 -10.04
N ILE C 57 -13.07 -14.06 -11.25
CA ILE C 57 -12.20 -15.17 -11.51
C ILE C 57 -10.72 -14.81 -11.36
N ILE C 58 -10.23 -13.75 -12.02
CA ILE C 58 -8.81 -13.41 -12.01
C ILE C 58 -8.32 -13.17 -10.57
N THR C 59 -9.15 -12.52 -9.75
CA THR C 59 -8.72 -12.22 -8.41
C THR C 59 -8.45 -13.51 -7.63
N HIS C 60 -9.37 -14.47 -7.71
CA HIS C 60 -9.23 -15.72 -6.95
C HIS C 60 -8.01 -16.46 -7.42
N GLN C 61 -7.73 -16.36 -8.72
CA GLN C 61 -6.58 -17.09 -9.27
C GLN C 61 -5.26 -16.51 -8.78
N ALA C 62 -5.16 -15.19 -8.72
CA ALA C 62 -3.98 -14.51 -8.21
C ALA C 62 -3.79 -14.94 -6.77
N TYR C 63 -4.87 -14.92 -5.98
CA TYR C 63 -4.80 -15.35 -4.58
C TYR C 63 -4.24 -16.75 -4.47
N GLU C 64 -4.68 -17.65 -5.35
CA GLU C 64 -4.27 -19.04 -5.23
C GLU C 64 -2.82 -19.23 -5.65
N LEU C 65 -2.41 -18.55 -6.71
CA LEU C 65 -0.98 -18.47 -7.04
C LEU C 65 -0.18 -18.06 -5.81
N TRP C 66 -0.59 -16.96 -5.16
CA TRP C 66 0.17 -16.56 -3.98
C TRP C 66 0.04 -17.57 -2.83
N PHE C 67 -1.07 -18.30 -2.74
CA PHE C 67 -1.20 -19.33 -1.70
C PHE C 67 -0.15 -20.39 -1.95
N LYS C 68 -0.05 -20.84 -3.20
CA LYS C 68 0.97 -21.79 -3.58
C LYS C 68 2.40 -21.33 -3.21
N GLN C 69 2.68 -20.04 -3.41
CA GLN C 69 4.02 -19.52 -3.09
C GLN C 69 4.26 -19.57 -1.58
N ILE C 70 3.25 -19.13 -0.80
CA ILE C 70 3.32 -19.20 0.64
C ILE C 70 3.53 -20.64 1.11
N LEU C 71 2.79 -21.58 0.52
CA LEU C 71 2.96 -23.00 0.83
C LEU C 71 4.42 -23.45 0.60
N TRP C 72 4.97 -22.96 -0.49
CA TRP C 72 6.31 -23.30 -0.90
C TRP C 72 7.36 -22.74 0.08
N GLU C 73 7.22 -21.47 0.47
CA GLU C 73 8.12 -20.97 1.50
C GLU C 73 7.89 -21.74 2.80
N LEU C 74 6.63 -21.87 3.19
CA LEU C 74 6.28 -22.51 4.47
C LEU C 74 6.78 -23.94 4.58
N ASP C 75 6.60 -24.74 3.53
CA ASP C 75 7.05 -26.12 3.60
C ASP C 75 8.57 -26.15 3.71
N SER C 76 9.25 -25.23 3.04
CA SER C 76 10.70 -25.26 3.05
C SER C 76 11.20 -24.88 4.44
N VAL C 77 10.50 -23.98 5.11
CA VAL C 77 10.92 -23.66 6.46
C VAL C 77 10.66 -24.86 7.39
N ARG C 78 9.52 -25.51 7.24
CA ARG C 78 9.16 -26.66 8.05
C ARG C 78 10.23 -27.74 7.90
N GLU C 79 10.62 -27.98 6.65
CA GLU C 79 11.60 -29.00 6.38
C GLU C 79 12.96 -28.66 7.01
N ILE C 80 13.36 -27.39 6.99
CA ILE C 80 14.61 -26.97 7.63
C ILE C 80 14.59 -27.22 9.16
N PHE C 81 13.43 -27.16 9.77
CA PHE C 81 13.36 -27.53 11.18
C PHE C 81 13.42 -29.06 11.34
N GLN C 82 12.64 -29.75 10.52
CA GLN C 82 12.41 -31.17 10.70
C GLN C 82 13.64 -32.03 10.35
N ASN C 83 14.46 -31.59 9.40
CA ASN C 83 15.64 -32.37 9.01
C ASN C 83 16.86 -32.02 9.86
N GLY C 84 16.66 -31.17 10.87
CA GLY C 84 17.72 -30.77 11.80
C GLY C 84 18.59 -29.58 11.40
N HIS C 85 18.47 -29.11 10.15
CA HIS C 85 19.29 -27.99 9.68
C HIS C 85 19.13 -26.71 10.51
N VAL C 86 17.98 -26.51 11.16
CA VAL C 86 17.83 -25.29 11.96
C VAL C 86 18.80 -25.33 13.15
N ARG C 87 19.44 -26.48 13.36
CA ARG C 87 20.31 -26.58 14.52
C ARG C 87 21.62 -25.90 14.20
N ASP C 88 21.97 -25.90 12.92
CA ASP C 88 23.11 -25.15 12.43
C ASP C 88 22.66 -23.72 12.21
N GLU C 89 23.04 -22.85 13.14
CA GLU C 89 22.47 -21.52 13.18
C GLU C 89 22.82 -20.67 11.97
N ARG C 90 23.64 -21.17 11.06
CA ARG C 90 23.88 -20.35 9.89
C ARG C 90 22.66 -20.34 8.99
N ASN C 91 21.68 -21.19 9.31
CA ASN C 91 20.47 -21.26 8.48
C ASN C 91 19.39 -20.26 8.89
N MET C 92 19.63 -19.50 9.94
CA MET C 92 18.61 -18.61 10.47
C MET C 92 18.29 -17.46 9.50
N LEU C 93 19.32 -16.97 8.81
CA LEU C 93 19.10 -15.94 7.82
C LEU C 93 18.10 -16.47 6.79
N LYS C 94 18.31 -17.68 6.32
CA LYS C 94 17.38 -18.31 5.39
C LYS C 94 15.96 -18.38 5.95
N VAL C 95 15.84 -18.95 7.16
CA VAL C 95 14.56 -19.07 7.85
C VAL C 95 13.82 -17.75 8.05
N VAL C 96 14.48 -16.77 8.67
CA VAL C 96 13.83 -15.49 8.90
C VAL C 96 13.41 -14.84 7.58
N SER C 97 14.27 -14.87 6.57
CA SER C 97 13.98 -14.25 5.25
C SER C 97 12.77 -14.83 4.62
N ARG C 98 12.70 -16.16 4.63
CA ARG C 98 11.57 -16.84 4.02
C ARG C 98 10.29 -16.59 4.79
N MET C 99 10.37 -16.54 6.12
CA MET C 99 9.20 -16.23 6.93
C MET C 99 8.80 -14.79 6.65
N HIS C 100 9.79 -13.89 6.62
CA HIS C 100 9.51 -12.49 6.34
C HIS C 100 8.90 -12.34 4.96
N ARG C 101 9.34 -13.17 4.01
CA ARG C 101 8.74 -13.19 2.68
C ARG C 101 7.25 -13.55 2.74
N VAL C 102 6.89 -14.53 3.56
CA VAL C 102 5.49 -14.94 3.68
C VAL C 102 4.67 -13.73 4.11
N SER C 103 5.18 -12.97 5.06
CA SER C 103 4.40 -11.85 5.54
C SER C 103 4.31 -10.71 4.52
N VAL C 104 5.32 -10.59 3.64
CA VAL C 104 5.27 -9.58 2.59
C VAL C 104 4.22 -9.95 1.52
N ILE C 105 4.12 -11.23 1.21
CA ILE C 105 3.08 -11.71 0.35
C ILE C 105 1.67 -11.52 0.97
N LEU C 106 1.53 -11.83 2.25
CA LEU C 106 0.19 -11.72 2.85
C LEU C 106 -0.24 -10.26 2.87
N LYS C 107 0.71 -9.38 3.15
CA LYS C 107 0.48 -7.94 3.15
C LYS C 107 -0.07 -7.48 1.79
N LEU C 108 0.50 -8.01 0.72
CA LEU C 108 0.00 -7.77 -0.62
C LEU C 108 -1.39 -8.39 -0.78
N LEU C 109 -1.59 -9.55 -0.17
CA LEU C 109 -2.86 -10.25 -0.28
C LEU C 109 -3.95 -9.45 0.43
N VAL C 110 -3.61 -8.81 1.56
CA VAL C 110 -4.55 -7.95 2.27
C VAL C 110 -4.96 -6.75 1.41
N GLN C 111 -3.97 -6.09 0.79
CA GLN C 111 -4.22 -4.98 -0.11
C GLN C 111 -5.01 -5.40 -1.36
N GLN C 112 -4.89 -6.65 -1.77
CA GLN C 112 -5.43 -7.05 -3.05
C GLN C 112 -7.00 -7.09 -3.07
N PHE C 113 -7.63 -7.06 -1.90
CA PHE C 113 -9.08 -6.98 -1.82
C PHE C 113 -9.59 -5.67 -2.42
N SER C 114 -8.77 -4.63 -2.34
CA SER C 114 -9.10 -3.34 -2.89
C SER C 114 -9.44 -3.46 -4.37
N ILE C 115 -8.83 -4.41 -5.06
CA ILE C 115 -9.21 -4.65 -6.47
C ILE C 115 -10.65 -5.18 -6.64
N LEU C 116 -11.00 -6.20 -5.87
CA LEU C 116 -12.34 -6.78 -6.00
C LEU C 116 -13.41 -5.83 -5.47
N GLU C 117 -13.02 -4.88 -4.64
CA GLU C 117 -13.98 -3.92 -4.15
C GLU C 117 -14.39 -2.90 -5.22
N THR C 118 -13.70 -2.87 -6.36
CA THR C 118 -14.17 -2.05 -7.48
C THR C 118 -15.33 -2.74 -8.20
N MET C 119 -15.69 -3.94 -7.79
CA MET C 119 -16.93 -4.59 -8.24
C MET C 119 -18.03 -4.17 -7.31
N THR C 120 -19.12 -3.62 -7.84
CA THR C 120 -20.25 -3.31 -6.95
C THR C 120 -21.08 -4.57 -6.63
N ALA C 121 -21.78 -4.51 -5.51
CA ALA C 121 -22.65 -5.59 -5.08
C ALA C 121 -23.70 -5.86 -6.18
N LEU C 122 -24.16 -4.78 -6.82
CA LEU C 122 -25.17 -4.92 -7.86
C LEU C 122 -24.68 -5.79 -8.98
N ASP C 123 -23.47 -5.50 -9.43
CA ASP C 123 -22.90 -6.16 -10.58
C ASP C 123 -22.53 -7.58 -10.20
N PHE C 124 -22.05 -7.72 -8.97
CA PHE C 124 -21.80 -9.05 -8.43
C PHE C 124 -23.10 -9.84 -8.48
N ASN C 125 -24.17 -9.18 -8.07
CA ASN C 125 -25.47 -9.84 -7.98
C ASN C 125 -25.94 -10.34 -9.34
N ASP C 126 -25.43 -9.75 -10.43
CA ASP C 126 -25.76 -10.28 -11.76
C ASP C 126 -25.18 -11.64 -12.15
N PHE C 127 -24.08 -12.09 -11.54
CA PHE C 127 -23.59 -13.41 -11.92
C PHE C 127 -23.48 -14.37 -10.74
N ARG C 128 -23.77 -13.88 -9.54
CA ARG C 128 -23.75 -14.69 -8.32
C ARG C 128 -24.48 -16.02 -8.45
N GLU C 129 -25.66 -16.02 -9.07
CA GLU C 129 -26.44 -17.24 -9.30
C GLU C 129 -25.67 -18.39 -9.96
N TYR C 130 -24.69 -18.11 -10.82
CA TYR C 130 -23.97 -19.17 -11.50
C TYR C 130 -22.82 -19.76 -10.66
N LEU C 131 -22.64 -19.26 -9.44
CA LEU C 131 -21.50 -19.70 -8.64
C LEU C 131 -21.91 -20.86 -7.80
N SER C 132 -23.18 -20.85 -7.39
CA SER C 132 -23.70 -21.84 -6.47
C SER C 132 -23.56 -23.26 -7.04
N PRO C 133 -23.09 -24.20 -6.22
CA PRO C 133 -22.78 -23.99 -4.81
C PRO C 133 -21.28 -23.84 -4.47
N ALA C 134 -20.45 -23.38 -5.40
CA ALA C 134 -19.03 -23.19 -5.08
C ALA C 134 -18.82 -22.10 -4.01
N SER C 135 -17.72 -22.19 -3.26
CA SER C 135 -17.28 -21.10 -2.37
C SER C 135 -15.83 -21.29 -1.90
N GLY C 136 -15.31 -20.29 -1.19
CA GLY C 136 -13.95 -20.33 -0.67
C GLY C 136 -13.71 -21.51 0.23
N PHE C 137 -14.77 -21.95 0.93
CA PHE C 137 -14.74 -23.14 1.78
C PHE C 137 -14.04 -24.34 1.14
N GLN C 138 -14.04 -24.36 -0.19
CA GLN C 138 -13.48 -25.48 -0.94
C GLN C 138 -12.10 -25.19 -1.48
N SER C 139 -11.49 -24.11 -1.01
CA SER C 139 -10.13 -23.82 -1.42
C SER C 139 -9.20 -24.72 -0.64
N LEU C 140 -8.54 -25.60 -1.37
CA LEU C 140 -7.63 -26.55 -0.74
C LEU C 140 -6.46 -25.83 -0.09
N GLN C 141 -5.82 -24.97 -0.87
CA GLN C 141 -4.59 -24.36 -0.45
C GLN C 141 -4.79 -23.57 0.84
N PHE C 142 -5.94 -22.90 0.94
CA PHE C 142 -6.20 -22.11 2.14
C PHE C 142 -6.22 -23.03 3.35
N ARG C 143 -6.81 -24.21 3.19
CA ARG C 143 -6.85 -25.17 4.29
C ARG C 143 -5.45 -25.70 4.64
N LEU C 144 -4.72 -26.22 3.65
CA LEU C 144 -3.30 -26.62 3.83
C LEU C 144 -2.48 -25.55 4.56
N LEU C 145 -2.64 -24.30 4.13
CA LEU C 145 -1.94 -23.20 4.77
C LEU C 145 -2.25 -23.08 6.26
N GLU C 146 -3.53 -23.07 6.60
CA GLU C 146 -3.97 -23.04 8.00
C GLU C 146 -3.43 -24.22 8.81
N ASN C 147 -3.53 -25.44 8.28
CA ASN C 147 -3.05 -26.59 9.04
C ASN C 147 -1.55 -26.58 9.18
N LYS C 148 -0.83 -26.16 8.13
CA LYS C 148 0.62 -26.24 8.14
C LYS C 148 1.21 -25.23 9.14
N ILE C 149 0.53 -24.10 9.30
CA ILE C 149 0.96 -23.12 10.27
C ILE C 149 0.69 -23.69 11.64
N GLY C 150 -0.53 -24.17 11.83
CA GLY C 150 -0.85 -24.92 13.03
C GLY C 150 -2.20 -24.64 13.64
N VAL C 151 -3.18 -24.24 12.82
CA VAL C 151 -4.53 -24.06 13.33
C VAL C 151 -5.02 -25.43 13.75
N LEU C 152 -5.48 -25.56 14.99
CA LEU C 152 -5.97 -26.86 15.45
C LEU C 152 -7.45 -27.05 15.20
N GLN C 153 -7.81 -28.22 14.71
CA GLN C 153 -9.18 -28.49 14.27
C GLN C 153 -10.21 -28.22 15.38
N ASN C 154 -9.91 -28.62 16.60
CA ASN C 154 -10.84 -28.43 17.70
C ASN C 154 -10.84 -26.97 18.14
N ARG C 165 -13.67 -30.05 6.09
CA ARG C 165 -13.01 -31.07 5.25
C ARG C 165 -14.02 -31.88 4.46
N ASP C 166 -15.30 -31.73 4.79
CA ASP C 166 -16.33 -32.52 4.11
C ASP C 166 -16.40 -32.13 2.63
N ASN C 167 -15.76 -31.03 2.28
CA ASN C 167 -15.73 -30.55 0.91
C ASN C 167 -14.71 -31.23 0.03
N PHE C 168 -13.84 -32.04 0.62
CA PHE C 168 -12.73 -32.59 -0.15
C PHE C 168 -12.78 -34.11 -0.20
N LYS C 169 -12.20 -34.64 -1.28
CA LYS C 169 -12.16 -36.08 -1.52
C LYS C 169 -11.04 -36.39 -2.51
N GLY C 170 -10.81 -37.67 -2.76
CA GLY C 170 -9.75 -38.08 -3.67
C GLY C 170 -8.39 -37.63 -3.17
N GLU C 171 -7.49 -37.35 -4.10
CA GLU C 171 -6.13 -36.94 -3.79
C GLU C 171 -6.12 -35.67 -2.94
N GLU C 172 -7.14 -34.84 -3.08
CA GLU C 172 -7.23 -33.65 -2.26
C GLU C 172 -7.52 -33.96 -0.79
N ASN C 173 -8.33 -34.98 -0.52
CA ASN C 173 -8.61 -35.33 0.87
C ASN C 173 -7.37 -35.86 1.55
N GLU C 174 -6.53 -36.55 0.79
CA GLU C 174 -5.28 -37.09 1.33
C GLU C 174 -4.39 -35.98 1.82
N LEU C 175 -3.94 -35.14 0.88
CA LEU C 175 -3.12 -33.97 1.17
C LEU C 175 -3.57 -33.25 2.42
N LEU C 176 -4.89 -33.13 2.55
CA LEU C 176 -5.44 -32.41 3.67
C LEU C 176 -5.15 -33.14 4.98
N LEU C 177 -5.37 -34.46 4.97
CA LEU C 177 -5.08 -35.29 6.14
C LEU C 177 -3.63 -35.18 6.54
N LYS C 178 -2.74 -35.35 5.57
CA LYS C 178 -1.30 -35.20 5.76
C LYS C 178 -0.95 -33.84 6.39
N SER C 179 -1.68 -32.80 6.05
CA SER C 179 -1.30 -31.48 6.54
C SER C 179 -1.79 -31.32 7.97
N GLU C 180 -2.77 -32.12 8.36
CA GLU C 180 -3.23 -32.15 9.74
C GLU C 180 -2.30 -33.01 10.54
N GLN C 181 -1.70 -33.99 9.88
CA GLN C 181 -0.95 -35.00 10.59
C GLN C 181 0.56 -34.72 10.68
N GLU C 182 1.13 -34.16 9.62
CA GLU C 182 2.57 -33.87 9.62
C GLU C 182 2.79 -32.75 10.61
N LYS C 183 4.04 -32.52 10.97
CA LYS C 183 4.29 -31.57 12.03
C LYS C 183 4.13 -30.14 11.50
N THR C 184 3.40 -29.36 12.26
CA THR C 184 3.08 -27.98 11.91
C THR C 184 4.25 -27.04 12.15
N LEU C 185 4.12 -25.82 11.66
CA LEU C 185 5.13 -24.83 11.98
C LEU C 185 5.17 -24.64 13.49
N LEU C 186 4.00 -24.64 14.13
CA LEU C 186 3.93 -24.45 15.58
C LEU C 186 4.68 -25.55 16.36
N GLU C 187 4.54 -26.79 15.94
CA GLU C 187 5.20 -27.89 16.65
C GLU C 187 6.72 -27.81 16.48
N LEU C 188 7.15 -27.54 15.25
CA LEU C 188 8.56 -27.48 14.92
C LEU C 188 9.24 -26.35 15.69
N VAL C 189 8.63 -25.16 15.62
CA VAL C 189 9.07 -24.00 16.41
C VAL C 189 9.07 -24.31 17.88
N GLU C 190 8.09 -25.09 18.32
CA GLU C 190 7.99 -25.51 19.71
C GLU C 190 9.22 -26.28 20.19
N ALA C 191 9.44 -27.44 19.60
CA ALA C 191 10.65 -28.25 19.80
C ALA C 191 11.91 -27.41 19.86
N TRP C 192 12.12 -26.57 18.85
CA TRP C 192 13.30 -25.70 18.75
C TRP C 192 13.42 -24.75 19.92
N LEU C 193 12.29 -24.12 20.28
CA LEU C 193 12.21 -23.23 21.44
C LEU C 193 12.51 -23.96 22.74
N GLU C 194 12.13 -25.23 22.83
CA GLU C 194 12.43 -25.99 24.05
C GLU C 194 13.95 -26.14 24.25
N ARG C 195 14.72 -26.15 23.16
CA ARG C 195 16.19 -26.35 23.26
C ARG C 195 16.98 -25.06 23.42
N THR C 196 16.30 -23.94 23.64
CA THR C 196 16.95 -22.64 23.77
C THR C 196 18.00 -22.59 24.87
N PRO C 197 19.24 -22.13 24.53
CA PRO C 197 20.31 -21.98 25.51
C PRO C 197 19.92 -21.07 26.66
N GLY C 198 20.19 -21.51 27.89
CA GLY C 198 19.96 -20.70 29.06
C GLY C 198 18.89 -21.22 29.99
N LEU C 199 18.18 -22.24 29.57
CA LEU C 199 17.03 -22.73 30.33
C LEU C 199 17.42 -23.82 31.31
N GLU C 200 18.48 -24.55 30.99
CA GLU C 200 18.97 -25.65 31.82
C GLU C 200 19.27 -25.19 33.26
N PRO C 201 18.71 -25.90 34.25
CA PRO C 201 18.72 -25.46 35.67
C PRO C 201 20.10 -25.48 36.33
N HIS C 202 21.00 -26.34 35.87
CA HIS C 202 22.34 -26.41 36.43
C HIS C 202 23.28 -25.46 35.71
N GLY C 203 22.72 -24.75 34.73
CA GLY C 203 23.50 -23.81 33.94
C GLY C 203 23.15 -22.38 34.30
N PHE C 204 22.79 -21.59 33.29
CA PHE C 204 22.41 -20.21 33.53
C PHE C 204 21.09 -20.15 34.29
N ASN C 205 20.31 -21.22 34.20
CA ASN C 205 19.05 -21.34 34.91
C ASN C 205 18.22 -20.06 34.84
N PHE C 206 17.66 -19.79 33.65
CA PHE C 206 16.96 -18.54 33.43
C PHE C 206 15.71 -18.50 34.28
N TRP C 207 14.98 -19.60 34.26
CA TRP C 207 13.64 -19.62 34.80
C TRP C 207 13.65 -19.49 36.32
N GLY C 208 14.65 -20.07 36.97
CA GLY C 208 14.72 -20.01 38.43
C GLY C 208 15.07 -18.63 38.94
N LYS C 209 16.03 -17.99 38.27
CA LYS C 209 16.42 -16.63 38.63
C LYS C 209 15.24 -15.67 38.45
N LEU C 210 14.60 -15.73 37.29
CA LEU C 210 13.47 -14.86 37.01
C LEU C 210 12.47 -14.91 38.16
N GLU C 211 12.16 -16.12 38.63
CA GLU C 211 11.21 -16.25 39.72
C GLU C 211 11.76 -15.59 40.98
N LYS C 212 13.05 -15.77 41.25
CA LYS C 212 13.67 -15.10 42.38
C LYS C 212 13.54 -13.58 42.23
N ASN C 213 13.95 -13.07 41.07
CA ASN C 213 13.99 -11.63 40.82
C ASN C 213 12.63 -10.95 40.87
N ILE C 214 11.65 -11.57 40.23
CA ILE C 214 10.31 -10.99 40.22
C ILE C 214 9.80 -10.93 41.65
N THR C 215 10.08 -11.98 42.42
CA THR C 215 9.59 -12.06 43.78
C THR C 215 10.19 -10.97 44.66
N ARG C 216 11.50 -10.79 44.62
CA ARG C 216 12.13 -9.68 45.33
C ARG C 216 11.55 -8.36 44.88
N GLY C 217 11.43 -8.20 43.56
CA GLY C 217 10.88 -6.99 42.97
C GLY C 217 9.50 -6.59 43.49
N LEU C 218 8.58 -7.56 43.54
CA LEU C 218 7.24 -7.28 44.04
C LEU C 218 7.31 -6.87 45.52
N GLU C 219 8.08 -7.63 46.31
CA GLU C 219 8.28 -7.35 47.72
C GLU C 219 8.85 -5.95 47.99
N GLU C 220 9.87 -5.59 47.20
CA GLU C 220 10.45 -4.24 47.27
C GLU C 220 9.42 -3.16 46.99
N GLU C 221 8.60 -3.38 45.97
CA GLU C 221 7.61 -2.39 45.54
C GLU C 221 6.57 -2.16 46.62
N PHE C 222 6.28 -3.22 47.36
CA PHE C 222 5.34 -3.15 48.48
C PHE C 222 5.80 -2.10 49.47
N ILE C 223 6.99 -2.31 50.03
CA ILE C 223 7.61 -1.39 50.98
C ILE C 223 7.63 0.05 50.45
N ARG C 224 7.60 0.20 49.14
CA ARG C 224 7.54 1.52 48.51
C ARG C 224 6.13 2.10 48.62
N PHE C 241 -1.43 -3.17 42.53
CA PHE C 241 -0.24 -3.98 42.79
C PHE C 241 -0.58 -5.45 42.93
N GLN C 242 -1.60 -5.76 43.71
CA GLN C 242 -1.90 -7.16 43.96
C GLN C 242 -2.46 -7.79 42.69
N LYS C 243 -2.89 -6.96 41.75
CA LYS C 243 -3.42 -7.46 40.48
C LYS C 243 -2.27 -7.98 39.61
N GLN C 244 -1.31 -7.11 39.32
CA GLN C 244 -0.15 -7.52 38.53
C GLN C 244 0.66 -8.59 39.27
N LYS C 245 0.62 -8.57 40.60
CA LYS C 245 1.36 -9.55 41.38
C LYS C 245 0.75 -10.93 41.18
N GLU C 246 -0.57 -10.99 41.15
CA GLU C 246 -1.25 -12.24 40.88
C GLU C 246 -0.93 -12.67 39.47
N VAL C 247 -0.94 -11.70 38.57
CA VAL C 247 -0.72 -11.97 37.16
C VAL C 247 0.72 -12.38 36.87
N LEU C 248 1.68 -11.64 37.40
CA LEU C 248 3.08 -11.97 37.17
C LEU C 248 3.38 -13.38 37.67
N LEU C 249 3.03 -13.63 38.92
CA LEU C 249 3.42 -14.87 39.57
C LEU C 249 2.75 -16.10 38.96
N SER C 250 1.62 -15.91 38.30
CA SER C 250 0.90 -17.02 37.68
C SER C 250 1.68 -17.63 36.52
N LEU C 251 2.72 -16.92 36.09
CA LEU C 251 3.64 -17.38 35.06
C LEU C 251 4.39 -18.62 35.54
N PHE C 252 4.52 -18.73 36.86
CA PHE C 252 5.31 -19.79 37.43
C PHE C 252 4.47 -20.96 37.88
N ASP C 253 3.20 -20.92 37.50
CA ASP C 253 2.31 -22.02 37.75
C ASP C 253 2.34 -22.97 36.54
N GLU C 254 3.23 -23.95 36.57
CA GLU C 254 3.34 -24.89 35.46
C GLU C 254 2.03 -25.65 35.19
N LYS C 255 1.28 -25.96 36.25
CA LYS C 255 0.08 -26.76 36.09
C LYS C 255 -1.11 -25.94 35.61
N ARG C 256 -1.14 -24.67 36.00
CA ARG C 256 -2.12 -23.74 35.43
C ARG C 256 -1.96 -23.66 33.92
N HIS C 257 -0.71 -23.53 33.50
CA HIS C 257 -0.35 -23.55 32.09
C HIS C 257 -0.88 -24.79 31.40
N GLU C 258 -0.59 -25.95 32.00
CA GLU C 258 -1.02 -27.23 31.44
C GLU C 258 -2.53 -27.31 31.31
N HIS C 259 -3.22 -26.70 32.26
CA HIS C 259 -4.67 -26.67 32.22
C HIS C 259 -5.13 -25.95 30.95
N LEU C 260 -4.65 -24.73 30.75
CA LEU C 260 -5.00 -23.94 29.58
C LEU C 260 -4.54 -24.58 28.28
N LEU C 261 -3.48 -25.37 28.35
CA LEU C 261 -2.99 -26.13 27.21
C LEU C 261 -4.05 -27.11 26.72
N SER C 262 -4.65 -27.85 27.65
CA SER C 262 -5.72 -28.78 27.33
C SER C 262 -6.90 -28.07 26.69
N LYS C 263 -7.37 -27.01 27.33
CA LYS C 263 -8.44 -26.19 26.75
C LYS C 263 -7.95 -25.40 25.55
N GLY C 264 -6.66 -25.51 25.24
CA GLY C 264 -6.08 -24.89 24.06
C GLY C 264 -6.16 -23.38 24.03
N GLU C 265 -6.39 -22.76 25.17
CA GLU C 265 -6.33 -21.31 25.25
C GLU C 265 -4.87 -20.88 25.32
N ARG C 266 -4.02 -21.88 25.49
CA ARG C 266 -2.57 -21.77 25.44
C ARG C 266 -2.11 -22.83 24.43
N ARG C 267 -0.93 -22.66 23.85
CA ARG C 267 -0.56 -23.50 22.71
C ARG C 267 0.85 -24.09 22.79
N LEU C 268 1.76 -23.39 23.45
CA LEU C 268 3.13 -23.88 23.55
C LEU C 268 3.36 -24.67 24.83
N SER C 269 4.29 -25.60 24.78
CA SER C 269 4.71 -26.25 26.02
C SER C 269 5.24 -25.23 27.02
N TYR C 270 5.30 -25.61 28.29
CA TYR C 270 5.83 -24.73 29.32
C TYR C 270 7.29 -24.38 29.02
N ARG C 271 8.04 -25.37 28.52
CA ARG C 271 9.46 -25.20 28.31
C ARG C 271 9.67 -24.23 27.16
N ALA C 272 8.93 -24.47 26.06
CA ALA C 272 8.99 -23.64 24.86
C ALA C 272 8.67 -22.19 25.21
N LEU C 273 7.71 -22.02 26.10
CA LEU C 273 7.32 -20.68 26.57
C LEU C 273 8.47 -19.99 27.27
N GLN C 274 9.20 -20.73 28.09
CA GLN C 274 10.40 -20.20 28.73
C GLN C 274 11.44 -19.74 27.70
N GLY C 275 11.67 -20.56 26.68
CA GLY C 275 12.64 -20.24 25.65
C GLY C 275 12.30 -18.95 24.91
N ALA C 276 11.02 -18.83 24.55
CA ALA C 276 10.55 -17.63 23.92
C ALA C 276 10.80 -16.46 24.85
N LEU C 277 10.54 -16.63 26.14
CA LEU C 277 10.67 -15.49 27.04
C LEU C 277 12.15 -15.08 27.14
N MET C 278 12.99 -16.11 27.19
CA MET C 278 14.43 -15.94 27.18
C MET C 278 14.93 -15.14 25.97
N ILE C 279 14.44 -15.50 24.79
CA ILE C 279 14.82 -14.81 23.59
C ILE C 279 14.30 -13.38 23.63
N TYR C 280 13.08 -13.17 24.14
CA TYR C 280 12.58 -11.80 24.23
C TYR C 280 13.52 -10.93 25.05
N PHE C 281 13.87 -11.41 26.24
CA PHE C 281 14.59 -10.59 27.21
C PHE C 281 16.02 -10.38 26.81
N TYR C 282 16.61 -11.40 26.23
CA TYR C 282 18.01 -11.33 25.87
C TYR C 282 18.20 -11.19 24.37
N ARG C 283 17.22 -10.58 23.71
CA ARG C 283 17.21 -10.49 22.23
C ARG C 283 18.45 -9.83 21.58
N GLU C 284 19.21 -9.03 22.31
CA GLU C 284 20.36 -8.31 21.74
C GLU C 284 21.61 -9.18 21.75
N GLU C 285 21.60 -10.27 22.51
CA GLU C 285 22.73 -11.19 22.52
C GLU C 285 22.83 -11.77 21.12
N PRO C 286 24.03 -11.75 20.54
CA PRO C 286 24.19 -12.13 19.13
C PRO C 286 23.42 -13.39 18.75
N ARG C 287 23.49 -14.47 19.54
CA ARG C 287 22.78 -15.68 19.12
C ARG C 287 21.25 -15.54 19.15
N PHE C 288 20.76 -14.50 19.81
CA PHE C 288 19.31 -14.35 19.99
C PHE C 288 18.68 -13.34 19.03
N GLN C 289 19.51 -12.54 18.38
CA GLN C 289 19.06 -11.52 17.45
C GLN C 289 18.18 -12.03 16.32
N VAL C 290 18.72 -12.92 15.49
CA VAL C 290 17.91 -13.41 14.38
C VAL C 290 16.76 -14.35 14.87
N PRO C 291 17.00 -15.19 15.90
CA PRO C 291 15.83 -15.88 16.49
C PRO C 291 14.73 -14.95 16.96
N PHE C 292 15.09 -13.81 17.54
CA PHE C 292 14.08 -12.85 17.95
C PHE C 292 13.30 -12.23 16.78
N GLN C 293 14.00 -11.91 15.69
CA GLN C 293 13.36 -11.50 14.45
C GLN C 293 12.35 -12.55 14.00
N LEU C 294 12.72 -13.82 14.11
CA LEU C 294 11.84 -14.91 13.75
C LEU C 294 10.54 -14.95 14.55
N LEU C 295 10.66 -14.79 15.86
CA LEU C 295 9.49 -14.76 16.74
C LEU C 295 8.57 -13.62 16.33
N THR C 296 9.16 -12.46 16.05
CA THR C 296 8.43 -11.31 15.56
C THR C 296 7.68 -11.63 14.28
N SER C 297 8.35 -12.31 13.36
CA SER C 297 7.72 -12.72 12.10
C SER C 297 6.53 -13.66 12.32
N LEU C 298 6.68 -14.56 13.28
CA LEU C 298 5.66 -15.57 13.55
C LEU C 298 4.43 -14.82 13.94
N MET C 299 4.59 -13.81 14.80
CA MET C 299 3.47 -12.99 15.21
C MET C 299 2.95 -12.15 14.04
N ASP C 300 3.86 -11.64 13.20
CA ASP C 300 3.46 -10.89 11.99
C ASP C 300 2.52 -11.71 11.12
N ILE C 301 2.76 -13.01 11.08
CA ILE C 301 2.04 -13.84 10.15
C ILE C 301 0.62 -14.09 10.65
N ASP C 302 0.47 -14.25 11.96
CA ASP C 302 -0.84 -14.31 12.60
C ASP C 302 -1.67 -13.04 12.37
N SER C 303 -1.10 -11.86 12.59
CA SER C 303 -1.85 -10.63 12.37
C SER C 303 -2.30 -10.54 10.93
N LEU C 304 -1.39 -10.83 10.00
CA LEU C 304 -1.70 -10.73 8.58
C LEU C 304 -2.77 -11.73 8.18
N MET C 305 -2.67 -12.95 8.68
CA MET C 305 -3.71 -13.96 8.43
C MET C 305 -5.06 -13.40 8.85
N THR C 306 -5.04 -12.71 9.97
CA THR C 306 -6.28 -12.27 10.58
C THR C 306 -6.79 -11.02 9.87
N LYS C 307 -5.86 -10.15 9.50
CA LYS C 307 -6.25 -8.96 8.79
C LYS C 307 -6.86 -9.40 7.47
N TRP C 308 -6.37 -10.52 6.93
CA TRP C 308 -6.91 -11.09 5.71
C TRP C 308 -8.37 -11.49 5.93
N ARG C 309 -8.60 -12.28 6.98
CA ARG C 309 -9.96 -12.70 7.30
C ARG C 309 -10.85 -11.49 7.46
N TYR C 310 -10.37 -10.49 8.17
CA TYR C 310 -11.19 -9.29 8.36
C TYR C 310 -11.50 -8.52 7.07
N ASN C 311 -10.47 -8.19 6.28
CA ASN C 311 -10.72 -7.48 5.02
C ASN C 311 -11.72 -8.26 4.16
N HIS C 312 -11.61 -9.58 4.20
CA HIS C 312 -12.57 -10.48 3.55
C HIS C 312 -14.00 -10.23 4.09
N VAL C 313 -14.12 -10.20 5.41
CA VAL C 313 -15.39 -9.92 6.06
C VAL C 313 -15.99 -8.58 5.66
N CYS C 314 -15.16 -7.52 5.63
CA CYS C 314 -15.65 -6.17 5.33
C CYS C 314 -16.17 -6.07 3.93
N MET C 315 -15.54 -6.81 3.04
CA MET C 315 -16.00 -6.86 1.66
C MET C 315 -17.23 -7.80 1.51
N VAL C 316 -17.24 -8.94 2.19
CA VAL C 316 -18.39 -9.80 2.06
C VAL C 316 -19.64 -9.08 2.61
N HIS C 317 -19.44 -8.22 3.60
CA HIS C 317 -20.56 -7.49 4.17
C HIS C 317 -21.22 -6.60 3.15
N ARG C 318 -20.42 -5.93 2.32
CA ARG C 318 -21.00 -5.08 1.29
C ARG C 318 -21.62 -5.89 0.16
N MET C 319 -21.17 -7.13 -0.04
CA MET C 319 -21.58 -7.90 -1.20
C MET C 319 -22.88 -8.60 -0.97
N LEU C 320 -23.04 -9.11 0.25
CA LEU C 320 -24.14 -9.99 0.62
C LEU C 320 -25.13 -9.34 1.58
N GLY C 321 -24.67 -8.36 2.36
CA GLY C 321 -25.46 -7.89 3.48
C GLY C 321 -25.62 -9.02 4.48
N SER C 322 -26.83 -9.52 4.64
CA SER C 322 -27.04 -10.67 5.52
C SER C 322 -27.56 -11.91 4.79
N LYS C 323 -27.46 -11.90 3.45
CA LYS C 323 -27.67 -13.11 2.65
C LYS C 323 -26.76 -14.25 3.11
N ALA C 324 -27.26 -15.47 3.01
CA ALA C 324 -26.45 -16.64 3.28
C ALA C 324 -25.39 -16.81 2.18
N GLY C 325 -24.24 -17.37 2.54
CA GLY C 325 -23.24 -17.69 1.55
C GLY C 325 -23.60 -18.93 0.74
N THR C 326 -23.27 -18.90 -0.55
CA THR C 326 -23.39 -20.05 -1.45
C THR C 326 -22.85 -21.37 -0.86
N GLY C 327 -21.84 -21.27 -0.01
CA GLY C 327 -21.26 -22.46 0.59
C GLY C 327 -22.04 -22.93 1.79
N GLY C 328 -23.11 -22.20 2.12
CA GLY C 328 -24.01 -22.63 3.17
C GLY C 328 -23.80 -22.03 4.56
N SER C 329 -22.82 -21.14 4.71
CA SER C 329 -22.64 -20.44 5.97
C SER C 329 -23.67 -19.30 6.05
N SER C 330 -23.84 -18.73 7.24
CA SER C 330 -24.74 -17.60 7.45
C SER C 330 -24.23 -16.40 6.68
N GLY C 331 -22.96 -16.50 6.30
CA GLY C 331 -22.28 -15.54 5.46
C GLY C 331 -21.39 -14.64 6.28
N TYR C 332 -21.73 -13.35 6.24
CA TYR C 332 -21.12 -12.31 7.06
C TYR C 332 -20.87 -12.75 8.49
N HIS C 333 -21.88 -13.36 9.09
CA HIS C 333 -21.81 -13.68 10.50
C HIS C 333 -20.81 -14.81 10.77
N TYR C 334 -20.82 -15.89 9.98
CA TYR C 334 -19.86 -16.96 10.20
C TYR C 334 -18.40 -16.49 10.05
N LEU C 335 -18.14 -15.75 8.98
CA LEU C 335 -16.79 -15.21 8.73
C LEU C 335 -16.38 -14.25 9.84
N ARG C 336 -17.33 -13.52 10.41
CA ARG C 336 -17.06 -12.63 11.54
C ARG C 336 -16.47 -13.42 12.70
N SER C 337 -16.96 -14.64 12.90
CA SER C 337 -16.47 -15.47 14.00
C SER C 337 -15.10 -16.09 13.74
N THR C 338 -14.58 -16.00 12.52
CA THR C 338 -13.23 -16.55 12.27
C THR C 338 -12.18 -15.50 12.60
N VAL C 339 -12.63 -14.28 12.91
CA VAL C 339 -11.73 -13.19 13.31
C VAL C 339 -11.60 -13.15 14.84
N SER C 340 -10.95 -14.18 15.38
CA SER C 340 -10.78 -14.31 16.83
C SER C 340 -9.51 -15.10 17.15
N ASP C 341 -9.00 -14.95 18.36
CA ASP C 341 -7.73 -15.56 18.71
C ASP C 341 -7.76 -17.10 18.71
N ARG C 342 -8.96 -17.65 18.51
CA ARG C 342 -9.13 -19.05 18.17
C ARG C 342 -8.20 -19.48 17.03
N TYR C 343 -7.94 -18.57 16.10
CA TYR C 343 -7.20 -18.92 14.91
C TYR C 343 -5.79 -18.35 14.91
N LYS C 344 -5.38 -17.84 16.06
CA LYS C 344 -4.08 -17.23 16.22
C LYS C 344 -3.11 -18.23 16.83
N VAL C 345 -2.47 -19.00 15.96
CA VAL C 345 -1.55 -20.07 16.30
C VAL C 345 -0.46 -19.66 17.28
N PHE C 346 0.03 -18.42 17.20
CA PHE C 346 1.08 -18.02 18.12
C PHE C 346 0.64 -17.01 19.19
N VAL C 347 -0.58 -17.18 19.73
CA VAL C 347 -1.15 -16.28 20.75
C VAL C 347 -0.21 -16.07 21.91
N ASP C 348 0.43 -17.15 22.32
CA ASP C 348 1.40 -17.12 23.40
C ASP C 348 2.44 -16.04 23.21
N LEU C 349 2.95 -15.89 22.00
CA LEU C 349 3.98 -14.88 21.77
C LEU C 349 3.38 -13.49 21.97
N PHE C 350 2.14 -13.31 21.52
CA PHE C 350 1.44 -12.05 21.81
C PHE C 350 1.29 -11.90 23.30
N ASN C 351 0.83 -12.95 23.96
CA ASN C 351 0.43 -12.84 25.37
C ASN C 351 1.61 -12.72 26.32
N LEU C 352 2.79 -13.17 25.90
CA LEU C 352 3.98 -12.92 26.69
C LEU C 352 4.17 -11.43 27.02
N SER C 353 3.60 -10.52 26.21
CA SER C 353 3.66 -9.09 26.53
C SER C 353 3.02 -8.72 27.88
N THR C 354 2.14 -9.59 28.37
CA THR C 354 1.55 -9.47 29.71
C THR C 354 2.57 -9.45 30.85
N TYR C 355 3.64 -10.23 30.68
CA TYR C 355 4.57 -10.51 31.75
C TYR C 355 5.83 -9.65 31.68
N LEU C 356 5.79 -8.59 30.89
CA LEU C 356 6.95 -7.72 30.75
C LEU C 356 7.26 -7.04 32.09
N ILE C 357 8.54 -7.01 32.46
CA ILE C 357 8.99 -6.43 33.72
C ILE C 357 9.98 -5.27 33.53
N PRO C 358 10.23 -4.47 34.59
CA PRO C 358 11.32 -3.50 34.53
C PRO C 358 12.66 -4.17 34.23
N ARG C 359 13.51 -3.49 33.45
CA ARG C 359 14.79 -4.04 33.04
C ARG C 359 15.58 -4.59 34.21
N HIS C 360 15.61 -3.84 35.31
CA HIS C 360 16.41 -4.14 36.49
C HIS C 360 16.16 -5.54 37.02
N TRP C 361 14.91 -5.97 36.95
CA TRP C 361 14.53 -7.27 37.48
C TRP C 361 15.13 -8.40 36.67
N ILE C 362 15.30 -8.20 35.37
CA ILE C 362 15.76 -9.28 34.51
C ILE C 362 17.13 -9.77 34.95
N PRO C 363 17.26 -11.09 35.18
CA PRO C 363 18.50 -11.72 35.65
C PRO C 363 19.72 -11.35 34.83
N LYS C 364 20.51 -10.42 35.37
CA LYS C 364 21.75 -9.95 34.77
C LYS C 364 22.61 -11.11 34.21
N MET C 365 23.29 -10.87 33.11
CA MET C 365 23.99 -11.98 32.48
C MET C 365 25.49 -11.91 32.68
N ASN C 366 26.01 -12.87 33.45
CA ASN C 366 27.44 -12.97 33.69
C ASN C 366 28.18 -13.36 32.42
N PRO C 367 29.46 -12.95 32.31
CA PRO C 367 30.33 -13.24 31.17
C PRO C 367 30.40 -14.70 30.73
N THR C 368 30.11 -15.64 31.61
CA THR C 368 30.05 -17.05 31.23
C THR C 368 29.05 -17.21 30.09
N ILE C 369 27.81 -16.80 30.36
CA ILE C 369 26.71 -16.97 29.42
C ILE C 369 26.72 -15.87 28.35
N HIS C 370 27.21 -14.69 28.72
CA HIS C 370 27.36 -13.60 27.76
C HIS C 370 28.23 -14.05 26.60
N LYS C 371 29.33 -14.74 26.92
CA LYS C 371 30.27 -15.26 25.90
C LYS C 371 29.69 -16.46 25.14
N PHE C 372 29.00 -17.32 25.87
CA PHE C 372 28.26 -18.45 25.31
C PHE C 372 27.28 -18.02 24.20
N LEU C 373 26.72 -16.82 24.34
CA LEU C 373 25.74 -16.32 23.39
C LEU C 373 26.35 -15.45 22.25
N GLU C 374 27.64 -15.65 21.98
CA GLU C 374 28.32 -15.00 20.86
C GLU C 374 28.55 -15.98 19.71
N HIS C 375 28.67 -15.47 18.50
CA HIS C 375 28.86 -16.34 17.34
C HIS C 375 30.27 -16.91 17.29
N GLY D 23 -22.43 -30.57 -9.45
CA GLY D 23 -22.48 -29.27 -8.79
C GLY D 23 -21.14 -28.57 -8.94
N LEU D 24 -21.14 -27.24 -8.97
CA LEU D 24 -19.93 -26.47 -9.26
C LEU D 24 -18.95 -26.49 -8.09
N ILE D 25 -17.69 -26.68 -8.37
CA ILE D 25 -16.69 -26.73 -7.32
C ILE D 25 -15.61 -25.68 -7.60
N TYR D 26 -15.31 -24.90 -6.56
CA TYR D 26 -14.21 -23.92 -6.51
C TYR D 26 -13.03 -24.24 -7.45
N GLY D 27 -12.27 -25.30 -7.17
CA GLY D 27 -11.15 -25.66 -8.03
C GLY D 27 -11.43 -25.78 -9.52
N ASN D 28 -12.57 -26.37 -9.87
CA ASN D 28 -12.97 -26.49 -11.27
C ASN D 28 -13.36 -25.18 -11.90
N TYR D 29 -14.21 -24.44 -11.19
CA TYR D 29 -14.61 -23.09 -11.58
C TYR D 29 -13.41 -22.22 -11.94
N LEU D 30 -12.38 -22.28 -11.10
CA LEU D 30 -11.21 -21.44 -11.26
C LEU D 30 -10.17 -22.05 -12.15
N HIS D 31 -10.48 -23.22 -12.71
CA HIS D 31 -9.53 -23.99 -13.53
C HIS D 31 -8.13 -24.05 -12.92
N LEU D 32 -8.15 -24.32 -11.61
CA LEU D 32 -6.98 -24.50 -10.81
C LEU D 32 -6.11 -25.68 -11.28
N GLU D 33 -6.67 -26.59 -12.07
CA GLU D 33 -5.90 -27.72 -12.61
C GLU D 33 -4.89 -27.24 -13.60
N LYS D 34 -5.17 -26.07 -14.17
CA LYS D 34 -4.22 -25.40 -15.03
C LYS D 34 -3.39 -24.42 -14.24
N VAL D 35 -4.05 -23.48 -13.55
CA VAL D 35 -3.36 -22.37 -12.88
C VAL D 35 -2.29 -22.86 -11.92
N LEU D 36 -2.61 -23.90 -11.17
CA LEU D 36 -1.69 -24.42 -10.16
C LEU D 36 -0.88 -25.62 -10.64
N ASN D 37 -0.81 -25.80 -11.95
CA ASN D 37 0.07 -26.80 -12.54
C ASN D 37 0.87 -26.21 -13.65
N ALA D 38 1.39 -25.02 -13.41
CA ALA D 38 1.99 -24.23 -14.46
C ALA D 38 3.33 -23.73 -13.99
N GLN D 39 3.88 -24.44 -13.02
CA GLN D 39 5.08 -24.02 -12.32
C GLN D 39 6.23 -25.03 -12.51
N GLU D 40 7.04 -24.80 -13.54
CA GLU D 40 8.18 -25.65 -13.81
C GLU D 40 9.51 -24.92 -13.56
N LEU D 41 10.15 -25.22 -12.43
CA LEU D 41 11.44 -24.63 -12.16
C LEU D 41 12.47 -25.17 -13.17
N GLN D 42 12.99 -24.28 -14.02
CA GLN D 42 14.01 -24.66 -15.01
C GLN D 42 15.29 -25.12 -14.35
N SER D 43 15.61 -24.56 -13.19
CA SER D 43 16.77 -25.06 -12.47
C SER D 43 16.56 -26.54 -12.10
N GLU D 44 15.32 -26.91 -11.74
CA GLU D 44 15.03 -28.29 -11.38
C GLU D 44 15.03 -29.20 -12.62
N THR D 45 14.43 -28.70 -13.69
CA THR D 45 14.35 -29.43 -14.95
C THR D 45 15.77 -29.65 -15.54
N LYS D 46 16.75 -28.90 -15.05
CA LYS D 46 18.11 -29.07 -15.52
C LYS D 46 18.98 -29.72 -14.47
N GLY D 47 18.42 -30.08 -13.31
CA GLY D 47 19.22 -30.83 -12.36
C GLY D 47 19.64 -30.23 -11.01
N ASN D 48 19.62 -28.90 -10.82
CA ASN D 48 19.66 -28.43 -9.43
C ASN D 48 18.63 -27.36 -9.08
N LYS D 49 17.55 -27.82 -8.47
CA LYS D 49 16.47 -26.98 -8.01
C LYS D 49 17.06 -25.83 -7.22
N ILE D 50 16.78 -24.60 -7.64
CA ILE D 50 17.07 -23.45 -6.81
C ILE D 50 15.75 -22.87 -6.24
N HIS D 51 15.65 -22.84 -4.92
CA HIS D 51 14.38 -22.55 -4.23
C HIS D 51 13.63 -21.32 -4.72
N ASP D 52 14.35 -20.20 -4.92
CA ASP D 52 13.72 -18.92 -5.24
C ASP D 52 13.19 -18.81 -6.67
N GLU D 53 13.54 -19.72 -7.57
CA GLU D 53 12.99 -19.64 -8.93
C GLU D 53 11.45 -19.71 -8.88
N HIS D 54 10.93 -20.45 -7.90
CA HIS D 54 9.47 -20.51 -7.68
C HIS D 54 8.83 -19.13 -7.52
N LEU D 55 9.42 -18.33 -6.65
CA LEU D 55 9.01 -16.96 -6.45
C LEU D 55 9.08 -16.17 -7.73
N PHE D 56 10.11 -16.43 -8.51
CA PHE D 56 10.30 -15.72 -9.76
C PHE D 56 9.18 -16.07 -10.73
N ILE D 57 8.84 -17.36 -10.79
CA ILE D 57 7.79 -17.83 -11.70
C ILE D 57 6.40 -17.36 -11.25
N ILE D 58 6.07 -17.53 -9.97
CA ILE D 58 4.77 -17.12 -9.45
C ILE D 58 4.51 -15.61 -9.64
N THR D 59 5.52 -14.80 -9.34
CA THR D 59 5.43 -13.35 -9.45
C THR D 59 5.01 -12.95 -10.86
N HIS D 60 5.70 -13.48 -11.86
CA HIS D 60 5.36 -13.19 -13.26
C HIS D 60 3.95 -13.67 -13.65
N GLN D 61 3.57 -14.85 -13.18
CA GLN D 61 2.25 -15.38 -13.53
C GLN D 61 1.15 -14.48 -12.96
N ALA D 62 1.36 -13.98 -11.74
CA ALA D 62 0.37 -13.09 -11.15
C ALA D 62 0.27 -11.82 -12.01
N TYR D 63 1.42 -11.23 -12.37
CA TYR D 63 1.46 -10.04 -13.24
C TYR D 63 0.69 -10.28 -14.49
N GLU D 64 0.94 -11.43 -15.11
CA GLU D 64 0.30 -11.73 -16.38
C GLU D 64 -1.20 -11.95 -16.22
N LEU D 65 -1.61 -12.60 -15.13
CA LEU D 65 -3.03 -12.71 -14.78
C LEU D 65 -3.65 -11.32 -14.70
N TRP D 66 -2.98 -10.37 -14.04
CA TRP D 66 -3.51 -9.00 -13.96
C TRP D 66 -3.43 -8.25 -15.30
N PHE D 67 -2.41 -8.50 -16.12
CA PHE D 67 -2.37 -7.95 -17.49
C PHE D 67 -3.61 -8.41 -18.27
N LYS D 68 -3.93 -9.69 -18.20
CA LYS D 68 -5.14 -10.17 -18.86
C LYS D 68 -6.39 -9.43 -18.38
N GLN D 69 -6.49 -9.17 -17.07
CA GLN D 69 -7.61 -8.41 -16.53
C GLN D 69 -7.62 -7.00 -17.06
N ILE D 70 -6.45 -6.37 -17.06
CA ILE D 70 -6.38 -5.00 -17.55
C ILE D 70 -6.82 -4.95 -19.01
N LEU D 71 -6.31 -5.86 -19.84
CA LEU D 71 -6.72 -5.91 -21.23
C LEU D 71 -8.25 -6.12 -21.38
N TRP D 72 -8.81 -6.98 -20.54
CA TRP D 72 -10.23 -7.24 -20.48
C TRP D 72 -11.04 -5.94 -20.23
N GLU D 73 -10.67 -5.16 -19.22
CA GLU D 73 -11.33 -3.89 -18.96
C GLU D 73 -11.10 -2.94 -20.11
N LEU D 74 -9.84 -2.84 -20.47
CA LEU D 74 -9.41 -1.92 -21.50
C LEU D 74 -10.15 -2.13 -22.81
N ASP D 75 -10.27 -3.39 -23.26
CA ASP D 75 -10.99 -3.63 -24.53
C ASP D 75 -12.48 -3.35 -24.44
N SER D 76 -13.13 -3.68 -23.30
CA SER D 76 -14.55 -3.40 -23.18
C SER D 76 -14.79 -1.89 -23.28
N VAL D 77 -13.84 -1.10 -22.76
CA VAL D 77 -14.00 0.34 -22.79
C VAL D 77 -13.75 0.87 -24.22
N ARG D 78 -12.66 0.44 -24.87
CA ARG D 78 -12.45 0.80 -26.29
C ARG D 78 -13.72 0.53 -27.12
N GLU D 79 -14.33 -0.62 -26.88
CA GLU D 79 -15.51 -1.01 -27.64
C GLU D 79 -16.71 -0.10 -27.35
N ILE D 80 -16.94 0.25 -26.09
CA ILE D 80 -17.96 1.21 -25.70
C ILE D 80 -17.78 2.53 -26.46
N PHE D 81 -16.52 2.91 -26.68
CA PHE D 81 -16.22 4.08 -27.50
C PHE D 81 -16.46 3.81 -28.97
N GLN D 82 -15.87 2.72 -29.47
CA GLN D 82 -15.82 2.45 -30.89
C GLN D 82 -17.20 2.15 -31.46
N ASN D 83 -18.12 1.65 -30.64
CA ASN D 83 -19.44 1.28 -31.14
C ASN D 83 -20.50 2.34 -30.94
N GLY D 84 -20.12 3.49 -30.39
CA GLY D 84 -21.05 4.59 -30.24
C GLY D 84 -21.79 4.67 -28.90
N HIS D 85 -21.71 3.62 -28.08
CA HIS D 85 -22.44 3.63 -26.82
C HIS D 85 -22.05 4.80 -25.93
N VAL D 86 -20.79 5.24 -26.02
CA VAL D 86 -20.28 6.30 -25.17
C VAL D 86 -21.01 7.62 -25.45
N ARG D 87 -21.77 7.63 -26.54
CA ARG D 87 -22.52 8.82 -26.91
C ARG D 87 -23.66 8.94 -25.94
N ASP D 88 -24.17 7.81 -25.45
CA ASP D 88 -25.24 7.84 -24.46
C ASP D 88 -24.62 8.03 -23.10
N GLU D 89 -24.81 9.22 -22.53
CA GLU D 89 -24.06 9.55 -21.35
C GLU D 89 -24.39 8.69 -20.11
N ARG D 90 -25.40 7.82 -20.20
CA ARG D 90 -25.65 6.88 -19.10
C ARG D 90 -24.51 5.86 -18.96
N ASN D 91 -23.70 5.71 -20.00
CA ASN D 91 -22.62 4.75 -19.96
C ASN D 91 -21.33 5.28 -19.34
N MET D 92 -21.27 6.55 -19.00
CA MET D 92 -20.04 7.10 -18.43
C MET D 92 -19.65 6.48 -17.07
N LEU D 93 -20.61 6.17 -16.21
CA LEU D 93 -20.26 5.59 -14.90
C LEU D 93 -19.50 4.29 -15.12
N LYS D 94 -19.98 3.48 -16.07
CA LYS D 94 -19.34 2.22 -16.40
C LYS D 94 -17.95 2.45 -16.99
N VAL D 95 -17.87 3.38 -17.95
CA VAL D 95 -16.57 3.75 -18.53
C VAL D 95 -15.53 4.15 -17.47
N VAL D 96 -15.88 5.12 -16.62
CA VAL D 96 -14.97 5.62 -15.59
C VAL D 96 -14.65 4.59 -14.51
N SER D 97 -15.62 3.76 -14.16
CA SER D 97 -15.38 2.68 -13.18
C SER D 97 -14.35 1.70 -13.66
N ARG D 98 -14.44 1.31 -14.92
CA ARG D 98 -13.48 0.34 -15.45
C ARG D 98 -12.09 0.94 -15.59
N MET D 99 -12.02 2.22 -15.98
CA MET D 99 -10.72 2.87 -16.11
C MET D 99 -10.11 3.04 -14.74
N HIS D 100 -10.91 3.49 -13.80
CA HIS D 100 -10.46 3.59 -12.45
C HIS D 100 -10.01 2.23 -11.90
N ARG D 101 -10.72 1.19 -12.28
CA ARG D 101 -10.37 -0.15 -11.87
C ARG D 101 -9.01 -0.56 -12.48
N VAL D 102 -8.79 -0.28 -13.77
CA VAL D 102 -7.47 -0.47 -14.34
C VAL D 102 -6.36 0.21 -13.49
N SER D 103 -6.57 1.45 -13.08
CA SER D 103 -5.54 2.10 -12.28
C SER D 103 -5.43 1.48 -10.87
N VAL D 104 -6.49 0.90 -10.34
CA VAL D 104 -6.36 0.22 -9.05
C VAL D 104 -5.53 -1.07 -9.15
N ILE D 105 -5.74 -1.82 -10.23
CA ILE D 105 -4.90 -2.98 -10.49
C ILE D 105 -3.44 -2.54 -10.67
N LEU D 106 -3.23 -1.48 -11.43
CA LEU D 106 -1.89 -1.02 -11.71
C LEU D 106 -1.20 -0.63 -10.44
N LYS D 107 -1.96 -0.06 -9.50
CA LYS D 107 -1.37 0.26 -8.19
C LYS D 107 -0.86 -0.99 -7.50
N LEU D 108 -1.69 -2.04 -7.48
CA LEU D 108 -1.25 -3.31 -6.90
C LEU D 108 -0.03 -3.87 -7.64
N LEU D 109 -0.02 -3.73 -8.96
CA LEU D 109 1.10 -4.23 -9.72
C LEU D 109 2.39 -3.47 -9.36
N VAL D 110 2.29 -2.16 -9.11
CA VAL D 110 3.47 -1.41 -8.73
C VAL D 110 3.98 -1.92 -7.39
N GLN D 111 3.05 -2.11 -6.45
CA GLN D 111 3.39 -2.60 -5.12
C GLN D 111 3.89 -4.04 -5.15
N GLN D 112 3.45 -4.78 -6.15
CA GLN D 112 3.81 -6.20 -6.21
C GLN D 112 5.34 -6.44 -6.30
N PHE D 113 6.12 -5.46 -6.81
CA PHE D 113 7.59 -5.61 -6.84
C PHE D 113 8.21 -5.85 -5.47
N SER D 114 7.53 -5.41 -4.44
CA SER D 114 8.01 -5.59 -3.09
C SER D 114 8.21 -7.06 -2.76
N ILE D 115 7.38 -7.93 -3.34
CA ILE D 115 7.54 -9.37 -3.12
C ILE D 115 8.83 -9.91 -3.76
N LEU D 116 9.10 -9.48 -4.99
CA LEU D 116 10.31 -9.92 -5.67
C LEU D 116 11.56 -9.31 -5.03
N GLU D 117 11.43 -8.15 -4.43
CA GLU D 117 12.54 -7.58 -3.72
C GLU D 117 12.93 -8.41 -2.49
N THR D 118 12.13 -9.39 -2.07
CA THR D 118 12.64 -10.29 -1.01
C THR D 118 13.64 -11.32 -1.56
N MET D 119 13.89 -11.32 -2.86
CA MET D 119 14.89 -12.20 -3.44
C MET D 119 16.20 -11.44 -3.56
N THR D 120 17.26 -11.95 -2.95
CA THR D 120 18.58 -11.29 -3.05
C THR D 120 19.16 -11.53 -4.43
N ALA D 121 20.07 -10.66 -4.85
CA ALA D 121 20.76 -10.79 -6.14
C ALA D 121 21.66 -12.04 -6.17
N LEU D 122 22.22 -12.40 -5.02
CA LEU D 122 23.02 -13.61 -4.90
C LEU D 122 22.18 -14.86 -5.19
N ASP D 123 20.98 -14.92 -4.62
CA ASP D 123 20.12 -16.08 -4.86
C ASP D 123 19.54 -16.03 -6.28
N PHE D 124 19.23 -14.82 -6.76
CA PHE D 124 18.72 -14.74 -8.12
C PHE D 124 19.79 -15.29 -9.07
N ASN D 125 21.04 -14.97 -8.79
CA ASN D 125 22.21 -15.42 -9.56
C ASN D 125 22.36 -16.94 -9.66
N ASP D 126 21.86 -17.68 -8.68
CA ASP D 126 21.93 -19.12 -8.76
C ASP D 126 20.99 -19.78 -9.80
N PHE D 127 20.04 -19.06 -10.40
CA PHE D 127 19.23 -19.73 -11.45
C PHE D 127 19.06 -18.87 -12.69
N ARG D 128 19.70 -17.70 -12.68
CA ARG D 128 19.58 -16.80 -13.81
C ARG D 128 19.98 -17.48 -15.13
N GLU D 129 21.07 -18.25 -15.11
CA GLU D 129 21.52 -18.97 -16.31
C GLU D 129 20.43 -19.83 -16.97
N TYR D 130 19.50 -20.39 -16.20
CA TYR D 130 18.49 -21.28 -16.76
C TYR D 130 17.37 -20.55 -17.48
N LEU D 131 17.34 -19.23 -17.32
CA LEU D 131 16.30 -18.41 -17.94
C LEU D 131 16.56 -18.16 -19.39
N SER D 132 17.84 -18.01 -19.75
CA SER D 132 18.21 -17.49 -21.08
C SER D 132 17.81 -18.43 -22.20
N PRO D 133 17.30 -17.87 -23.32
CA PRO D 133 17.20 -16.46 -23.67
C PRO D 133 15.84 -15.81 -23.41
N ALA D 134 15.03 -16.31 -22.47
CA ALA D 134 13.72 -15.70 -22.21
C ALA D 134 13.92 -14.37 -21.52
N SER D 135 13.03 -13.41 -21.79
CA SER D 135 12.95 -12.16 -21.01
C SER D 135 11.56 -11.53 -21.08
N GLY D 136 11.36 -10.53 -20.21
CA GLY D 136 10.13 -9.78 -20.13
C GLY D 136 9.80 -9.13 -21.46
N PHE D 137 10.84 -8.90 -22.25
CA PHE D 137 10.68 -8.39 -23.59
C PHE D 137 9.70 -9.22 -24.42
N GLN D 138 9.54 -10.49 -24.05
CA GLN D 138 8.68 -11.37 -24.81
C GLN D 138 7.22 -11.45 -24.29
N SER D 139 6.83 -10.63 -23.32
CA SER D 139 5.45 -10.72 -22.81
C SER D 139 4.47 -10.15 -23.83
N LEU D 140 3.69 -11.04 -24.43
CA LEU D 140 2.70 -10.65 -25.42
C LEU D 140 1.68 -9.67 -24.84
N GLN D 141 1.22 -9.96 -23.64
CA GLN D 141 0.23 -9.10 -23.01
C GLN D 141 0.77 -7.70 -22.67
N PHE D 142 2.01 -7.60 -22.16
CA PHE D 142 2.54 -6.26 -21.86
C PHE D 142 2.56 -5.41 -23.11
N ARG D 143 2.87 -6.03 -24.24
CA ARG D 143 2.87 -5.31 -25.51
C ARG D 143 1.46 -4.91 -25.96
N LEU D 144 0.51 -5.83 -25.88
CA LEU D 144 -0.87 -5.48 -26.27
C LEU D 144 -1.37 -4.28 -25.45
N LEU D 145 -1.10 -4.32 -24.15
CA LEU D 145 -1.43 -3.24 -23.25
C LEU D 145 -0.83 -1.89 -23.71
N GLU D 146 0.48 -1.85 -23.91
CA GLU D 146 1.10 -0.62 -24.41
C GLU D 146 0.41 -0.15 -25.68
N ASN D 147 0.09 -1.07 -26.58
CA ASN D 147 -0.46 -0.69 -27.88
C ASN D 147 -1.86 -0.20 -27.79
N LYS D 148 -2.68 -0.92 -27.02
CA LYS D 148 -4.09 -0.63 -26.96
C LYS D 148 -4.37 0.72 -26.26
N ILE D 149 -3.50 1.08 -25.30
CA ILE D 149 -3.61 2.39 -24.67
C ILE D 149 -3.25 3.46 -25.68
N GLY D 150 -2.19 3.21 -26.45
CA GLY D 150 -1.80 4.08 -27.57
C GLY D 150 -0.33 4.46 -27.69
N VAL D 151 0.56 3.64 -27.14
CA VAL D 151 1.99 3.82 -27.33
C VAL D 151 2.36 3.72 -28.80
N LEU D 152 2.91 4.80 -29.36
CA LEU D 152 3.20 4.75 -30.80
C LEU D 152 4.53 4.07 -31.09
N GLN D 153 4.54 3.24 -32.13
CA GLN D 153 5.73 2.43 -32.43
C GLN D 153 6.92 3.30 -32.87
N ASN D 154 6.67 4.30 -33.71
CA ASN D 154 7.73 5.16 -34.21
C ASN D 154 8.32 6.03 -33.12
N MET D 155 7.65 6.06 -31.97
CA MET D 155 8.17 6.76 -30.79
C MET D 155 8.85 5.76 -29.83
N ARG D 156 8.74 4.47 -30.10
CA ARG D 156 9.38 3.49 -29.20
C ARG D 156 10.90 3.58 -29.31
N VAL D 157 11.56 3.68 -28.15
CA VAL D 157 13.00 3.51 -28.07
C VAL D 157 13.39 2.14 -28.61
N PRO D 158 14.18 2.08 -29.70
CA PRO D 158 14.49 0.76 -30.27
C PRO D 158 15.41 -0.02 -29.34
N TYR D 159 15.28 -1.34 -29.36
CA TYR D 159 16.12 -2.18 -28.52
C TYR D 159 17.10 -2.91 -29.42
N ASN D 160 18.39 -2.79 -29.12
CA ASN D 160 19.35 -3.52 -29.92
C ASN D 160 19.21 -3.16 -31.40
N ARG D 161 19.04 -1.87 -31.65
CA ARG D 161 18.86 -1.33 -33.00
C ARG D 161 17.69 -1.92 -33.77
N ARG D 162 16.66 -2.41 -33.08
CA ARG D 162 15.55 -3.04 -33.78
C ARG D 162 14.18 -2.80 -33.17
N HIS D 163 13.16 -3.36 -33.82
CA HIS D 163 11.76 -3.09 -33.50
C HIS D 163 11.21 -4.13 -32.53
N TYR D 164 10.39 -3.65 -31.58
CA TYR D 164 9.91 -4.46 -30.49
C TYR D 164 9.20 -5.70 -31.03
N ARG D 165 8.54 -5.55 -32.17
CA ARG D 165 7.75 -6.67 -32.67
C ARG D 165 8.63 -7.80 -33.26
N ASP D 166 9.87 -7.48 -33.64
CA ASP D 166 10.75 -8.43 -34.35
C ASP D 166 10.76 -9.83 -33.77
N ASN D 167 10.96 -9.96 -32.47
CA ASN D 167 11.17 -11.28 -31.89
C ASN D 167 9.87 -12.02 -31.62
N PHE D 168 8.74 -11.36 -31.77
CA PHE D 168 7.47 -12.08 -31.79
C PHE D 168 7.27 -12.66 -33.17
N LYS D 169 6.60 -13.80 -33.25
CA LYS D 169 6.36 -14.40 -34.54
C LYS D 169 5.03 -15.15 -34.61
N GLY D 170 4.62 -15.51 -35.82
CA GLY D 170 3.39 -16.25 -36.02
C GLY D 170 2.12 -15.55 -35.57
N GLU D 171 1.28 -16.32 -34.88
CA GLU D 171 0.01 -15.87 -34.32
C GLU D 171 0.16 -14.62 -33.47
N GLU D 172 1.14 -14.66 -32.57
CA GLU D 172 1.36 -13.55 -31.67
C GLU D 172 1.74 -12.29 -32.43
N ASN D 173 2.52 -12.46 -33.49
CA ASN D 173 2.93 -11.34 -34.29
C ASN D 173 1.74 -10.65 -34.95
N GLU D 174 0.81 -11.46 -35.42
CA GLU D 174 -0.41 -10.95 -36.05
C GLU D 174 -1.20 -10.17 -35.03
N LEU D 175 -1.36 -10.77 -33.87
CA LEU D 175 -2.14 -10.20 -32.81
C LEU D 175 -1.62 -8.80 -32.46
N LEU D 176 -0.30 -8.65 -32.38
CA LEU D 176 0.31 -7.35 -32.11
C LEU D 176 0.05 -6.38 -33.24
N LEU D 177 0.10 -6.87 -34.47
CA LEU D 177 -0.11 -6.02 -35.62
C LEU D 177 -1.48 -5.37 -35.48
N LYS D 178 -2.48 -6.24 -35.31
CA LYS D 178 -3.84 -5.84 -35.08
C LYS D 178 -3.95 -4.81 -33.96
N SER D 179 -3.20 -5.02 -32.87
CA SER D 179 -3.30 -4.11 -31.75
C SER D 179 -2.65 -2.76 -32.09
N GLU D 180 -1.78 -2.75 -33.11
CA GLU D 180 -1.15 -1.51 -33.57
C GLU D 180 -2.07 -0.72 -34.50
N GLN D 181 -2.84 -1.46 -35.28
CA GLN D 181 -3.63 -0.88 -36.36
C GLN D 181 -5.01 -0.44 -35.90
N GLU D 182 -5.62 -1.27 -35.06
CA GLU D 182 -6.94 -0.99 -34.52
C GLU D 182 -6.92 0.30 -33.68
N LYS D 183 -8.03 1.01 -33.67
CA LYS D 183 -8.15 2.25 -32.89
C LYS D 183 -7.74 2.06 -31.44
N THR D 184 -6.82 2.90 -30.97
CA THR D 184 -6.36 2.87 -29.60
C THR D 184 -7.25 3.70 -28.67
N LEU D 185 -7.06 3.49 -27.38
CA LEU D 185 -7.75 4.29 -26.39
C LEU D 185 -7.55 5.77 -26.67
N LEU D 186 -6.31 6.12 -27.02
CA LEU D 186 -5.96 7.51 -27.24
C LEU D 186 -6.77 8.09 -28.39
N GLU D 187 -6.83 7.35 -29.49
CA GLU D 187 -7.60 7.80 -30.64
C GLU D 187 -9.10 7.87 -30.31
N LEU D 188 -9.60 6.92 -29.52
CA LEU D 188 -11.01 6.86 -29.22
C LEU D 188 -11.44 8.01 -28.30
N VAL D 189 -10.57 8.32 -27.37
CA VAL D 189 -10.86 9.40 -26.45
C VAL D 189 -10.76 10.72 -27.20
N GLU D 190 -9.72 10.83 -28.02
CA GLU D 190 -9.55 11.97 -28.92
C GLU D 190 -10.85 12.25 -29.68
N ALA D 191 -11.37 11.26 -30.39
CA ALA D 191 -12.57 11.45 -31.20
C ALA D 191 -13.76 11.98 -30.36
N TRP D 192 -14.06 11.29 -29.26
CA TRP D 192 -15.06 11.73 -28.28
C TRP D 192 -14.78 13.17 -27.75
N LEU D 193 -13.52 13.50 -27.51
CA LEU D 193 -13.15 14.85 -27.08
C LEU D 193 -13.48 15.92 -28.14
N GLU D 194 -13.39 15.55 -29.40
CA GLU D 194 -13.72 16.49 -30.48
C GLU D 194 -15.21 16.87 -30.54
N ARG D 195 -16.08 15.99 -30.04
CA ARG D 195 -17.51 16.29 -29.97
C ARG D 195 -17.91 16.95 -28.65
N THR D 196 -16.95 17.35 -27.83
CA THR D 196 -17.28 17.97 -26.56
C THR D 196 -18.17 19.19 -26.76
N PRO D 197 -19.35 19.21 -26.11
CA PRO D 197 -20.26 20.35 -26.22
C PRO D 197 -19.58 21.61 -25.73
N GLY D 198 -19.73 22.72 -26.45
CA GLY D 198 -19.18 24.00 -26.04
C GLY D 198 -18.22 24.60 -27.06
N LEU D 199 -17.61 23.73 -27.85
CA LEU D 199 -16.53 24.19 -28.71
C LEU D 199 -17.06 24.96 -29.89
N GLU D 200 -18.22 24.55 -30.39
CA GLU D 200 -18.73 25.04 -31.66
C GLU D 200 -18.76 26.58 -31.73
N PRO D 201 -18.17 27.13 -32.80
CA PRO D 201 -17.95 28.55 -33.04
C PRO D 201 -19.22 29.34 -32.98
N HIS D 202 -20.29 28.78 -33.52
CA HIS D 202 -21.57 29.47 -33.50
C HIS D 202 -22.40 29.12 -32.28
N GLY D 203 -21.76 28.52 -31.27
CA GLY D 203 -22.44 28.07 -30.07
C GLY D 203 -21.99 28.84 -28.83
N PHE D 204 -21.49 28.12 -27.82
CA PHE D 204 -20.85 28.77 -26.66
C PHE D 204 -19.50 29.36 -27.08
N ASN D 205 -18.94 28.90 -28.19
CA ASN D 205 -17.72 29.46 -28.76
C ASN D 205 -16.60 29.52 -27.74
N PHE D 206 -16.40 28.43 -27.03
CA PHE D 206 -15.40 28.37 -25.96
C PHE D 206 -14.04 28.97 -26.35
N TRP D 207 -13.44 28.50 -27.44
CA TRP D 207 -12.06 28.87 -27.78
C TRP D 207 -11.93 30.34 -28.09
N GLY D 208 -12.91 30.82 -28.86
CA GLY D 208 -12.96 32.20 -29.25
C GLY D 208 -13.03 33.05 -28.01
N LYS D 209 -13.95 32.71 -27.10
CA LYS D 209 -14.05 33.45 -25.85
C LYS D 209 -12.81 33.35 -24.99
N LEU D 210 -12.23 32.15 -24.93
CA LEU D 210 -11.03 31.94 -24.14
C LEU D 210 -9.88 32.85 -24.59
N GLU D 211 -9.69 32.97 -25.90
CA GLU D 211 -8.61 33.80 -26.42
C GLU D 211 -8.82 35.27 -26.03
N LYS D 212 -10.05 35.74 -26.20
CA LYS D 212 -10.45 37.07 -25.77
C LYS D 212 -10.26 37.28 -24.27
N ASN D 213 -10.69 36.33 -23.44
CA ASN D 213 -10.56 36.54 -22.00
C ASN D 213 -9.09 36.49 -21.55
N ILE D 214 -8.30 35.63 -22.19
CA ILE D 214 -6.88 35.58 -21.90
C ILE D 214 -6.16 36.85 -22.36
N THR D 215 -6.45 37.34 -23.56
CA THR D 215 -5.91 38.64 -23.97
C THR D 215 -6.27 39.77 -22.99
N ARG D 216 -7.52 39.85 -22.56
CA ARG D 216 -7.91 40.87 -21.59
C ARG D 216 -7.17 40.71 -20.26
N GLY D 217 -7.05 39.46 -19.78
CA GLY D 217 -6.42 39.21 -18.50
C GLY D 217 -4.98 39.66 -18.47
N LEU D 218 -4.28 39.32 -19.53
CA LEU D 218 -2.88 39.66 -19.68
C LEU D 218 -2.68 41.18 -19.72
N GLU D 219 -3.53 41.85 -20.47
CA GLU D 219 -3.46 43.29 -20.55
C GLU D 219 -3.74 43.91 -19.18
N GLU D 220 -4.72 43.37 -18.45
CA GLU D 220 -4.95 43.91 -17.12
C GLU D 220 -3.75 43.62 -16.23
N GLU D 221 -3.19 42.45 -16.43
CA GLU D 221 -2.02 42.03 -15.70
C GLU D 221 -0.86 42.98 -16.05
N PHE D 222 -0.70 43.29 -17.32
CA PHE D 222 0.43 44.10 -17.73
C PHE D 222 0.32 45.49 -17.16
N ILE D 223 -0.90 46.04 -17.19
CA ILE D 223 -1.14 47.40 -16.75
C ILE D 223 -0.86 47.53 -15.27
N ARG D 224 -1.14 46.48 -14.51
CA ARG D 224 -0.87 46.51 -13.08
C ARG D 224 0.62 46.56 -12.75
N ILE D 225 1.43 45.77 -13.48
CA ILE D 225 2.86 45.70 -13.20
C ILE D 225 3.54 47.08 -13.34
N GLN D 226 3.07 47.89 -14.29
CA GLN D 226 3.56 49.26 -14.43
C GLN D 226 3.59 49.97 -13.07
N ALA D 227 2.49 49.83 -12.32
CA ALA D 227 2.40 50.43 -11.00
C ALA D 227 3.51 49.92 -10.08
N GLU D 232 13.88 46.19 -8.64
CA GLU D 232 14.28 44.94 -9.28
C GLU D 232 13.18 43.91 -9.19
N GLU D 233 12.55 43.82 -8.03
CA GLU D 233 11.48 42.86 -7.81
C GLU D 233 10.32 43.14 -8.77
N LYS D 234 10.25 44.37 -9.27
CA LYS D 234 9.34 44.73 -10.35
C LYS D 234 9.82 44.14 -11.67
N GLU D 235 11.11 44.29 -11.94
CA GLU D 235 11.72 43.81 -13.18
C GLU D 235 11.61 42.29 -13.33
N GLU D 236 11.43 41.58 -12.23
CA GLU D 236 11.22 40.14 -12.29
C GLU D 236 9.86 39.81 -12.88
N GLN D 237 8.82 40.36 -12.26
CA GLN D 237 7.45 40.20 -12.71
C GLN D 237 7.30 40.47 -14.19
N VAL D 238 8.10 41.39 -14.70
CA VAL D 238 8.09 41.76 -16.11
C VAL D 238 8.48 40.61 -17.02
N ALA D 239 9.62 39.98 -16.73
CA ALA D 239 10.05 38.81 -17.50
C ALA D 239 9.12 37.64 -17.19
N GLU D 240 8.78 37.47 -15.92
CA GLU D 240 7.83 36.47 -15.46
C GLU D 240 6.51 36.55 -16.25
N PHE D 241 5.99 37.76 -16.40
CA PHE D 241 4.79 38.03 -17.21
C PHE D 241 5.03 37.70 -18.68
N GLN D 242 6.16 38.16 -19.19
CA GLN D 242 6.48 38.01 -20.61
C GLN D 242 6.57 36.53 -21.01
N LYS D 243 7.14 35.71 -20.13
CA LYS D 243 7.18 34.27 -20.38
C LYS D 243 5.77 33.72 -20.42
N GLN D 244 4.96 34.08 -19.42
CA GLN D 244 3.60 33.57 -19.30
C GLN D 244 2.73 34.02 -20.47
N LYS D 245 2.95 35.27 -20.89
CA LYS D 245 2.23 35.84 -22.02
C LYS D 245 2.49 34.97 -23.21
N GLU D 246 3.76 34.63 -23.40
CA GLU D 246 4.17 33.93 -24.60
C GLU D 246 3.61 32.52 -24.60
N VAL D 247 3.65 31.87 -23.44
CA VAL D 247 3.12 30.52 -23.29
C VAL D 247 1.61 30.43 -23.51
N LEU D 248 0.86 31.25 -22.78
CA LEU D 248 -0.60 31.29 -22.92
C LEU D 248 -1.06 31.55 -24.35
N LEU D 249 -0.52 32.60 -24.98
CA LEU D 249 -0.96 32.94 -26.31
C LEU D 249 -0.53 31.89 -27.33
N SER D 250 0.53 31.15 -27.03
CA SER D 250 0.99 30.07 -27.92
C SER D 250 -0.03 28.96 -28.07
N LEU D 251 -0.96 28.90 -27.13
CA LEU D 251 -2.03 27.92 -27.14
C LEU D 251 -2.94 28.10 -28.35
N PHE D 252 -3.09 29.35 -28.80
CA PHE D 252 -4.05 29.63 -29.87
C PHE D 252 -3.37 29.62 -31.24
N ASP D 253 -2.16 29.09 -31.26
CA ASP D 253 -1.37 28.94 -32.46
C ASP D 253 -1.51 27.52 -33.01
N GLU D 254 -2.54 27.27 -33.82
CA GLU D 254 -2.78 25.93 -34.33
C GLU D 254 -1.64 25.29 -35.17
N LYS D 255 -0.85 26.09 -35.88
CA LYS D 255 0.20 25.48 -36.69
C LYS D 255 1.33 24.95 -35.82
N ARG D 256 1.68 25.68 -34.78
CA ARG D 256 2.66 25.18 -33.81
C ARG D 256 2.21 23.84 -33.24
N HIS D 257 0.91 23.75 -32.95
CA HIS D 257 0.31 22.49 -32.53
C HIS D 257 0.50 21.39 -33.58
N GLU D 258 0.00 21.63 -34.79
CA GLU D 258 0.12 20.65 -35.89
C GLU D 258 1.57 20.19 -36.06
N HIS D 259 2.51 21.10 -35.90
CA HIS D 259 3.92 20.76 -36.04
C HIS D 259 4.35 19.81 -34.92
N LEU D 260 4.00 20.16 -33.68
CA LEU D 260 4.41 19.36 -32.54
C LEU D 260 3.74 18.00 -32.57
N LEU D 261 2.54 17.97 -33.15
CA LEU D 261 1.83 16.74 -33.39
C LEU D 261 2.73 15.79 -34.19
N SER D 262 3.24 16.27 -35.32
CA SER D 262 3.98 15.43 -36.27
C SER D 262 5.33 14.99 -35.71
N LYS D 263 5.94 15.82 -34.87
CA LYS D 263 7.13 15.40 -34.13
C LYS D 263 6.76 14.47 -32.97
N GLY D 264 5.49 14.07 -32.91
CA GLY D 264 5.00 13.19 -31.86
C GLY D 264 5.08 13.76 -30.47
N GLU D 265 5.32 15.07 -30.36
CA GLU D 265 5.50 15.67 -29.05
C GLU D 265 4.17 16.07 -28.46
N ARG D 266 3.14 16.01 -29.29
CA ARG D 266 1.75 16.08 -28.82
C ARG D 266 1.03 14.94 -29.53
N ARG D 267 -0.07 14.46 -28.96
CA ARG D 267 -0.76 13.29 -29.51
C ARG D 267 -2.18 13.61 -29.95
N LEU D 268 -2.84 14.49 -29.19
CA LEU D 268 -4.22 14.83 -29.42
C LEU D 268 -4.34 15.89 -30.50
N SER D 269 -5.33 15.74 -31.39
CA SER D 269 -5.72 16.81 -32.30
C SER D 269 -6.00 18.13 -31.58
N TYR D 270 -5.92 19.22 -32.32
CA TYR D 270 -6.20 20.54 -31.76
C TYR D 270 -7.62 20.63 -31.18
N ARG D 271 -8.62 20.13 -31.89
CA ARG D 271 -9.98 20.28 -31.41
C ARG D 271 -10.20 19.44 -30.15
N ALA D 272 -9.51 18.29 -30.07
CA ALA D 272 -9.63 17.38 -28.92
C ALA D 272 -9.12 18.06 -27.67
N LEU D 273 -7.96 18.68 -27.83
CA LEU D 273 -7.37 19.54 -26.84
C LEU D 273 -8.36 20.56 -26.31
N GLN D 274 -9.06 21.21 -27.23
CA GLN D 274 -10.08 22.18 -26.85
C GLN D 274 -11.15 21.52 -25.96
N GLY D 275 -11.65 20.37 -26.39
CA GLY D 275 -12.58 19.61 -25.55
C GLY D 275 -12.03 19.30 -24.16
N ALA D 276 -10.80 18.82 -24.09
CA ALA D 276 -10.19 18.54 -22.80
C ALA D 276 -10.08 19.79 -21.91
N LEU D 277 -9.67 20.91 -22.48
CA LEU D 277 -9.59 22.15 -21.69
C LEU D 277 -10.99 22.64 -21.29
N MET D 278 -11.95 22.43 -22.18
CA MET D 278 -13.36 22.70 -21.90
C MET D 278 -13.82 21.92 -20.66
N ILE D 279 -13.50 20.63 -20.62
CA ILE D 279 -13.91 19.77 -19.53
C ILE D 279 -13.13 20.11 -18.24
N TYR D 280 -11.86 20.51 -18.34
CA TYR D 280 -11.13 20.99 -17.17
C TYR D 280 -11.78 22.17 -16.52
N PHE D 281 -12.03 23.17 -17.34
CA PHE D 281 -12.47 24.46 -16.86
C PHE D 281 -13.88 24.37 -16.32
N TYR D 282 -14.73 23.55 -16.97
CA TYR D 282 -16.11 23.44 -16.54
C TYR D 282 -16.45 22.11 -15.89
N ARG D 283 -15.43 21.46 -15.32
CA ARG D 283 -15.59 20.14 -14.70
C ARG D 283 -16.79 20.05 -13.73
N GLU D 284 -17.12 21.14 -13.06
CA GLU D 284 -18.22 21.07 -12.11
C GLU D 284 -19.59 21.02 -12.79
N GLU D 285 -19.69 21.47 -14.06
CA GLU D 285 -20.96 21.34 -14.79
C GLU D 285 -21.34 19.85 -14.82
N PRO D 286 -22.57 19.54 -14.46
CA PRO D 286 -22.98 18.14 -14.28
C PRO D 286 -22.67 17.22 -15.48
N ARG D 287 -22.84 17.69 -16.72
CA ARG D 287 -22.50 16.83 -17.84
C ARG D 287 -20.97 16.59 -17.94
N PHE D 288 -20.17 17.33 -17.18
CA PHE D 288 -18.72 17.29 -17.35
C PHE D 288 -18.07 16.65 -16.13
N GLN D 289 -18.86 16.45 -15.08
CA GLN D 289 -18.34 15.82 -13.88
C GLN D 289 -17.67 14.44 -14.12
N VAL D 290 -18.39 13.48 -14.67
CA VAL D 290 -17.81 12.18 -14.89
C VAL D 290 -16.77 12.20 -16.03
N PRO D 291 -17.00 13.03 -17.08
CA PRO D 291 -15.92 13.24 -18.06
C PRO D 291 -14.57 13.67 -17.47
N PHE D 292 -14.63 14.63 -16.55
CA PHE D 292 -13.43 15.07 -15.87
C PHE D 292 -12.78 13.95 -15.07
N GLN D 293 -13.57 13.12 -14.38
CA GLN D 293 -13.02 11.96 -13.65
C GLN D 293 -12.28 11.03 -14.62
N LEU D 294 -12.85 10.84 -15.80
CA LEU D 294 -12.26 9.96 -16.78
C LEU D 294 -10.89 10.51 -17.17
N LEU D 295 -10.83 11.80 -17.49
CA LEU D 295 -9.57 12.44 -17.91
C LEU D 295 -8.51 12.27 -16.83
N THR D 296 -8.92 12.47 -15.59
CA THR D 296 -8.06 12.25 -14.44
C THR D 296 -7.60 10.79 -14.36
N SER D 297 -8.50 9.85 -14.66
CA SER D 297 -8.11 8.44 -14.69
C SER D 297 -7.07 8.12 -15.74
N LEU D 298 -7.20 8.70 -16.93
CA LEU D 298 -6.26 8.46 -18.02
C LEU D 298 -4.85 8.92 -17.59
N MET D 299 -4.76 10.10 -16.99
CA MET D 299 -3.48 10.53 -16.45
C MET D 299 -2.99 9.58 -15.38
N ASP D 300 -3.89 9.06 -14.55
CA ASP D 300 -3.57 8.09 -13.51
C ASP D 300 -2.88 6.86 -14.04
N ILE D 301 -3.48 6.34 -15.10
CA ILE D 301 -2.99 5.15 -15.77
C ILE D 301 -1.61 5.39 -16.37
N ASP D 302 -1.36 6.61 -16.84
CA ASP D 302 -0.08 6.97 -17.38
C ASP D 302 0.95 7.00 -16.26
N SER D 303 0.59 7.58 -15.12
CA SER D 303 1.55 7.63 -14.02
C SER D 303 1.86 6.25 -13.50
N LEU D 304 0.86 5.38 -13.47
CA LEU D 304 1.01 4.08 -12.90
C LEU D 304 1.85 3.20 -13.82
N MET D 305 1.60 3.26 -15.12
CA MET D 305 2.48 2.58 -16.07
C MET D 305 3.91 3.04 -15.91
N THR D 306 4.13 4.34 -15.77
CA THR D 306 5.51 4.79 -15.67
C THR D 306 6.12 4.37 -14.34
N LYS D 307 5.30 4.35 -13.30
CA LYS D 307 5.83 3.96 -12.00
C LYS D 307 6.15 2.47 -12.03
N TRP D 308 5.30 1.70 -12.71
CA TRP D 308 5.62 0.31 -12.95
C TRP D 308 7.02 0.18 -13.63
N ARG D 309 7.28 0.93 -14.70
CA ARG D 309 8.55 0.81 -15.41
C ARG D 309 9.71 1.20 -14.48
N TYR D 310 9.50 2.21 -13.64
CA TYR D 310 10.51 2.65 -12.70
C TYR D 310 10.80 1.60 -11.64
N ASN D 311 9.78 0.97 -11.06
CA ASN D 311 10.07 -0.01 -10.02
C ASN D 311 10.82 -1.22 -10.61
N HIS D 312 10.46 -1.57 -11.84
CA HIS D 312 11.13 -2.58 -12.60
C HIS D 312 12.61 -2.25 -12.68
N VAL D 313 12.95 -1.16 -13.37
CA VAL D 313 14.29 -0.57 -13.37
C VAL D 313 15.03 -0.63 -12.02
N CYS D 314 14.42 -0.10 -10.97
CA CYS D 314 15.07 -0.12 -9.66
C CYS D 314 15.37 -1.52 -9.18
N MET D 315 14.62 -2.50 -9.63
CA MET D 315 14.88 -3.82 -9.13
C MET D 315 16.01 -4.47 -9.93
N VAL D 316 15.90 -4.39 -11.24
CA VAL D 316 16.96 -4.84 -12.11
C VAL D 316 18.34 -4.31 -11.64
N HIS D 317 18.45 -3.03 -11.33
CA HIS D 317 19.68 -2.46 -10.83
C HIS D 317 20.29 -3.31 -9.75
N ARG D 318 19.49 -3.65 -8.74
CA ARG D 318 20.00 -4.46 -7.64
C ARG D 318 20.30 -5.91 -8.06
N MET D 319 19.55 -6.45 -9.02
CA MET D 319 19.76 -7.85 -9.40
C MET D 319 21.00 -8.02 -10.27
N LEU D 320 21.16 -7.11 -11.22
CA LEU D 320 22.08 -7.27 -12.32
C LEU D 320 23.25 -6.26 -12.27
N GLY D 321 23.15 -5.22 -11.45
CA GLY D 321 24.23 -4.26 -11.31
C GLY D 321 24.19 -3.18 -12.39
N SER D 330 22.73 -2.30 -24.07
CA SER D 330 21.54 -1.72 -23.44
C SER D 330 21.24 -2.35 -22.08
N GLY D 331 20.24 -3.24 -22.02
CA GLY D 331 19.83 -3.89 -20.80
C GLY D 331 19.17 -2.96 -19.77
N TYR D 332 19.80 -2.81 -18.62
CA TYR D 332 19.39 -1.86 -17.58
C TYR D 332 19.30 -0.46 -18.14
N HIS D 333 20.05 -0.22 -19.22
CA HIS D 333 20.05 1.08 -19.86
C HIS D 333 18.80 1.29 -20.72
N TYR D 334 18.40 0.26 -21.46
CA TYR D 334 17.20 0.40 -22.28
C TYR D 334 16.01 0.65 -21.35
N LEU D 335 15.93 -0.14 -20.27
CA LEU D 335 14.86 0.01 -19.30
C LEU D 335 14.79 1.46 -18.80
N ARG D 336 15.92 2.01 -18.36
CA ARG D 336 15.92 3.33 -17.73
C ARG D 336 15.44 4.38 -18.70
N SER D 337 15.57 4.05 -19.99
CA SER D 337 15.21 4.96 -21.06
C SER D 337 13.72 4.89 -21.42
N THR D 338 13.03 3.88 -20.90
CA THR D 338 11.58 3.77 -21.16
C THR D 338 10.82 4.62 -20.17
N VAL D 339 11.48 4.94 -19.05
CA VAL D 339 10.89 5.82 -18.05
C VAL D 339 11.00 7.26 -18.51
N SER D 340 10.14 7.62 -19.47
CA SER D 340 10.20 8.92 -20.09
C SER D 340 8.88 9.25 -20.79
N ASP D 341 8.66 10.52 -21.08
CA ASP D 341 7.41 10.95 -21.65
C ASP D 341 7.15 10.41 -23.06
N ARG D 342 8.08 9.62 -23.56
CA ARG D 342 7.91 8.95 -24.84
C ARG D 342 6.79 7.92 -24.72
N TYR D 343 6.68 7.29 -23.55
CA TYR D 343 5.72 6.21 -23.33
C TYR D 343 4.44 6.68 -22.64
N LYS D 344 4.30 8.01 -22.50
CA LYS D 344 3.20 8.65 -21.81
C LYS D 344 2.13 9.04 -22.82
N VAL D 345 1.19 8.13 -23.07
CA VAL D 345 0.23 8.31 -24.13
C VAL D 345 -0.63 9.59 -23.95
N PHE D 346 -0.96 9.97 -22.72
CA PHE D 346 -1.75 11.19 -22.55
C PHE D 346 -0.94 12.35 -22.00
N VAL D 347 0.26 12.58 -22.55
CA VAL D 347 1.09 13.73 -22.12
C VAL D 347 0.32 15.01 -22.22
N ASP D 348 -0.50 15.14 -23.28
CA ASP D 348 -1.27 16.35 -23.51
C ASP D 348 -2.14 16.67 -22.28
N LEU D 349 -2.68 15.65 -21.62
CA LEU D 349 -3.52 15.92 -20.45
C LEU D 349 -2.72 16.53 -19.28
N PHE D 350 -1.49 16.05 -19.07
CA PHE D 350 -0.62 16.63 -18.07
C PHE D 350 -0.27 18.07 -18.44
N ASN D 351 0.10 18.27 -19.69
CA ASN D 351 0.63 19.55 -20.13
C ASN D 351 -0.40 20.67 -20.13
N LEU D 352 -1.68 20.33 -20.20
CA LEU D 352 -2.73 21.34 -20.05
C LEU D 352 -2.55 22.20 -18.78
N SER D 353 -2.04 21.60 -17.70
CA SER D 353 -1.69 22.33 -16.48
C SER D 353 -0.83 23.58 -16.74
N THR D 354 0.01 23.53 -17.77
CA THR D 354 0.77 24.70 -18.24
C THR D 354 -0.15 25.92 -18.56
N TYR D 355 -1.37 25.67 -19.02
CA TYR D 355 -2.24 26.78 -19.41
C TYR D 355 -3.34 27.09 -18.43
N LEU D 356 -3.15 26.77 -17.17
CA LEU D 356 -4.14 27.14 -16.16
C LEU D 356 -4.10 28.64 -15.99
N ILE D 357 -5.25 29.25 -15.80
CA ILE D 357 -5.32 30.69 -15.74
C ILE D 357 -6.16 31.06 -14.51
N PRO D 358 -6.10 32.32 -14.10
CA PRO D 358 -6.93 32.64 -12.92
C PRO D 358 -8.38 32.36 -13.19
N ARG D 359 -9.05 31.81 -12.19
CA ARG D 359 -10.45 31.44 -12.27
C ARG D 359 -11.31 32.49 -12.99
N HIS D 360 -11.23 33.75 -12.59
CA HIS D 360 -12.08 34.75 -13.23
C HIS D 360 -11.64 35.19 -14.65
N TRP D 361 -10.69 34.49 -15.28
CA TRP D 361 -10.43 34.70 -16.70
C TRP D 361 -11.31 33.75 -17.51
N ILE D 362 -11.81 32.72 -16.85
CA ILE D 362 -12.55 31.66 -17.53
C ILE D 362 -13.88 32.20 -18.00
N PRO D 363 -14.17 32.09 -19.30
CA PRO D 363 -15.41 32.65 -19.87
C PRO D 363 -16.62 32.23 -19.07
N LYS D 364 -17.47 33.17 -18.67
CA LYS D 364 -18.58 32.87 -17.78
C LYS D 364 -19.65 32.09 -18.54
N MET D 365 -20.54 31.44 -17.81
CA MET D 365 -21.59 30.62 -18.41
C MET D 365 -23.02 31.11 -18.15
N ASN D 366 -23.74 31.41 -19.23
CA ASN D 366 -25.12 31.92 -19.17
C ASN D 366 -26.17 30.87 -18.82
O1 OXY E . -3.58 5.87 23.01
O2 OXY E . -4.09 4.85 22.58
CHA HEM F . -7.50 3.79 22.92
CHB HEM F . -3.29 1.50 23.66
CHC HEM F . -1.36 3.51 19.69
CHD HEM F . -5.29 6.33 19.38
C1A HEM F . -6.54 2.98 23.47
C2A HEM F . -6.69 2.11 24.61
C3A HEM F . -5.54 1.49 24.81
C4A HEM F . -4.61 1.92 23.80
CMA HEM F . -5.23 0.46 25.93
CAA HEM F . -7.99 1.97 25.44
CBA HEM F . -8.04 3.13 26.43
CGA HEM F . -7.07 2.78 27.54
O1A HEM F . -7.35 1.86 28.36
O2A HEM F . -6.00 3.43 27.63
C1B HEM F . -2.39 1.86 22.67
C2B HEM F . -1.01 1.43 22.60
C3B HEM F . -0.47 1.96 21.50
C4B HEM F . -1.49 2.77 20.85
CMB HEM F . -0.38 0.48 23.66
CAB HEM F . 0.97 1.84 20.95
CBB HEM F . 1.99 1.28 21.62
C1C HEM F . -2.26 4.47 19.28
C2C HEM F . -2.06 5.41 18.20
C3C HEM F . -3.11 6.21 18.14
C4C HEM F . -4.06 5.78 19.13
CMC HEM F . -0.81 5.53 17.32
CAC HEM F . -3.24 7.34 17.09
CBC HEM F . -3.86 8.50 17.36
C1D HEM F . -6.28 5.86 20.22
C2D HEM F . -7.66 6.31 20.24
C3D HEM F . -8.33 5.50 21.34
C4D HEM F . -7.30 4.66 21.88
CMD HEM F . -8.34 7.34 19.35
CAD HEM F . -9.81 5.52 21.76
CBD HEM F . -10.46 4.59 20.74
CGD HEM F . -11.90 4.19 21.09
O1D HEM F . -12.33 4.46 22.23
O2D HEM F . -12.62 3.59 20.24
NA HEM F . -5.25 2.83 22.99
NB HEM F . -2.64 2.68 21.59
NC HEM F . -3.50 4.72 19.81
ND HEM F . -6.10 4.89 21.19
FE HEM F . -4.37 3.70 21.26
N TRP G . -3.08 3.59 26.25
CA TRP G . -1.70 3.14 26.11
C TRP G . -1.35 2.04 27.10
O TRP G . -2.12 1.76 28.02
CB TRP G . -0.76 4.30 26.29
CG TRP G . -0.84 5.22 25.14
CD1 TRP G . -1.08 4.89 23.83
CD2 TRP G . -0.71 6.64 25.17
NE1 TRP G . -1.09 6.02 23.05
CE2 TRP G . -0.86 7.11 23.84
CE3 TRP G . -0.46 7.56 26.19
CZ2 TRP G . -0.78 8.46 23.52
CZ3 TRP G . -0.37 8.90 25.87
CH2 TRP G . -0.52 9.33 24.54
OXT TRP G . -0.30 1.42 26.99
N TRP H . -30.37 17.98 -5.54
CA TRP H . -31.80 18.08 -5.25
C TRP H . -32.04 18.36 -3.78
O TRP H . -33.19 18.49 -3.35
CB TRP H . -32.53 16.78 -5.63
CG TRP H . -31.98 15.50 -4.96
CD1 TRP H . -32.13 15.13 -3.64
CD2 TRP H . -31.21 14.46 -5.58
NE1 TRP H . -31.53 13.92 -3.43
CE2 TRP H . -30.95 13.49 -4.60
CE3 TRP H . -30.75 14.25 -6.89
CZ2 TRP H . -30.23 12.31 -4.89
CZ3 TRP H . -30.05 13.09 -7.17
CH2 TRP H . -29.79 12.13 -6.17
OXT TRP H . -31.09 18.45 -2.99
P PO4 I . -8.16 4.97 -5.14
O1 PO4 I . -9.18 5.78 -5.91
O2 PO4 I . -8.56 3.52 -5.14
O3 PO4 I . -8.07 5.46 -3.71
O4 PO4 I . -6.82 5.14 -5.82
O1 OXY J . 8.01 22.18 -2.06
O2 OXY J . 7.68 21.56 -3.04
CHA HEM K . 11.16 20.94 -4.58
CHB HEM K . 6.79 21.59 -6.63
CHC HEM K . 4.74 18.98 -3.03
CHD HEM K . 9.02 18.74 -0.77
C1A HEM K . 10.16 21.35 -5.47
C2A HEM K . 10.37 22.09 -6.70
C3A HEM K . 9.16 22.27 -7.27
C4A HEM K . 8.15 21.63 -6.42
CMA HEM K . 8.85 23.00 -8.59
CAA HEM K . 11.75 22.58 -7.24
CBA HEM K . 12.07 23.97 -6.66
CGA HEM K . 11.14 25.04 -7.23
O1A HEM K . 11.36 25.50 -8.39
O2A HEM K . 10.18 25.43 -6.54
C1B HEM K . 5.87 20.95 -5.81
C2B HEM K . 4.44 20.90 -6.04
C3B HEM K . 3.86 20.17 -5.06
C4B HEM K . 4.92 19.75 -4.18
CMB HEM K . 3.82 21.63 -7.23
CAB HEM K . 2.37 19.80 -4.79
CBB HEM K . 1.34 20.45 -5.37
C1C HEM K . 5.72 18.67 -2.11
C2C HEM K . 5.55 17.90 -0.90
C3C HEM K . 6.72 17.85 -0.27
C4C HEM K . 7.70 18.56 -1.08
CMC HEM K . 4.24 17.29 -0.39
CAC HEM K . 7.00 17.12 1.06
CBC HEM K . 7.72 17.72 2.01
C1D HEM K . 9.99 19.24 -1.61
C2D HEM K . 11.40 19.09 -1.37
C3D HEM K . 12.08 19.77 -2.56
C4D HEM K . 11.00 20.25 -3.40
CMD HEM K . 12.09 18.40 -0.17
CAD HEM K . 13.59 19.85 -2.80
CBD HEM K . 13.83 18.63 -3.70
CGD HEM K . 15.22 18.59 -4.33
O1D HEM K . 15.77 19.67 -4.63
O2D HEM K . 15.79 17.48 -4.53
NA HEM K . 8.81 21.09 -5.35
NB HEM K . 6.13 20.23 -4.66
NC HEM K . 7.05 19.06 -2.19
ND HEM K . 9.80 19.92 -2.80
FE HEM K . 7.98 19.98 -3.87
N TRP L . 7.46 24.80 -5.33
CA TRP L . 6.03 24.76 -5.64
C TRP L . 5.66 25.43 -6.96
O TRP L . 4.49 25.51 -7.28
CB TRP L . 5.24 25.41 -4.53
CG TRP L . 5.34 24.62 -3.28
CD1 TRP L . 5.33 23.26 -3.18
CD2 TRP L . 5.49 25.13 -1.95
NE1 TRP L . 5.47 22.89 -1.86
CE2 TRP L . 5.55 24.02 -1.09
CE3 TRP L . 5.55 26.42 -1.41
CZ2 TRP L . 5.68 24.15 0.29
CZ3 TRP L . 5.67 26.54 -0.04
CH2 TRP L . 5.72 25.42 0.80
OXT TRP L . 6.49 25.91 -7.72
N TRP M . 32.08 -5.32 15.11
CA TRP M . 33.51 -5.27 14.89
C TRP M . 33.95 -3.84 14.53
O TRP M . 33.13 -2.95 14.32
CB TRP M . 33.93 -6.25 13.77
CG TRP M . 33.36 -5.89 12.39
CD1 TRP M . 33.68 -4.81 11.64
CD2 TRP M . 32.41 -6.64 11.63
NE1 TRP M . 32.98 -4.82 10.47
CE2 TRP M . 32.20 -5.93 10.43
CE3 TRP M . 31.72 -7.84 11.85
CZ2 TRP M . 31.30 -6.37 9.44
CZ3 TRP M . 30.84 -8.29 10.86
CH2 TRP M . 30.65 -7.56 9.67
OXT TRP M . 35.15 -3.54 14.43
P PO4 N . 8.62 -4.58 5.26
O1 PO4 N . 8.36 -3.08 5.31
O2 PO4 N . 7.34 -5.30 5.64
O3 PO4 N . 9.71 -4.96 6.24
O4 PO4 N . 9.03 -4.96 3.85
CHA HEM O . -15.46 -18.03 2.58
CHB HEM O . -18.03 -14.63 0.25
CHC HEM O . -14.11 -13.21 -2.23
CHD HEM O . -11.59 -16.83 -0.18
C1A HEM O . -16.49 -17.22 2.18
C2A HEM O . -17.84 -17.26 2.69
C3A HEM O . -18.57 -16.34 2.04
C4A HEM O . -17.69 -15.66 1.10
CMA HEM O . -20.07 -16.04 2.28
CAA HEM O . -18.36 -18.25 3.74
CBA HEM O . -18.59 -19.53 2.96
CGA HEM O . -19.95 -19.53 2.27
O1A HEM O . -19.99 -19.61 1.03
O2A HEM O . -21.00 -19.45 2.96
C1B HEM O . -17.21 -13.97 -0.64
C2B HEM O . -17.60 -12.90 -1.53
C3B HEM O . -16.51 -12.51 -2.22
C4B HEM O . -15.41 -13.32 -1.77
CMB HEM O . -19.05 -12.35 -1.63
CAB HEM O . -16.33 -11.43 -3.30
CBB HEM O . -17.33 -10.70 -3.79
C1C HEM O . -13.09 -14.08 -1.91
C2C HEM O . -11.75 -14.05 -2.46
C3C HEM O . -11.06 -15.06 -1.92
C4C HEM O . -11.92 -15.74 -0.97
CMC HEM O . -11.27 -13.06 -3.53
CAC HEM O . -9.58 -15.41 -2.22
CBC HEM O . -9.19 -16.70 -2.33
C1D HEM O . -12.37 -17.45 0.79
C2D HEM O . -11.88 -18.47 1.69
C3D HEM O . -13.08 -18.86 2.54
C4D HEM O . -14.18 -18.02 2.08
CMD HEM O . -10.46 -19.07 1.81
CAD HEM O . -13.09 -19.86 3.70
CBD HEM O . -12.94 -18.86 4.85
CGD HEM O . -12.76 -19.52 6.18
O1D HEM O . -13.08 -20.72 6.30
O2D HEM O . -12.31 -18.82 7.13
NA HEM O . -16.43 -16.24 1.23
NB HEM O . -15.86 -14.19 -0.81
NC HEM O . -13.15 -15.10 -1.01
ND HEM O . -13.73 -17.23 1.05
FE HEM O . -14.77 -15.70 0.08
O NFK P . -21.66 -14.99 -2.29
C NFK P . -21.39 -16.13 -1.84
OXT NFK P . -22.29 -16.84 -1.33
CA NFK P . -19.98 -16.67 -1.92
N NFK P . -19.73 -17.64 -0.92
CB NFK P . -19.75 -17.28 -3.27
CG NFK P . -18.40 -16.89 -3.73
OD1 NFK P . -17.97 -15.79 -3.41
CD2 NFK P . -17.51 -17.78 -4.57
CAJ NFK P . -18.04 -18.61 -5.55
CAH NFK P . -17.19 -19.40 -6.31
CAG NFK P . -15.82 -19.36 -6.09
CAI NFK P . -15.30 -18.52 -5.11
CAO NFK P . -16.14 -17.72 -4.35
NAL NFK P . -15.64 -16.87 -3.32
CAF NFK P . -15.46 -17.49 -2.05
OAB NFK P . -15.03 -16.99 -1.02
N TRP Q . 20.37 -23.87 17.17
CA TRP Q . 20.55 -24.74 18.34
C TRP Q . 19.52 -25.84 18.35
O TRP Q . 18.60 -25.85 17.53
CB TRP Q . 20.44 -23.96 19.64
CG TRP Q . 19.10 -23.29 19.82
CD1 TRP Q . 17.89 -23.91 20.03
CD2 TRP Q . 18.83 -21.89 19.83
NE1 TRP Q . 16.89 -22.97 20.15
CE2 TRP Q . 17.44 -21.72 20.03
CE3 TRP Q . 19.63 -20.75 19.70
CZ2 TRP Q . 16.84 -20.47 20.10
CZ3 TRP Q . 19.03 -19.50 19.77
CH2 TRP Q . 17.65 -19.37 19.97
OXT TRP Q . 19.57 -26.73 19.22
CHA HEM R . 12.47 -6.34 -19.62
CHB HEM R . 15.31 -8.03 -16.08
CHC HEM R . 11.37 -8.84 -13.28
CHD HEM R . 8.55 -7.86 -17.05
C1A HEM R . 13.58 -6.69 -18.90
C2A HEM R . 14.94 -6.48 -19.30
C3A HEM R . 15.72 -6.95 -18.31
C4A HEM R . 14.88 -7.45 -17.25
CMA HEM R . 17.27 -6.94 -18.27
CAA HEM R . 15.40 -5.84 -20.62
CBA HEM R . 15.32 -6.85 -21.76
CGA HEM R . 16.38 -7.89 -21.55
O1A HEM R . 17.58 -7.54 -21.30
O2A HEM R . 16.04 -9.10 -21.66
C1B HEM R . 14.47 -8.38 -15.03
C2B HEM R . 14.94 -8.85 -13.75
C3B HEM R . 13.85 -9.05 -12.98
C4B HEM R . 12.66 -8.75 -13.76
CMB HEM R . 16.44 -9.02 -13.41
CAB HEM R . 13.72 -9.56 -11.52
CBB HEM R . 14.61 -10.35 -10.92
C1C HEM R . 10.24 -8.68 -14.03
C2C HEM R . 8.86 -8.91 -13.62
C3C HEM R . 8.06 -8.66 -14.69
C4C HEM R . 8.92 -8.21 -15.77
CMC HEM R . 8.42 -9.42 -12.24
CAC HEM R . 6.52 -8.79 -14.70
CBC HEM R . 5.86 -9.14 -15.84
C1D HEM R . 9.35 -7.29 -18.01
C2D HEM R . 8.80 -6.62 -19.18
C3D HEM R . 10.01 -6.15 -19.98
C4D HEM R . 11.17 -6.57 -19.22
CMD HEM R . 7.33 -6.38 -19.58
CAD HEM R . 9.90 -5.36 -21.28
CBD HEM R . 9.88 -3.89 -20.80
CGD HEM R . 9.86 -2.90 -21.93
O1D HEM R . 10.04 -3.32 -23.10
O2D HEM R . 9.65 -1.68 -21.66
NA HEM R . 13.57 -7.28 -17.65
NB HEM R . 13.08 -8.33 -15.01
NC HEM R . 10.23 -8.25 -15.33
ND HEM R . 10.76 -7.25 -18.06
FE HEM R . 11.90 -7.67 -16.39
O NFK S . 19.11 -11.28 -18.24
C NFK S . 18.03 -11.27 -17.58
OXT NFK S . 18.09 -11.55 -16.34
CA NFK S . 16.73 -10.88 -18.27
N NFK S . 16.98 -10.10 -19.42
CB NFK S . 15.82 -12.02 -18.69
CG NFK S . 14.83 -12.24 -17.57
OD1 NFK S . 15.07 -11.70 -16.50
CD2 NFK S . 13.57 -13.09 -17.60
CAJ NFK S . 13.56 -14.40 -18.06
CAH NFK S . 12.39 -15.13 -18.04
CAG NFK S . 11.21 -14.58 -17.55
CAI NFK S . 11.21 -13.29 -17.08
CAO NFK S . 12.38 -12.56 -17.10
NAL NFK S . 12.41 -11.23 -16.62
CAF NFK S . 11.75 -10.34 -17.43
OAB NFK S . 11.66 -9.16 -17.23
N TRP T . -22.32 12.45 -25.32
CA TRP T . -22.13 13.24 -26.54
C TRP T . -21.27 12.55 -27.60
O TRP T . -21.07 13.10 -28.69
CB TRP T . -21.52 14.62 -26.21
CG TRP T . -20.09 14.63 -25.75
CD1 TRP T . -18.98 14.37 -26.52
CD2 TRP T . -19.60 14.96 -24.45
NE1 TRP T . -17.85 14.50 -25.76
CE2 TRP T . -18.19 14.87 -24.50
CE3 TRP T . -20.22 15.32 -23.26
CZ2 TRP T . -17.38 15.13 -23.37
CZ3 TRP T . -19.41 15.59 -22.14
CH2 TRP T . -18.01 15.49 -22.22
OXT TRP T . -20.77 11.44 -27.41
#